data_5R4K
# 
_entry.id   5R4K 
# 
_audit_conform.dict_name       mmcif_pdbx.dic 
_audit_conform.dict_version    5.387 
_audit_conform.dict_location   http://mmcif.pdb.org/dictionaries/ascii/mmcif_pdbx.dic 
# 
loop_
_database_2.database_id 
_database_2.database_code 
_database_2.pdbx_database_accession 
_database_2.pdbx_DOI 
PDB   5R4K         pdb_00005r4k 10.2210/pdb5r4k/pdb 
WWPDB D_1001402761 ?            ?                   
# 
loop_
_pdbx_audit_revision_history.ordinal 
_pdbx_audit_revision_history.data_content_type 
_pdbx_audit_revision_history.major_revision 
_pdbx_audit_revision_history.minor_revision 
_pdbx_audit_revision_history.revision_date 
1 'Structure model' 1 0 2020-04-01 
2 'Structure model' 1 1 2024-03-06 
# 
_pdbx_audit_revision_details.ordinal             1 
_pdbx_audit_revision_details.revision_ordinal    1 
_pdbx_audit_revision_details.data_content_type   'Structure model' 
_pdbx_audit_revision_details.provider            repository 
_pdbx_audit_revision_details.type                'Initial release' 
_pdbx_audit_revision_details.description         ? 
_pdbx_audit_revision_details.details             ? 
# 
loop_
_pdbx_audit_revision_group.ordinal 
_pdbx_audit_revision_group.revision_ordinal 
_pdbx_audit_revision_group.data_content_type 
_pdbx_audit_revision_group.group 
1 2 'Structure model' 'Data collection'     
2 2 'Structure model' 'Database references' 
# 
loop_
_pdbx_audit_revision_category.ordinal 
_pdbx_audit_revision_category.revision_ordinal 
_pdbx_audit_revision_category.data_content_type 
_pdbx_audit_revision_category.category 
1 2 'Structure model' chem_comp_atom 
2 2 'Structure model' chem_comp_bond 
3 2 'Structure model' database_2     
# 
loop_
_pdbx_audit_revision_item.ordinal 
_pdbx_audit_revision_item.revision_ordinal 
_pdbx_audit_revision_item.data_content_type 
_pdbx_audit_revision_item.item 
1 2 'Structure model' '_database_2.pdbx_DOI'                
2 2 'Structure model' '_database_2.pdbx_database_accession' 
# 
_pdbx_database_status.entry_id                        5R4K 
_pdbx_database_status.status_code                     REL 
_pdbx_database_status.status_code_sf                  REL 
_pdbx_database_status.status_code_mr                  ? 
_pdbx_database_status.status_code_cs                  ? 
_pdbx_database_status.recvd_initial_deposition_date   2020-02-24 
_pdbx_database_status.deposit_site                    RCSB 
_pdbx_database_status.process_site                    RCSB 
_pdbx_database_status.SG_entry                        ? 
_pdbx_database_status.pdb_format_compatible           Y 
_pdbx_database_status.methods_development_category    ? 
_pdbx_database_status.status_code_nmr_data            ? 
# 
loop_
_audit_author.name 
_audit_author.pdbx_ordinal 
_audit_author.identifier_ORCID 
'Talon, R.'        1  ? 
'Krojer, T.'       2  ? 
'Fairhead, M.'     3  ? 
'Sethi, R.'        4  ? 
'Bradley, A.R.'    5  ? 
'Aimon, A.'        6  ? 
'Collins, P.'      7  ? 
'Brandao-Neto, J.' 8  ? 
'Douangamath, A.'  9  ? 
'Wright, N.'       10 ? 
'MacLean, E.'      11 ? 
'Renjie, Z.'       12 ? 
'Dias, A.'         13 ? 
'Brennan, P.E.'    14 ? 
'Bountra, C.'      15 ? 
'Arrowsmith, C.H.' 16 ? 
'Edwards, A.'      17 ? 
'von Delft, F.'    18 ? 
# 
_citation.id                        primary 
_citation.title                     'PanDDA analysis group deposition' 
_citation.journal_abbrev            'To Be Published' 
_citation.journal_volume            ? 
_citation.page_first                ? 
_citation.page_last                 ? 
_citation.year                      ? 
_citation.journal_id_ASTM           ? 
_citation.country                   ? 
_citation.journal_id_ISSN           ? 
_citation.journal_id_CSD            0353 
_citation.book_publisher            ? 
_citation.pdbx_database_id_PubMed   ? 
_citation.pdbx_database_id_DOI      ? 
# 
loop_
_citation_author.citation_id 
_citation_author.name 
_citation_author.identifier_ORCID 
_citation_author.ordinal 
primary 'Talon, R.'        ? 1  
primary 'Krojer, T.'       ? 2  
primary 'Fairhead, M.'     ? 3  
primary 'Sethi, R.'        ? 4  
primary 'Bradley, A.R.'    ? 5  
primary 'Aimon, A.'        ? 6  
primary 'Collins, P.'      ? 7  
primary 'Brandao-Neto, J.' ? 8  
primary 'Douangamath, A.'  ? 9  
primary 'Wright, N.'       ? 10 
primary 'MacLean, E.'      ? 11 
primary 'Renjie, Z.'       ? 12 
primary 'Dias, A.'         ? 13 
primary 'Brennan, P.E.'    ? 14 
primary 'Bountra, C.'      ? 15 
primary 'Arrowsmith, C.H.' ? 16 
primary 'Edwards, A.'      ? 17 
primary 'von Delft, F.'    ? 18 
# 
loop_
_entity.id 
_entity.type 
_entity.src_method 
_entity.pdbx_description 
_entity.formula_weight 
_entity.pdbx_number_of_molecules 
_entity.pdbx_ec 
_entity.pdbx_mutation 
_entity.pdbx_fragment 
_entity.details 
1 polymer     man 'Nucleosome-remodeling factor subunit BPTF'              14455.415 1   ? ? ? ? 
2 non-polymer syn 'DIMETHYL SULFOXIDE'                                     78.133    1   ? ? ? ? 
3 non-polymer syn 2-AMINO-2-HYDROXYMETHYL-PROPANE-1,3-DIOL                 122.143   1   ? ? ? ? 
4 non-polymer syn 'methyl 1-(tert-butylcarbamoyl)piperidine-4-carboxylate' 242.315   1   ? ? ? ? 
5 water       nat water                                                    18.015    154 ? ? ? ? 
# 
_entity_name_com.entity_id   1 
_entity_name_com.name        
'Bromodomain and PHD finger-containing transcription factor,Fetal Alz-50 clone 1 protein,Fetal Alzheimer antigen' 
# 
_entity_poly.entity_id                      1 
_entity_poly.type                           'polypeptide(L)' 
_entity_poly.nstd_linkage                   no 
_entity_poly.nstd_monomer                   no 
_entity_poly.pdbx_seq_one_letter_code       
;SMSTEDAMTVLTPLTEKDYEGLKRVLRSLQAHKMAWPFLEPVDPNDAPDYYGVIKEPMDLATMEERVQRRYYEKLTEFVA
DMTKIFDNCRYYNPSDSPFYQCAEVLESFFVQKLKGFKASRSH
;
_entity_poly.pdbx_seq_one_letter_code_can   
;SMSTEDAMTVLTPLTEKDYEGLKRVLRSLQAHKMAWPFLEPVDPNDAPDYYGVIKEPMDLATMEERVQRRYYEKLTEFVA
DMTKIFDNCRYYNPSDSPFYQCAEVLESFFVQKLKGFKASRSH
;
_entity_poly.pdbx_strand_id                 A 
_entity_poly.pdbx_target_identifier         ? 
# 
loop_
_pdbx_entity_nonpoly.entity_id 
_pdbx_entity_nonpoly.name 
_pdbx_entity_nonpoly.comp_id 
2 'DIMETHYL SULFOXIDE'                                     DMS 
3 2-AMINO-2-HYDROXYMETHYL-PROPANE-1,3-DIOL                 TRS 
4 'methyl 1-(tert-butylcarbamoyl)piperidine-4-carboxylate' K0V 
5 water                                                    HOH 
# 
loop_
_entity_poly_seq.entity_id 
_entity_poly_seq.num 
_entity_poly_seq.mon_id 
_entity_poly_seq.hetero 
1 1   SER n 
1 2   MET n 
1 3   SER n 
1 4   THR n 
1 5   GLU n 
1 6   ASP n 
1 7   ALA n 
1 8   MET n 
1 9   THR n 
1 10  VAL n 
1 11  LEU n 
1 12  THR n 
1 13  PRO n 
1 14  LEU n 
1 15  THR n 
1 16  GLU n 
1 17  LYS n 
1 18  ASP n 
1 19  TYR n 
1 20  GLU n 
1 21  GLY n 
1 22  LEU n 
1 23  LYS n 
1 24  ARG n 
1 25  VAL n 
1 26  LEU n 
1 27  ARG n 
1 28  SER n 
1 29  LEU n 
1 30  GLN n 
1 31  ALA n 
1 32  HIS n 
1 33  LYS n 
1 34  MET n 
1 35  ALA n 
1 36  TRP n 
1 37  PRO n 
1 38  PHE n 
1 39  LEU n 
1 40  GLU n 
1 41  PRO n 
1 42  VAL n 
1 43  ASP n 
1 44  PRO n 
1 45  ASN n 
1 46  ASP n 
1 47  ALA n 
1 48  PRO n 
1 49  ASP n 
1 50  TYR n 
1 51  TYR n 
1 52  GLY n 
1 53  VAL n 
1 54  ILE n 
1 55  LYS n 
1 56  GLU n 
1 57  PRO n 
1 58  MET n 
1 59  ASP n 
1 60  LEU n 
1 61  ALA n 
1 62  THR n 
1 63  MET n 
1 64  GLU n 
1 65  GLU n 
1 66  ARG n 
1 67  VAL n 
1 68  GLN n 
1 69  ARG n 
1 70  ARG n 
1 71  TYR n 
1 72  TYR n 
1 73  GLU n 
1 74  LYS n 
1 75  LEU n 
1 76  THR n 
1 77  GLU n 
1 78  PHE n 
1 79  VAL n 
1 80  ALA n 
1 81  ASP n 
1 82  MET n 
1 83  THR n 
1 84  LYS n 
1 85  ILE n 
1 86  PHE n 
1 87  ASP n 
1 88  ASN n 
1 89  CYS n 
1 90  ARG n 
1 91  TYR n 
1 92  TYR n 
1 93  ASN n 
1 94  PRO n 
1 95  SER n 
1 96  ASP n 
1 97  SER n 
1 98  PRO n 
1 99  PHE n 
1 100 TYR n 
1 101 GLN n 
1 102 CYS n 
1 103 ALA n 
1 104 GLU n 
1 105 VAL n 
1 106 LEU n 
1 107 GLU n 
1 108 SER n 
1 109 PHE n 
1 110 PHE n 
1 111 VAL n 
1 112 GLN n 
1 113 LYS n 
1 114 LEU n 
1 115 LYS n 
1 116 GLY n 
1 117 PHE n 
1 118 LYS n 
1 119 ALA n 
1 120 SER n 
1 121 ARG n 
1 122 SER n 
1 123 HIS n 
# 
_entity_src_gen.entity_id                          1 
_entity_src_gen.pdbx_src_id                        1 
_entity_src_gen.pdbx_alt_source_flag               sample 
_entity_src_gen.pdbx_seq_type                      'Biological sequence' 
_entity_src_gen.pdbx_beg_seq_num                   1 
_entity_src_gen.pdbx_end_seq_num                   123 
_entity_src_gen.gene_src_common_name               Human 
_entity_src_gen.gene_src_genus                     ? 
_entity_src_gen.pdbx_gene_src_gene                 'BPTF, FAC1, FALZ' 
_entity_src_gen.gene_src_species                   ? 
_entity_src_gen.gene_src_strain                    ? 
_entity_src_gen.gene_src_tissue                    ? 
_entity_src_gen.gene_src_tissue_fraction           ? 
_entity_src_gen.gene_src_details                   ? 
_entity_src_gen.pdbx_gene_src_fragment             ? 
_entity_src_gen.pdbx_gene_src_scientific_name      'Homo sapiens' 
_entity_src_gen.pdbx_gene_src_ncbi_taxonomy_id     9606 
_entity_src_gen.pdbx_gene_src_variant              ? 
_entity_src_gen.pdbx_gene_src_cell_line            ? 
_entity_src_gen.pdbx_gene_src_atcc                 ? 
_entity_src_gen.pdbx_gene_src_organ                ? 
_entity_src_gen.pdbx_gene_src_organelle            ? 
_entity_src_gen.pdbx_gene_src_cell                 ? 
_entity_src_gen.pdbx_gene_src_cellular_location    ? 
_entity_src_gen.host_org_common_name               ? 
_entity_src_gen.pdbx_host_org_scientific_name      'Escherichia coli' 
_entity_src_gen.pdbx_host_org_ncbi_taxonomy_id     562 
_entity_src_gen.host_org_genus                     ? 
_entity_src_gen.pdbx_host_org_gene                 ? 
_entity_src_gen.pdbx_host_org_organ                ? 
_entity_src_gen.host_org_species                   ? 
_entity_src_gen.pdbx_host_org_tissue               ? 
_entity_src_gen.pdbx_host_org_tissue_fraction      ? 
_entity_src_gen.pdbx_host_org_strain               ? 
_entity_src_gen.pdbx_host_org_variant              ? 
_entity_src_gen.pdbx_host_org_cell_line            ? 
_entity_src_gen.pdbx_host_org_atcc                 ? 
_entity_src_gen.pdbx_host_org_culture_collection   ? 
_entity_src_gen.pdbx_host_org_cell                 ? 
_entity_src_gen.pdbx_host_org_organelle            ? 
_entity_src_gen.pdbx_host_org_cellular_location    ? 
_entity_src_gen.pdbx_host_org_vector_type          ? 
_entity_src_gen.pdbx_host_org_vector               ? 
_entity_src_gen.host_org_details                   ? 
_entity_src_gen.expression_system_id               ? 
_entity_src_gen.plasmid_name                       ? 
_entity_src_gen.plasmid_details                    ? 
_entity_src_gen.pdbx_description                   ? 
# 
loop_
_chem_comp.id 
_chem_comp.type 
_chem_comp.mon_nstd_flag 
_chem_comp.name 
_chem_comp.pdbx_synonyms 
_chem_comp.formula 
_chem_comp.formula_weight 
ALA 'L-peptide linking' y ALANINE                                                  ?             'C3 H7 N O2'     89.093  
ARG 'L-peptide linking' y ARGININE                                                 ?             'C6 H15 N4 O2 1' 175.209 
ASN 'L-peptide linking' y ASPARAGINE                                               ?             'C4 H8 N2 O3'    132.118 
ASP 'L-peptide linking' y 'ASPARTIC ACID'                                          ?             'C4 H7 N O4'     133.103 
CYS 'L-peptide linking' y CYSTEINE                                                 ?             'C3 H7 N O2 S'   121.158 
DMS non-polymer         . 'DIMETHYL SULFOXIDE'                                     ?             'C2 H6 O S'      78.133  
GLN 'L-peptide linking' y GLUTAMINE                                                ?             'C5 H10 N2 O3'   146.144 
GLU 'L-peptide linking' y 'GLUTAMIC ACID'                                          ?             'C5 H9 N O4'     147.129 
GLY 'peptide linking'   y GLYCINE                                                  ?             'C2 H5 N O2'     75.067  
HIS 'L-peptide linking' y HISTIDINE                                                ?             'C6 H10 N3 O2 1' 156.162 
HOH non-polymer         . WATER                                                    ?             'H2 O'           18.015  
ILE 'L-peptide linking' y ISOLEUCINE                                               ?             'C6 H13 N O2'    131.173 
K0V non-polymer         . 'methyl 1-(tert-butylcarbamoyl)piperidine-4-carboxylate' ?             'C12 H22 N2 O3'  242.315 
LEU 'L-peptide linking' y LEUCINE                                                  ?             'C6 H13 N O2'    131.173 
LYS 'L-peptide linking' y LYSINE                                                   ?             'C6 H15 N2 O2 1' 147.195 
MET 'L-peptide linking' y METHIONINE                                               ?             'C5 H11 N O2 S'  149.211 
PHE 'L-peptide linking' y PHENYLALANINE                                            ?             'C9 H11 N O2'    165.189 
PRO 'L-peptide linking' y PROLINE                                                  ?             'C5 H9 N O2'     115.130 
SER 'L-peptide linking' y SERINE                                                   ?             'C3 H7 N O3'     105.093 
THR 'L-peptide linking' y THREONINE                                                ?             'C4 H9 N O3'     119.119 
TRP 'L-peptide linking' y TRYPTOPHAN                                               ?             'C11 H12 N2 O2'  204.225 
TRS non-polymer         . 2-AMINO-2-HYDROXYMETHYL-PROPANE-1,3-DIOL                 'TRIS BUFFER' 'C4 H12 N O3 1'  122.143 
TYR 'L-peptide linking' y TYROSINE                                                 ?             'C9 H11 N O3'    181.189 
VAL 'L-peptide linking' y VALINE                                                   ?             'C5 H11 N O2'    117.146 
# 
loop_
_pdbx_poly_seq_scheme.asym_id 
_pdbx_poly_seq_scheme.entity_id 
_pdbx_poly_seq_scheme.seq_id 
_pdbx_poly_seq_scheme.mon_id 
_pdbx_poly_seq_scheme.ndb_seq_num 
_pdbx_poly_seq_scheme.pdb_seq_num 
_pdbx_poly_seq_scheme.auth_seq_num 
_pdbx_poly_seq_scheme.pdb_mon_id 
_pdbx_poly_seq_scheme.auth_mon_id 
_pdbx_poly_seq_scheme.pdb_strand_id 
_pdbx_poly_seq_scheme.pdb_ins_code 
_pdbx_poly_seq_scheme.hetero 
A 1 1   SER 1   2789 ?    ?   ?   A . n 
A 1 2   MET 2   2790 ?    ?   ?   A . n 
A 1 3   SER 3   2791 ?    ?   ?   A . n 
A 1 4   THR 4   2792 ?    ?   ?   A . n 
A 1 5   GLU 5   2793 2793 GLU GLU A . n 
A 1 6   ASP 6   2794 2794 ASP ASP A . n 
A 1 7   ALA 7   2795 2795 ALA ALA A . n 
A 1 8   MET 8   2796 2796 MET MET A . n 
A 1 9   THR 9   2797 2797 THR THR A . n 
A 1 10  VAL 10  2798 2798 VAL VAL A . n 
A 1 11  LEU 11  2799 2799 LEU LEU A . n 
A 1 12  THR 12  2800 2800 THR THR A . n 
A 1 13  PRO 13  2801 2801 PRO PRO A . n 
A 1 14  LEU 14  2802 2802 LEU LEU A . n 
A 1 15  THR 15  2803 2803 THR THR A . n 
A 1 16  GLU 16  2804 2804 GLU GLU A . n 
A 1 17  LYS 17  2805 2805 LYS LYS A . n 
A 1 18  ASP 18  2806 2806 ASP ASP A . n 
A 1 19  TYR 19  2807 2807 TYR TYR A . n 
A 1 20  GLU 20  2808 2808 GLU GLU A . n 
A 1 21  GLY 21  2809 2809 GLY GLY A . n 
A 1 22  LEU 22  2810 2810 LEU LEU A . n 
A 1 23  LYS 23  2811 2811 LYS LYS A . n 
A 1 24  ARG 24  2812 2812 ARG ARG A . n 
A 1 25  VAL 25  2813 2813 VAL VAL A . n 
A 1 26  LEU 26  2814 2814 LEU LEU A . n 
A 1 27  ARG 27  2815 2815 ARG ARG A . n 
A 1 28  SER 28  2816 2816 SER SER A . n 
A 1 29  LEU 29  2817 2817 LEU LEU A . n 
A 1 30  GLN 30  2818 2818 GLN GLN A . n 
A 1 31  ALA 31  2819 2819 ALA ALA A . n 
A 1 32  HIS 32  2820 2820 HIS HIS A . n 
A 1 33  LYS 33  2821 2821 LYS LYS A . n 
A 1 34  MET 34  2822 2822 MET MET A . n 
A 1 35  ALA 35  2823 2823 ALA ALA A . n 
A 1 36  TRP 36  2824 2824 TRP TRP A . n 
A 1 37  PRO 37  2825 2825 PRO PRO A . n 
A 1 38  PHE 38  2826 2826 PHE PHE A . n 
A 1 39  LEU 39  2827 2827 LEU LEU A . n 
A 1 40  GLU 40  2828 2828 GLU GLU A . n 
A 1 41  PRO 41  2829 2829 PRO PRO A . n 
A 1 42  VAL 42  2830 2830 VAL VAL A . n 
A 1 43  ASP 43  2831 2831 ASP ASP A . n 
A 1 44  PRO 44  2832 2832 PRO PRO A . n 
A 1 45  ASN 45  2833 2833 ASN ASN A . n 
A 1 46  ASP 46  2834 2834 ASP ASP A . n 
A 1 47  ALA 47  2835 2835 ALA ALA A . n 
A 1 48  PRO 48  2836 2836 PRO PRO A . n 
A 1 49  ASP 49  2837 2837 ASP ASP A . n 
A 1 50  TYR 50  2838 2838 TYR TYR A . n 
A 1 51  TYR 51  2839 2839 TYR TYR A . n 
A 1 52  GLY 52  2840 2840 GLY GLY A . n 
A 1 53  VAL 53  2841 2841 VAL VAL A . n 
A 1 54  ILE 54  2842 2842 ILE ILE A . n 
A 1 55  LYS 55  2843 2843 LYS LYS A . n 
A 1 56  GLU 56  2844 2844 GLU GLU A . n 
A 1 57  PRO 57  2845 2845 PRO PRO A . n 
A 1 58  MET 58  2846 2846 MET MET A . n 
A 1 59  ASP 59  2847 2847 ASP ASP A . n 
A 1 60  LEU 60  2848 2848 LEU LEU A . n 
A 1 61  ALA 61  2849 2849 ALA ALA A . n 
A 1 62  THR 62  2850 2850 THR THR A . n 
A 1 63  MET 63  2851 2851 MET MET A . n 
A 1 64  GLU 64  2852 2852 GLU GLU A . n 
A 1 65  GLU 65  2853 2853 GLU GLU A . n 
A 1 66  ARG 66  2854 2854 ARG ARG A . n 
A 1 67  VAL 67  2855 2855 VAL VAL A . n 
A 1 68  GLN 68  2856 2856 GLN GLN A . n 
A 1 69  ARG 69  2857 2857 ARG ARG A . n 
A 1 70  ARG 70  2858 2858 ARG ARG A . n 
A 1 71  TYR 71  2859 2859 TYR TYR A . n 
A 1 72  TYR 72  2860 2860 TYR TYR A . n 
A 1 73  GLU 73  2861 2861 GLU GLU A . n 
A 1 74  LYS 74  2862 2862 LYS LYS A . n 
A 1 75  LEU 75  2863 2863 LEU LEU A . n 
A 1 76  THR 76  2864 2864 THR THR A . n 
A 1 77  GLU 77  2865 2865 GLU GLU A . n 
A 1 78  PHE 78  2866 2866 PHE PHE A . n 
A 1 79  VAL 79  2867 2867 VAL VAL A . n 
A 1 80  ALA 80  2868 2868 ALA ALA A . n 
A 1 81  ASP 81  2869 2869 ASP ASP A . n 
A 1 82  MET 82  2870 2870 MET MET A . n 
A 1 83  THR 83  2871 2871 THR THR A . n 
A 1 84  LYS 84  2872 2872 LYS LYS A . n 
A 1 85  ILE 85  2873 2873 ILE ILE A . n 
A 1 86  PHE 86  2874 2874 PHE PHE A . n 
A 1 87  ASP 87  2875 2875 ASP ASP A . n 
A 1 88  ASN 88  2876 2876 ASN ASN A . n 
A 1 89  CYS 89  2877 2877 CYS CYS A . n 
A 1 90  ARG 90  2878 2878 ARG ARG A . n 
A 1 91  TYR 91  2879 2879 TYR TYR A . n 
A 1 92  TYR 92  2880 2880 TYR TYR A . n 
A 1 93  ASN 93  2881 2881 ASN ASN A . n 
A 1 94  PRO 94  2882 2882 PRO PRO A . n 
A 1 95  SER 95  2883 2883 SER SER A . n 
A 1 96  ASP 96  2884 2884 ASP ASP A . n 
A 1 97  SER 97  2885 2885 SER SER A . n 
A 1 98  PRO 98  2886 2886 PRO PRO A . n 
A 1 99  PHE 99  2887 2887 PHE PHE A . n 
A 1 100 TYR 100 2888 2888 TYR TYR A . n 
A 1 101 GLN 101 2889 2889 GLN GLN A . n 
A 1 102 CYS 102 2890 2890 CYS CYS A . n 
A 1 103 ALA 103 2891 2891 ALA ALA A . n 
A 1 104 GLU 104 2892 2892 GLU GLU A . n 
A 1 105 VAL 105 2893 2893 VAL VAL A . n 
A 1 106 LEU 106 2894 2894 LEU LEU A . n 
A 1 107 GLU 107 2895 2895 GLU GLU A . n 
A 1 108 SER 108 2896 2896 SER SER A . n 
A 1 109 PHE 109 2897 2897 PHE PHE A . n 
A 1 110 PHE 110 2898 2898 PHE PHE A . n 
A 1 111 VAL 111 2899 2899 VAL VAL A . n 
A 1 112 GLN 112 2900 2900 GLN GLN A . n 
A 1 113 LYS 113 2901 2901 LYS LYS A . n 
A 1 114 LEU 114 2902 2902 LEU LEU A . n 
A 1 115 LYS 115 2903 2903 LYS LYS A . n 
A 1 116 GLY 116 2904 2904 GLY GLY A . n 
A 1 117 PHE 117 2905 2905 PHE PHE A . n 
A 1 118 LYS 118 2906 2906 LYS LYS A . n 
A 1 119 ALA 119 2907 2907 ALA ALA A . n 
A 1 120 SER 120 2908 2908 SER SER A . n 
A 1 121 ARG 121 2909 2909 ARG ARG A . n 
A 1 122 SER 122 2910 2910 SER SER A . n 
A 1 123 HIS 123 2911 2911 HIS HIS A . n 
# 
loop_
_pdbx_nonpoly_scheme.asym_id 
_pdbx_nonpoly_scheme.entity_id 
_pdbx_nonpoly_scheme.mon_id 
_pdbx_nonpoly_scheme.ndb_seq_num 
_pdbx_nonpoly_scheme.pdb_seq_num 
_pdbx_nonpoly_scheme.auth_seq_num 
_pdbx_nonpoly_scheme.pdb_mon_id 
_pdbx_nonpoly_scheme.auth_mon_id 
_pdbx_nonpoly_scheme.pdb_strand_id 
_pdbx_nonpoly_scheme.pdb_ins_code 
B 2 DMS 1   3001 2   DMS DMS A . 
C 3 TRS 1   3002 1   TRS TRS A . 
D 4 K0V 1   3003 1   K0V LIG A . 
E 5 HOH 1   3101 40  HOH HOH A . 
E 5 HOH 2   3102 128 HOH HOH A . 
E 5 HOH 3   3103 147 HOH HOH A . 
E 5 HOH 4   3104 101 HOH HOH A . 
E 5 HOH 5   3105 34  HOH HOH A . 
E 5 HOH 6   3106 37  HOH HOH A . 
E 5 HOH 7   3107 21  HOH HOH A . 
E 5 HOH 8   3108 23  HOH HOH A . 
E 5 HOH 9   3109 44  HOH HOH A . 
E 5 HOH 10  3110 33  HOH HOH A . 
E 5 HOH 11  3111 153 HOH HOH A . 
E 5 HOH 12  3112 1   HOH HOH A . 
E 5 HOH 13  3113 103 HOH HOH A . 
E 5 HOH 14  3114 91  HOH HOH A . 
E 5 HOH 15  3115 68  HOH HOH A . 
E 5 HOH 16  3116 61  HOH HOH A . 
E 5 HOH 17  3117 98  HOH HOH A . 
E 5 HOH 18  3118 52  HOH HOH A . 
E 5 HOH 19  3119 117 HOH HOH A . 
E 5 HOH 20  3120 25  HOH HOH A . 
E 5 HOH 21  3121 166 HOH HOH A . 
E 5 HOH 22  3122 18  HOH HOH A . 
E 5 HOH 23  3123 118 HOH HOH A . 
E 5 HOH 24  3124 83  HOH HOH A . 
E 5 HOH 25  3125 53  HOH HOH A . 
E 5 HOH 26  3126 145 HOH HOH A . 
E 5 HOH 27  3127 19  HOH HOH A . 
E 5 HOH 28  3128 66  HOH HOH A . 
E 5 HOH 29  3129 124 HOH HOH A . 
E 5 HOH 30  3130 8   HOH HOH A . 
E 5 HOH 31  3131 54  HOH HOH A . 
E 5 HOH 32  3132 92  HOH HOH A . 
E 5 HOH 33  3133 20  HOH HOH A . 
E 5 HOH 34  3134 162 HOH HOH A . 
E 5 HOH 35  3135 96  HOH HOH A . 
E 5 HOH 36  3136 163 HOH HOH A . 
E 5 HOH 37  3137 77  HOH HOH A . 
E 5 HOH 38  3138 126 HOH HOH A . 
E 5 HOH 39  3139 80  HOH HOH A . 
E 5 HOH 40  3140 69  HOH HOH A . 
E 5 HOH 41  3141 12  HOH HOH A . 
E 5 HOH 42  3142 122 HOH HOH A . 
E 5 HOH 43  3143 72  HOH HOH A . 
E 5 HOH 44  3144 115 HOH HOH A . 
E 5 HOH 45  3145 131 HOH HOH A . 
E 5 HOH 46  3146 141 HOH HOH A . 
E 5 HOH 47  3147 78  HOH HOH A . 
E 5 HOH 48  3148 4   HOH HOH A . 
E 5 HOH 49  3149 104 HOH HOH A . 
E 5 HOH 50  3150 39  HOH HOH A . 
E 5 HOH 51  3151 11  HOH HOH A . 
E 5 HOH 52  3152 46  HOH HOH A . 
E 5 HOH 53  3153 65  HOH HOH A . 
E 5 HOH 54  3154 26  HOH HOH A . 
E 5 HOH 55  3155 135 HOH HOH A . 
E 5 HOH 56  3156 36  HOH HOH A . 
E 5 HOH 57  3157 146 HOH HOH A . 
E 5 HOH 58  3158 95  HOH HOH A . 
E 5 HOH 59  3159 59  HOH HOH A . 
E 5 HOH 60  3160 50  HOH HOH A . 
E 5 HOH 61  3161 64  HOH HOH A . 
E 5 HOH 62  3162 94  HOH HOH A . 
E 5 HOH 63  3163 38  HOH HOH A . 
E 5 HOH 64  3164 17  HOH HOH A . 
E 5 HOH 65  3165 45  HOH HOH A . 
E 5 HOH 66  3166 116 HOH HOH A . 
E 5 HOH 67  3167 16  HOH HOH A . 
E 5 HOH 68  3168 24  HOH HOH A . 
E 5 HOH 69  3169 113 HOH HOH A . 
E 5 HOH 70  3170 150 HOH HOH A . 
E 5 HOH 71  3171 102 HOH HOH A . 
E 5 HOH 72  3172 82  HOH HOH A . 
E 5 HOH 73  3173 22  HOH HOH A . 
E 5 HOH 74  3174 111 HOH HOH A . 
E 5 HOH 75  3175 42  HOH HOH A . 
E 5 HOH 76  3176 133 HOH HOH A . 
E 5 HOH 77  3177 79  HOH HOH A . 
E 5 HOH 78  3178 81  HOH HOH A . 
E 5 HOH 79  3179 62  HOH HOH A . 
E 5 HOH 80  3180 106 HOH HOH A . 
E 5 HOH 81  3181 3   HOH HOH A . 
E 5 HOH 82  3182 170 HOH HOH A . 
E 5 HOH 83  3183 27  HOH HOH A . 
E 5 HOH 84  3184 13  HOH HOH A . 
E 5 HOH 85  3185 156 HOH HOH A . 
E 5 HOH 86  3186 47  HOH HOH A . 
E 5 HOH 87  3187 29  HOH HOH A . 
E 5 HOH 88  3188 48  HOH HOH A . 
E 5 HOH 89  3189 9   HOH HOH A . 
E 5 HOH 90  3190 63  HOH HOH A . 
E 5 HOH 91  3191 120 HOH HOH A . 
E 5 HOH 92  3192 31  HOH HOH A . 
E 5 HOH 93  3193 32  HOH HOH A . 
E 5 HOH 94  3194 6   HOH HOH A . 
E 5 HOH 95  3195 86  HOH HOH A . 
E 5 HOH 96  3196 5   HOH HOH A . 
E 5 HOH 97  3197 71  HOH HOH A . 
E 5 HOH 98  3198 51  HOH HOH A . 
E 5 HOH 99  3199 149 HOH HOH A . 
E 5 HOH 100 3200 15  HOH HOH A . 
E 5 HOH 101 3201 125 HOH HOH A . 
E 5 HOH 102 3202 14  HOH HOH A . 
E 5 HOH 103 3203 148 HOH HOH A . 
E 5 HOH 104 3204 142 HOH HOH A . 
E 5 HOH 105 3205 171 HOH HOH A . 
E 5 HOH 106 3206 73  HOH HOH A . 
E 5 HOH 107 3207 2   HOH HOH A . 
E 5 HOH 108 3208 89  HOH HOH A . 
E 5 HOH 109 3209 43  HOH HOH A . 
E 5 HOH 110 3210 155 HOH HOH A . 
E 5 HOH 111 3211 112 HOH HOH A . 
E 5 HOH 112 3212 67  HOH HOH A . 
E 5 HOH 113 3213 108 HOH HOH A . 
E 5 HOH 114 3214 7   HOH HOH A . 
E 5 HOH 115 3215 109 HOH HOH A . 
E 5 HOH 116 3216 161 HOH HOH A . 
E 5 HOH 117 3217 151 HOH HOH A . 
E 5 HOH 118 3218 35  HOH HOH A . 
E 5 HOH 119 3219 134 HOH HOH A . 
E 5 HOH 120 3220 130 HOH HOH A . 
E 5 HOH 121 3221 160 HOH HOH A . 
E 5 HOH 122 3222 90  HOH HOH A . 
E 5 HOH 123 3223 49  HOH HOH A . 
E 5 HOH 124 3224 87  HOH HOH A . 
E 5 HOH 125 3225 114 HOH HOH A . 
E 5 HOH 126 3226 100 HOH HOH A . 
E 5 HOH 127 3227 30  HOH HOH A . 
E 5 HOH 128 3228 168 HOH HOH A . 
E 5 HOH 129 3229 76  HOH HOH A . 
E 5 HOH 130 3230 157 HOH HOH A . 
E 5 HOH 131 3231 70  HOH HOH A . 
E 5 HOH 132 3232 165 HOH HOH A . 
E 5 HOH 133 3233 60  HOH HOH A . 
E 5 HOH 134 3234 10  HOH HOH A . 
E 5 HOH 135 3235 97  HOH HOH A . 
E 5 HOH 136 3236 57  HOH HOH A . 
E 5 HOH 137 3237 88  HOH HOH A . 
E 5 HOH 138 3238 129 HOH HOH A . 
E 5 HOH 139 3239 138 HOH HOH A . 
E 5 HOH 140 3240 75  HOH HOH A . 
E 5 HOH 141 3241 144 HOH HOH A . 
E 5 HOH 142 3242 136 HOH HOH A . 
E 5 HOH 143 3243 56  HOH HOH A . 
E 5 HOH 144 3244 107 HOH HOH A . 
E 5 HOH 145 3245 152 HOH HOH A . 
E 5 HOH 146 3246 132 HOH HOH A . 
E 5 HOH 147 3247 58  HOH HOH A . 
E 5 HOH 148 3248 167 HOH HOH A . 
E 5 HOH 149 3249 169 HOH HOH A . 
E 5 HOH 150 3250 28  HOH HOH A . 
E 5 HOH 151 3251 85  HOH HOH A . 
E 5 HOH 152 3252 139 HOH HOH A . 
E 5 HOH 153 3253 140 HOH HOH A . 
E 5 HOH 154 3254 84  HOH HOH A . 
# 
loop_
_pdbx_unobs_or_zero_occ_atoms.id 
_pdbx_unobs_or_zero_occ_atoms.PDB_model_num 
_pdbx_unobs_or_zero_occ_atoms.polymer_flag 
_pdbx_unobs_or_zero_occ_atoms.occupancy_flag 
_pdbx_unobs_or_zero_occ_atoms.auth_asym_id 
_pdbx_unobs_or_zero_occ_atoms.auth_comp_id 
_pdbx_unobs_or_zero_occ_atoms.auth_seq_id 
_pdbx_unobs_or_zero_occ_atoms.PDB_ins_code 
_pdbx_unobs_or_zero_occ_atoms.auth_atom_id 
_pdbx_unobs_or_zero_occ_atoms.label_alt_id 
_pdbx_unobs_or_zero_occ_atoms.label_asym_id 
_pdbx_unobs_or_zero_occ_atoms.label_comp_id 
_pdbx_unobs_or_zero_occ_atoms.label_seq_id 
_pdbx_unobs_or_zero_occ_atoms.label_atom_id 
1 1 Y 1 A LYS 2843 ? CD ? A LYS 55 CD 
2 1 Y 1 A LYS 2843 ? CE ? A LYS 55 CE 
3 1 Y 1 A LYS 2843 ? NZ ? A LYS 55 NZ 
# 
loop_
_software.pdbx_ordinal 
_software.name 
_software.version 
_software.date 
_software.type 
_software.contact_author 
_software.contact_author_email 
_software.classification 
_software.location 
_software.language 
_software.citation_id 
1 REFMAC      5.8.0158 ?               program 'Garib N. Murshudov' garib@ysbl.york.ac.uk    refinement        
http://www.ccp4.ac.uk/dist/html/refmac5.html        Fortran_77 ? 
2 Aimless     0.5.31   12/12/16        program 'Phil Evans'         ?                        'data scaling'    
http://www.mrc-lmb.cam.ac.uk/harry/pre/aimless.html ?          ? 
3 PDB_EXTRACT 3.23     'SEP. 23, 2016' package PDB                  deposit@deposit.rcsb.org 'data extraction' 
http://sw-tools.pdb.org/apps/PDB_EXTRACT/           C++        ? 
4 XDS         .        ?               program ?                    ?                        'data reduction'  ? ?          ? 
5 REFMAC      .        ?               program ?                    ?                        phasing           ? ?          ? 
# 
_cell.entry_id           5R4K 
_cell.length_a           111.540 
_cell.length_b           27.371 
_cell.length_c           38.100 
_cell.angle_alpha        90.000 
_cell.angle_beta         95.800 
_cell.angle_gamma        90.000 
_cell.Z_PDB              4 
_cell.pdbx_unique_axis   ? 
# 
_symmetry.entry_id                         5R4K 
_symmetry.Int_Tables_number                5 
_symmetry.space_group_name_H-M             'C 1 2 1' 
_symmetry.pdbx_full_space_group_name_H-M   ? 
_symmetry.cell_setting                     ? 
# 
_exptl.crystals_number   1 
_exptl.entry_id          5R4K 
_exptl.method            'X-RAY DIFFRACTION' 
# 
_exptl_crystal.id                    1 
_exptl_crystal.pdbx_mosaicity        0.100 
_exptl_crystal.pdbx_mosaicity_esd    ? 
_exptl_crystal.density_Matthews      2.00 
_exptl_crystal.density_diffrn        ? 
_exptl_crystal.density_meas          ? 
_exptl_crystal.density_meas_temp     ? 
_exptl_crystal.density_percent_sol   38.54 
_exptl_crystal.size_max              ? 
_exptl_crystal.size_mid              ? 
_exptl_crystal.size_min              ? 
_exptl_crystal.size_rad              ? 
_exptl_crystal.description           ? 
# 
_exptl_crystal_grow.crystal_id      1 
_exptl_crystal_grow.method          'VAPOR DIFFUSION, SITTING DROP' 
_exptl_crystal_grow.pH              8.5 
_exptl_crystal_grow.temp            293 
_exptl_crystal_grow.pdbx_details    '30% PEG4000, 0.1M Tris pH 8.5, 0.2M MgCl2' 
_exptl_crystal_grow.temp_details    ? 
_exptl_crystal_grow.pdbx_pH_range   ? 
# 
_diffrn.id                     1 
_diffrn.ambient_temp           100 
_diffrn.crystal_id             1 
_diffrn.ambient_temp_details   ? 
# 
_diffrn_detector.detector               PIXEL 
_diffrn_detector.type                   'DECTRIS PILATUS 6M' 
_diffrn_detector.pdbx_collection_date   2017-03-09 
_diffrn_detector.diffrn_id              1 
_diffrn_detector.details                ? 
# 
_diffrn_radiation.diffrn_id                        1 
_diffrn_radiation.wavelength_id                    1 
_diffrn_radiation.pdbx_diffrn_protocol             'SINGLE WAVELENGTH' 
_diffrn_radiation.pdbx_monochromatic_or_laue_m_l   ? 
_diffrn_radiation.monochromator                    ? 
_diffrn_radiation.pdbx_scattering_type             x-ray 
# 
_diffrn_radiation_wavelength.id           1 
_diffrn_radiation_wavelength.wavelength   0.92819 
_diffrn_radiation_wavelength.wt           1.0 
# 
_diffrn_source.diffrn_id                   1 
_diffrn_source.source                      SYNCHROTRON 
_diffrn_source.type                        'DIAMOND BEAMLINE I04-1' 
_diffrn_source.pdbx_wavelength_list        0.92819 
_diffrn_source.pdbx_synchrotron_site       Diamond 
_diffrn_source.pdbx_synchrotron_beamline   I04-1 
_diffrn_source.pdbx_wavelength             ? 
# 
_reflns.entry_id                     5R4K 
_reflns.pdbx_diffrn_id               1 
_reflns.pdbx_ordinal                 1 
_reflns.observed_criterion_sigma_I   ? 
_reflns.observed_criterion_sigma_F   ? 
_reflns.d_resolution_low             55.480 
_reflns.d_resolution_high            1.180 
_reflns.number_obs                   36991 
_reflns.number_all                   ? 
_reflns.percent_possible_obs         96.100 
_reflns.pdbx_Rmerge_I_obs            0.031 
_reflns.pdbx_Rsym_value              ? 
_reflns.pdbx_netI_over_sigmaI        14.500 
_reflns.B_iso_Wilson_estimate        ? 
_reflns.pdbx_redundancy              2.700 
_reflns.pdbx_Rrim_I_all              0.037 
_reflns.pdbx_Rpim_I_all              0.021 
_reflns.pdbx_CC_half                 0.999 
_reflns.pdbx_netI_over_av_sigmaI     ? 
_reflns.pdbx_number_measured_all     99915 
_reflns.pdbx_scaling_rejects         0 
_reflns.pdbx_chi_squared             ? 
_reflns.Rmerge_F_all                 ? 
_reflns.Rmerge_F_obs                 ? 
_reflns.observed_criterion_F_max     ? 
_reflns.observed_criterion_F_min     ? 
_reflns.observed_criterion_I_max     ? 
_reflns.observed_criterion_I_min     ? 
_reflns.pdbx_d_res_high_opt          ? 
_reflns.pdbx_d_res_low_opt           ? 
_reflns.details                      ? 
# 
loop_
_reflns_shell.pdbx_diffrn_id 
_reflns_shell.pdbx_ordinal 
_reflns_shell.d_res_high 
_reflns_shell.d_res_low 
_reflns_shell.number_measured_obs 
_reflns_shell.number_measured_all 
_reflns_shell.number_unique_obs 
_reflns_shell.pdbx_rejects 
_reflns_shell.Rmerge_I_obs 
_reflns_shell.meanI_over_sigI_obs 
_reflns_shell.pdbx_Rsym_value 
_reflns_shell.pdbx_chi_squared 
_reflns_shell.pdbx_redundancy 
_reflns_shell.percent_possible_obs 
_reflns_shell.pdbx_netI_over_sigmaI_obs 
_reflns_shell.number_possible 
_reflns_shell.number_unique_all 
_reflns_shell.Rmerge_F_all 
_reflns_shell.Rmerge_F_obs 
_reflns_shell.Rmerge_I_all 
_reflns_shell.meanI_over_sigI_all 
_reflns_shell.percent_possible_all 
_reflns_shell.pdbx_Rrim_I_all 
_reflns_shell.pdbx_Rpim_I_all 
_reflns_shell.pdbx_CC_half 
1 1 1.180 1.240  ? 7664 ? ? 0.246 ? ? ? 1.700 ? 2.100  ? 4615 ? ? ? ? 82.900 0.320 0.202 0.895 
1 2 3.720 55.480 ? 3905 ? ? 0.022 ? ? ? 3.100 ? 40.400 ? 1261 ? ? ? ? 96.300 0.026 0.014 0.999 
# 
_refine.entry_id                                 5R4K 
_refine.pdbx_refine_id                           'X-RAY DIFFRACTION' 
_refine.ls_d_res_high                            1.1700 
_refine.ls_d_res_low                             55.5500 
_refine.pdbx_ls_sigma_F                          0.000 
_refine.pdbx_data_cutoff_high_absF               ? 
_refine.pdbx_data_cutoff_low_absF                ? 
_refine.ls_percent_reflns_obs                    95.9700 
_refine.ls_number_reflns_obs                     35176 
_refine.ls_number_reflns_all                     ? 
_refine.pdbx_ls_cross_valid_method               THROUGHOUT 
_refine.ls_matrix_type                           ? 
_refine.pdbx_R_Free_selection_details            RANDOM 
_refine.details                                  
'HYDROGENS HAVE BEEN ADDED IN THE RIDING POSITIONS U VALUES      : REFINED INDIVIDUALLY' 
_refine.ls_R_factor_all                          ? 
_refine.ls_R_factor_obs                          0.2088 
_refine.ls_R_factor_R_work                       0.2079 
_refine.ls_wR_factor_R_work                      ? 
_refine.ls_R_factor_R_free                       0.2254 
_refine.ls_wR_factor_R_free                      ? 
_refine.ls_percent_reflns_R_free                 4.9000 
_refine.ls_number_reflns_R_free                  1815 
_refine.ls_number_reflns_R_work                  ? 
_refine.ls_R_factor_R_free_error                 ? 
_refine.B_iso_mean                               15.8160 
_refine.solvent_model_param_bsol                 ? 
_refine.solvent_model_param_ksol                 ? 
_refine.pdbx_isotropic_thermal_model             ? 
_refine.aniso_B[1][1]                            0.5700 
_refine.aniso_B[2][2]                            -0.3400 
_refine.aniso_B[3][3]                            -0.1200 
_refine.aniso_B[1][2]                            0.0000 
_refine.aniso_B[1][3]                            -0.5500 
_refine.aniso_B[2][3]                            -0.0000 
_refine.correlation_coeff_Fo_to_Fc               0.9550 
_refine.correlation_coeff_Fo_to_Fc_free          0.9490 
_refine.overall_SU_R_Cruickshank_DPI             ? 
_refine.pdbx_overall_SU_R_free_Cruickshank_DPI   ? 
_refine.pdbx_overall_SU_R_Blow_DPI               ? 
_refine.pdbx_overall_SU_R_free_Blow_DPI          ? 
_refine.overall_SU_R_free                        ? 
_refine.pdbx_overall_ESU_R                       0.0560 
_refine.pdbx_overall_ESU_R_Free                  0.0560 
_refine.overall_SU_ML                            0.0370 
_refine.overall_SU_B                             0.7890 
_refine.solvent_model_details                    MASK 
_refine.pdbx_solvent_vdw_probe_radii             1.2000 
_refine.pdbx_solvent_ion_probe_radii             0.8000 
_refine.pdbx_solvent_shrinkage_radii             0.8000 
_refine.ls_number_parameters                     ? 
_refine.ls_number_restraints                     ? 
_refine.pdbx_starting_model                      3UV2 
_refine.pdbx_method_to_determine_struct          'FOURIER SYNTHESIS' 
_refine.pdbx_stereochemistry_target_values       'MAXIMUM LIKELIHOOD' 
_refine.pdbx_stereochem_target_val_spec_case     ? 
_refine.overall_FOM_work_R_set                   ? 
_refine.B_iso_max                                81.200 
_refine.B_iso_min                                5.020 
_refine.pdbx_overall_phase_error                 ? 
_refine.occupancy_max                            ? 
_refine.occupancy_min                            ? 
_refine.pdbx_diffrn_id                           1 
_refine.pdbx_TLS_residual_ADP_flag               ? 
_refine.pdbx_ls_sigma_I                          ? 
_refine.pdbx_data_cutoff_high_rms_absF           ? 
_refine.ls_R_factor_R_free_error_details         ? 
# 
_refine_hist.cycle_id                         final 
_refine_hist.pdbx_refine_id                   'X-RAY DIFFRACTION' 
_refine_hist.d_res_high                       1.1700 
_refine_hist.d_res_low                        55.5500 
_refine_hist.pdbx_number_atoms_ligand         29 
_refine_hist.number_atoms_solvent             154 
_refine_hist.number_atoms_total               1166 
_refine_hist.pdbx_number_residues_total       119 
_refine_hist.pdbx_B_iso_mean_ligand           34.36 
_refine_hist.pdbx_B_iso_mean_solvent          28.11 
_refine_hist.pdbx_number_atoms_protein        983 
_refine_hist.pdbx_number_atoms_nucleic_acid   0 
# 
loop_
_refine_ls_restr.pdbx_refine_id 
_refine_ls_restr.type 
_refine_ls_restr.number 
_refine_ls_restr.dev_ideal 
_refine_ls_restr.dev_ideal_target 
_refine_ls_restr.weight 
_refine_ls_restr.pdbx_restraint_function 
'X-RAY DIFFRACTION' r_bond_refined_d       1539 0.009  0.019  ? ? 
'X-RAY DIFFRACTION' r_bond_other_d         1226 0.001  0.020  ? ? 
'X-RAY DIFFRACTION' r_angle_refined_deg    1869 1.246  1.983  ? ? 
'X-RAY DIFFRACTION' r_angle_other_deg      2870 0.901  2.950  ? ? 
'X-RAY DIFFRACTION' r_dihedral_angle_1_deg 178  4.623  5.000  ? ? 
'X-RAY DIFFRACTION' r_dihedral_angle_2_deg 71   33.649 23.521 ? ? 
'X-RAY DIFFRACTION' r_dihedral_angle_3_deg 238  13.411 15.000 ? ? 
'X-RAY DIFFRACTION' r_dihedral_angle_4_deg 10   17.003 15.000 ? ? 
'X-RAY DIFFRACTION' r_chiral_restr         185  0.072  0.200  ? ? 
'X-RAY DIFFRACTION' r_gen_planes_refined   1620 0.005  0.021  ? ? 
'X-RAY DIFFRACTION' r_gen_planes_other     286  0.001  0.020  ? ? 
'X-RAY DIFFRACTION' r_mcbond_it            720  0.755  1.444  ? ? 
'X-RAY DIFFRACTION' r_mcbond_other         713  0.757  1.433  ? ? 
'X-RAY DIFFRACTION' r_mcangle_it           838  1.370  2.149  ? ? 
# 
_refine_ls_shell.d_res_high                       1.1750 
_refine_ls_shell.d_res_low                        1.2050 
_refine_ls_shell.pdbx_total_number_of_bins_used   20 
_refine_ls_shell.percent_reflns_obs               71.7000 
_refine_ls_shell.number_reflns_R_work             1880 
_refine_ls_shell.R_factor_all                     ? 
_refine_ls_shell.R_factor_R_work                  0.2760 
_refine_ls_shell.R_factor_R_free                  0.2910 
_refine_ls_shell.percent_reflns_R_free            ? 
_refine_ls_shell.number_reflns_R_free             111 
_refine_ls_shell.R_factor_R_free_error            ? 
_refine_ls_shell.number_reflns_all                1991 
_refine_ls_shell.number_reflns_obs                ? 
_refine_ls_shell.pdbx_refine_id                   'X-RAY DIFFRACTION' 
_refine_ls_shell.R_factor_obs                     ? 
# 
_struct.entry_id                  5R4K 
_struct.title                     
;PanDDA analysis group deposition -- CRYSTAL STRUCTURE OF THE BROMODOMAIN OF HUMAN NUCLEOSOME-REMODELING FACTOR SUBUNIT BPTF in complex with FMOPL000292a
;
_struct.pdbx_model_details        ? 
_struct.pdbx_CASP_flag            ? 
_struct.pdbx_model_type_details   ? 
# 
_struct_keywords.entry_id        5R4K 
_struct_keywords.text            
;PanDDA, SGC - Diamond I04-1 fragment screening, XChemExplorer, BROMODOMAIN, BPTF, FALZ, FAC1, BROMODOMAIN AND PHD FINGER-CONTAINING TRANSCRIPTION FACTOR, FETAL ALZ-50 CLONE 1 PROTEIN, TRANSCRIPTION
;
_struct_keywords.pdbx_keywords   TRANSCRIPTION 
# 
loop_
_struct_asym.id 
_struct_asym.pdbx_blank_PDB_chainid_flag 
_struct_asym.pdbx_modified 
_struct_asym.entity_id 
_struct_asym.details 
A N N 1 ? 
B N N 2 ? 
C N N 3 ? 
D N N 4 ? 
E N N 5 ? 
# 
_struct_ref.id                         1 
_struct_ref.db_name                    UNP 
_struct_ref.db_code                    BPTF_HUMAN 
_struct_ref.pdbx_db_accession          Q12830 
_struct_ref.pdbx_db_isoform            ? 
_struct_ref.entity_id                  1 
_struct_ref.pdbx_seq_one_letter_code   
;STEDAMTVLTPLTEKDYEGLKRVLRSLQAHKMAWPFLEPVDPNDAPDYYGVIKEPMDLATMEERVQRRYYEKLTEFVADM
TKIFDNCRYYNPSDSPFYQCAEVLESFFVQKLKGFKASRSH
;
_struct_ref.pdbx_align_begin           2917 
# 
_struct_ref_seq.align_id                      1 
_struct_ref_seq.ref_id                        1 
_struct_ref_seq.pdbx_PDB_id_code              5R4K 
_struct_ref_seq.pdbx_strand_id                A 
_struct_ref_seq.seq_align_beg                 3 
_struct_ref_seq.pdbx_seq_align_beg_ins_code   ? 
_struct_ref_seq.seq_align_end                 123 
_struct_ref_seq.pdbx_seq_align_end_ins_code   ? 
_struct_ref_seq.pdbx_db_accession             Q12830 
_struct_ref_seq.db_align_beg                  2917 
_struct_ref_seq.pdbx_db_align_beg_ins_code    ? 
_struct_ref_seq.db_align_end                  3037 
_struct_ref_seq.pdbx_db_align_end_ins_code    ? 
_struct_ref_seq.pdbx_auth_seq_align_beg       2791 
_struct_ref_seq.pdbx_auth_seq_align_end       2911 
# 
loop_
_struct_ref_seq_dif.align_id 
_struct_ref_seq_dif.pdbx_pdb_id_code 
_struct_ref_seq_dif.mon_id 
_struct_ref_seq_dif.pdbx_pdb_strand_id 
_struct_ref_seq_dif.seq_num 
_struct_ref_seq_dif.pdbx_pdb_ins_code 
_struct_ref_seq_dif.pdbx_seq_db_name 
_struct_ref_seq_dif.pdbx_seq_db_accession_code 
_struct_ref_seq_dif.db_mon_id 
_struct_ref_seq_dif.pdbx_seq_db_seq_num 
_struct_ref_seq_dif.details 
_struct_ref_seq_dif.pdbx_auth_seq_num 
_struct_ref_seq_dif.pdbx_ordinal 
1 5R4K SER A 1 ? UNP Q12830 ? ? 'expression tag' 2789 1 
1 5R4K MET A 2 ? UNP Q12830 ? ? 'expression tag' 2790 2 
# 
_pdbx_struct_assembly.id                   1 
_pdbx_struct_assembly.details              author_and_software_defined_assembly 
_pdbx_struct_assembly.method_details       PISA 
_pdbx_struct_assembly.oligomeric_details   monomeric 
_pdbx_struct_assembly.oligomeric_count     1 
# 
_pdbx_struct_assembly_gen.assembly_id       1 
_pdbx_struct_assembly_gen.oper_expression   1 
_pdbx_struct_assembly_gen.asym_id_list      A,B,C,D,E 
# 
_pdbx_struct_oper_list.id                   1 
_pdbx_struct_oper_list.type                 'identity operation' 
_pdbx_struct_oper_list.name                 1_555 
_pdbx_struct_oper_list.symmetry_operation   x,y,z 
_pdbx_struct_oper_list.matrix[1][1]         1.0000000000 
_pdbx_struct_oper_list.matrix[1][2]         0.0000000000 
_pdbx_struct_oper_list.matrix[1][3]         0.0000000000 
_pdbx_struct_oper_list.vector[1]            0.0000000000 
_pdbx_struct_oper_list.matrix[2][1]         0.0000000000 
_pdbx_struct_oper_list.matrix[2][2]         1.0000000000 
_pdbx_struct_oper_list.matrix[2][3]         0.0000000000 
_pdbx_struct_oper_list.vector[2]            0.0000000000 
_pdbx_struct_oper_list.matrix[3][1]         0.0000000000 
_pdbx_struct_oper_list.matrix[3][2]         0.0000000000 
_pdbx_struct_oper_list.matrix[3][3]         1.0000000000 
_pdbx_struct_oper_list.vector[3]            0.0000000000 
# 
loop_
_struct_conf.conf_type_id 
_struct_conf.id 
_struct_conf.pdbx_PDB_helix_id 
_struct_conf.beg_label_comp_id 
_struct_conf.beg_label_asym_id 
_struct_conf.beg_label_seq_id 
_struct_conf.pdbx_beg_PDB_ins_code 
_struct_conf.end_label_comp_id 
_struct_conf.end_label_asym_id 
_struct_conf.end_label_seq_id 
_struct_conf.pdbx_end_PDB_ins_code 
_struct_conf.beg_auth_comp_id 
_struct_conf.beg_auth_asym_id 
_struct_conf.beg_auth_seq_id 
_struct_conf.end_auth_comp_id 
_struct_conf.end_auth_asym_id 
_struct_conf.end_auth_seq_id 
_struct_conf.pdbx_PDB_helix_class 
_struct_conf.details 
_struct_conf.pdbx_PDB_helix_length 
HELX_P HELX_P1 AA1 ASP A 6  ? THR A 12  ? ASP A 2794 THR A 2800 1 ? 7  
HELX_P HELX_P2 AA2 THR A 15 ? ALA A 31  ? THR A 2803 ALA A 2819 1 ? 17 
HELX_P HELX_P3 AA3 HIS A 32 ? LEU A 39  ? HIS A 2820 LEU A 2827 5 ? 8  
HELX_P HELX_P4 AA4 ASP A 49 ? ILE A 54  ? ASP A 2837 ILE A 2842 1 ? 6  
HELX_P HELX_P5 AA5 ASP A 59 ? ARG A 69  ? ASP A 2847 ARG A 2857 1 ? 11 
HELX_P HELX_P6 AA6 LYS A 74 ? ASN A 93  ? LYS A 2862 ASN A 2881 1 ? 20 
HELX_P HELX_P7 AA7 SER A 97 ? HIS A 123 ? SER A 2885 HIS A 2911 1 ? 27 
# 
_struct_conf_type.id          HELX_P 
_struct_conf_type.criteria    ? 
_struct_conf_type.reference   ? 
# 
loop_
_struct_site.id 
_struct_site.pdbx_evidence_code 
_struct_site.pdbx_auth_asym_id 
_struct_site.pdbx_auth_comp_id 
_struct_site.pdbx_auth_seq_id 
_struct_site.pdbx_auth_ins_code 
_struct_site.pdbx_num_residues 
_struct_site.details 
AC1 Software A DMS 3001 ? 4  'binding site for residue DMS A 3001' 
AC2 Software A TRS 3002 ? 10 'binding site for residue TRS A 3002' 
AC3 Software A K0V 3003 ? 5  'binding site for residue K0V A 3003' 
# 
loop_
_struct_site_gen.id 
_struct_site_gen.site_id 
_struct_site_gen.pdbx_num_res 
_struct_site_gen.label_comp_id 
_struct_site_gen.label_asym_id 
_struct_site_gen.label_seq_id 
_struct_site_gen.pdbx_auth_ins_code 
_struct_site_gen.auth_comp_id 
_struct_site_gen.auth_asym_id 
_struct_site_gen.auth_seq_id 
_struct_site_gen.label_atom_id 
_struct_site_gen.label_alt_id 
_struct_site_gen.symmetry 
_struct_site_gen.details 
1  AC1 4  GLN A 30  ? GLN A 2818 . ? 1_555 ? 
2  AC1 4  ALA A 31  ? ALA A 2819 . ? 1_555 ? 
3  AC1 4  HIS A 32  ? HIS A 2820 . ? 1_555 ? 
4  AC1 4  TRP A 36  ? TRP A 2824 . ? 1_555 ? 
5  AC2 10 LYS A 23  ? LYS A 2811 . ? 4_455 ? 
6  AC2 10 ARG A 27  ? ARG A 2815 . ? 4_455 ? 
7  AC2 10 SER A 28  ? SER A 2816 . ? 1_555 ? 
8  AC2 10 GLN A 68  ? GLN A 2856 . ? 4_455 ? 
9  AC2 10 PHE A 109 ? PHE A 2897 . ? 1_555 ? 
10 AC2 10 LYS A 113 ? LYS A 2901 . ? 1_555 ? 
11 AC2 10 HOH E .   ? HOH A 3101 . ? 1_555 ? 
12 AC2 10 HOH E .   ? HOH A 3138 . ? 4_455 ? 
13 AC2 10 HOH E .   ? HOH A 3190 . ? 1_555 ? 
14 AC2 10 HOH E .   ? HOH A 3209 . ? 1_555 ? 
15 AC3 5  PRO A 37  ? PRO A 2825 . ? 1_555 ? 
16 AC3 5  ASP A 46  ? ASP A 2834 . ? 1_555 ? 
17 AC3 5  TYR A 92  ? TYR A 2880 . ? 1_555 ? 
18 AC3 5  ASN A 93  ? ASN A 2881 . ? 1_555 ? 
19 AC3 5  HOH E .   ? HOH A 3107 . ? 1_555 ? 
# 
_phasing.method   MR 
# 
_pdbx_entry_details.entry_id                 5R4K 
_pdbx_entry_details.has_ligand_of_interest   Y 
_pdbx_entry_details.compound_details         ? 
_pdbx_entry_details.source_details           ? 
_pdbx_entry_details.nonpolymer_details       ? 
_pdbx_entry_details.sequence_details         ? 
# 
loop_
_pdbx_unobs_or_zero_occ_residues.id 
_pdbx_unobs_or_zero_occ_residues.PDB_model_num 
_pdbx_unobs_or_zero_occ_residues.polymer_flag 
_pdbx_unobs_or_zero_occ_residues.occupancy_flag 
_pdbx_unobs_or_zero_occ_residues.auth_asym_id 
_pdbx_unobs_or_zero_occ_residues.auth_comp_id 
_pdbx_unobs_or_zero_occ_residues.auth_seq_id 
_pdbx_unobs_or_zero_occ_residues.PDB_ins_code 
_pdbx_unobs_or_zero_occ_residues.label_asym_id 
_pdbx_unobs_or_zero_occ_residues.label_comp_id 
_pdbx_unobs_or_zero_occ_residues.label_seq_id 
1 1 Y 1 A SER 2789 ? A SER 1 
2 1 Y 1 A MET 2790 ? A MET 2 
3 1 Y 1 A SER 2791 ? A SER 3 
4 1 Y 1 A THR 2792 ? A THR 4 
# 
loop_
_chem_comp_atom.comp_id 
_chem_comp_atom.atom_id 
_chem_comp_atom.type_symbol 
_chem_comp_atom.pdbx_aromatic_flag 
_chem_comp_atom.pdbx_stereo_config 
_chem_comp_atom.pdbx_ordinal 
ALA N    N N N 1   
ALA CA   C N S 2   
ALA C    C N N 3   
ALA O    O N N 4   
ALA CB   C N N 5   
ALA OXT  O N N 6   
ALA H    H N N 7   
ALA H2   H N N 8   
ALA HA   H N N 9   
ALA HB1  H N N 10  
ALA HB2  H N N 11  
ALA HB3  H N N 12  
ALA HXT  H N N 13  
ARG N    N N N 14  
ARG CA   C N S 15  
ARG C    C N N 16  
ARG O    O N N 17  
ARG CB   C N N 18  
ARG CG   C N N 19  
ARG CD   C N N 20  
ARG NE   N N N 21  
ARG CZ   C N N 22  
ARG NH1  N N N 23  
ARG NH2  N N N 24  
ARG OXT  O N N 25  
ARG H    H N N 26  
ARG H2   H N N 27  
ARG HA   H N N 28  
ARG HB2  H N N 29  
ARG HB3  H N N 30  
ARG HG2  H N N 31  
ARG HG3  H N N 32  
ARG HD2  H N N 33  
ARG HD3  H N N 34  
ARG HE   H N N 35  
ARG HH11 H N N 36  
ARG HH12 H N N 37  
ARG HH21 H N N 38  
ARG HH22 H N N 39  
ARG HXT  H N N 40  
ASN N    N N N 41  
ASN CA   C N S 42  
ASN C    C N N 43  
ASN O    O N N 44  
ASN CB   C N N 45  
ASN CG   C N N 46  
ASN OD1  O N N 47  
ASN ND2  N N N 48  
ASN OXT  O N N 49  
ASN H    H N N 50  
ASN H2   H N N 51  
ASN HA   H N N 52  
ASN HB2  H N N 53  
ASN HB3  H N N 54  
ASN HD21 H N N 55  
ASN HD22 H N N 56  
ASN HXT  H N N 57  
ASP N    N N N 58  
ASP CA   C N S 59  
ASP C    C N N 60  
ASP O    O N N 61  
ASP CB   C N N 62  
ASP CG   C N N 63  
ASP OD1  O N N 64  
ASP OD2  O N N 65  
ASP OXT  O N N 66  
ASP H    H N N 67  
ASP H2   H N N 68  
ASP HA   H N N 69  
ASP HB2  H N N 70  
ASP HB3  H N N 71  
ASP HD2  H N N 72  
ASP HXT  H N N 73  
CYS N    N N N 74  
CYS CA   C N R 75  
CYS C    C N N 76  
CYS O    O N N 77  
CYS CB   C N N 78  
CYS SG   S N N 79  
CYS OXT  O N N 80  
CYS H    H N N 81  
CYS H2   H N N 82  
CYS HA   H N N 83  
CYS HB2  H N N 84  
CYS HB3  H N N 85  
CYS HG   H N N 86  
CYS HXT  H N N 87  
DMS S    S N N 88  
DMS O    O N N 89  
DMS C1   C N N 90  
DMS C2   C N N 91  
DMS H11  H N N 92  
DMS H12  H N N 93  
DMS H13  H N N 94  
DMS H21  H N N 95  
DMS H22  H N N 96  
DMS H23  H N N 97  
GLN N    N N N 98  
GLN CA   C N S 99  
GLN C    C N N 100 
GLN O    O N N 101 
GLN CB   C N N 102 
GLN CG   C N N 103 
GLN CD   C N N 104 
GLN OE1  O N N 105 
GLN NE2  N N N 106 
GLN OXT  O N N 107 
GLN H    H N N 108 
GLN H2   H N N 109 
GLN HA   H N N 110 
GLN HB2  H N N 111 
GLN HB3  H N N 112 
GLN HG2  H N N 113 
GLN HG3  H N N 114 
GLN HE21 H N N 115 
GLN HE22 H N N 116 
GLN HXT  H N N 117 
GLU N    N N N 118 
GLU CA   C N S 119 
GLU C    C N N 120 
GLU O    O N N 121 
GLU CB   C N N 122 
GLU CG   C N N 123 
GLU CD   C N N 124 
GLU OE1  O N N 125 
GLU OE2  O N N 126 
GLU OXT  O N N 127 
GLU H    H N N 128 
GLU H2   H N N 129 
GLU HA   H N N 130 
GLU HB2  H N N 131 
GLU HB3  H N N 132 
GLU HG2  H N N 133 
GLU HG3  H N N 134 
GLU HE2  H N N 135 
GLU HXT  H N N 136 
GLY N    N N N 137 
GLY CA   C N N 138 
GLY C    C N N 139 
GLY O    O N N 140 
GLY OXT  O N N 141 
GLY H    H N N 142 
GLY H2   H N N 143 
GLY HA2  H N N 144 
GLY HA3  H N N 145 
GLY HXT  H N N 146 
HIS N    N N N 147 
HIS CA   C N S 148 
HIS C    C N N 149 
HIS O    O N N 150 
HIS CB   C N N 151 
HIS CG   C Y N 152 
HIS ND1  N Y N 153 
HIS CD2  C Y N 154 
HIS CE1  C Y N 155 
HIS NE2  N Y N 156 
HIS OXT  O N N 157 
HIS H    H N N 158 
HIS H2   H N N 159 
HIS HA   H N N 160 
HIS HB2  H N N 161 
HIS HB3  H N N 162 
HIS HD1  H N N 163 
HIS HD2  H N N 164 
HIS HE1  H N N 165 
HIS HE2  H N N 166 
HIS HXT  H N N 167 
HOH O    O N N 168 
HOH H1   H N N 169 
HOH H2   H N N 170 
ILE N    N N N 171 
ILE CA   C N S 172 
ILE C    C N N 173 
ILE O    O N N 174 
ILE CB   C N S 175 
ILE CG1  C N N 176 
ILE CG2  C N N 177 
ILE CD1  C N N 178 
ILE OXT  O N N 179 
ILE H    H N N 180 
ILE H2   H N N 181 
ILE HA   H N N 182 
ILE HB   H N N 183 
ILE HG12 H N N 184 
ILE HG13 H N N 185 
ILE HG21 H N N 186 
ILE HG22 H N N 187 
ILE HG23 H N N 188 
ILE HD11 H N N 189 
ILE HD12 H N N 190 
ILE HD13 H N N 191 
ILE HXT  H N N 192 
K0V N1   N N N 193 
K0V C4   C N N 194 
K0V C5   C N N 195 
K0V C6   C N N 196 
K0V C7   C N N 197 
K0V C8   C N N 198 
K0V C10  C N N 199 
K0V N    N N N 200 
K0V C    C N N 201 
K0V O    O N N 202 
K0V C1   C N N 203 
K0V C11  C N N 204 
K0V C2   C N N 205 
K0V C3   C N N 206 
K0V C9   C N N 207 
K0V O1   O N N 208 
K0V O2   O N N 209 
K0V H1   H N N 210 
K0V H2   H N N 211 
K0V H3   H N N 212 
K0V H4   H N N 213 
K0V H5   H N N 214 
K0V H6   H N N 215 
K0V H7   H N N 216 
K0V H8   H N N 217 
K0V H9   H N N 218 
K0V H10  H N N 219 
K0V H11  H N N 220 
K0V H12  H N N 221 
K0V H13  H N N 222 
K0V H14  H N N 223 
K0V H15  H N N 224 
K0V H16  H N N 225 
K0V H17  H N N 226 
K0V H18  H N N 227 
K0V H19  H N N 228 
K0V H20  H N N 229 
K0V H21  H N N 230 
K0V H22  H N N 231 
LEU N    N N N 232 
LEU CA   C N S 233 
LEU C    C N N 234 
LEU O    O N N 235 
LEU CB   C N N 236 
LEU CG   C N N 237 
LEU CD1  C N N 238 
LEU CD2  C N N 239 
LEU OXT  O N N 240 
LEU H    H N N 241 
LEU H2   H N N 242 
LEU HA   H N N 243 
LEU HB2  H N N 244 
LEU HB3  H N N 245 
LEU HG   H N N 246 
LEU HD11 H N N 247 
LEU HD12 H N N 248 
LEU HD13 H N N 249 
LEU HD21 H N N 250 
LEU HD22 H N N 251 
LEU HD23 H N N 252 
LEU HXT  H N N 253 
LYS N    N N N 254 
LYS CA   C N S 255 
LYS C    C N N 256 
LYS O    O N N 257 
LYS CB   C N N 258 
LYS CG   C N N 259 
LYS CD   C N N 260 
LYS CE   C N N 261 
LYS NZ   N N N 262 
LYS OXT  O N N 263 
LYS H    H N N 264 
LYS H2   H N N 265 
LYS HA   H N N 266 
LYS HB2  H N N 267 
LYS HB3  H N N 268 
LYS HG2  H N N 269 
LYS HG3  H N N 270 
LYS HD2  H N N 271 
LYS HD3  H N N 272 
LYS HE2  H N N 273 
LYS HE3  H N N 274 
LYS HZ1  H N N 275 
LYS HZ2  H N N 276 
LYS HZ3  H N N 277 
LYS HXT  H N N 278 
MET N    N N N 279 
MET CA   C N S 280 
MET C    C N N 281 
MET O    O N N 282 
MET CB   C N N 283 
MET CG   C N N 284 
MET SD   S N N 285 
MET CE   C N N 286 
MET OXT  O N N 287 
MET H    H N N 288 
MET H2   H N N 289 
MET HA   H N N 290 
MET HB2  H N N 291 
MET HB3  H N N 292 
MET HG2  H N N 293 
MET HG3  H N N 294 
MET HE1  H N N 295 
MET HE2  H N N 296 
MET HE3  H N N 297 
MET HXT  H N N 298 
PHE N    N N N 299 
PHE CA   C N S 300 
PHE C    C N N 301 
PHE O    O N N 302 
PHE CB   C N N 303 
PHE CG   C Y N 304 
PHE CD1  C Y N 305 
PHE CD2  C Y N 306 
PHE CE1  C Y N 307 
PHE CE2  C Y N 308 
PHE CZ   C Y N 309 
PHE OXT  O N N 310 
PHE H    H N N 311 
PHE H2   H N N 312 
PHE HA   H N N 313 
PHE HB2  H N N 314 
PHE HB3  H N N 315 
PHE HD1  H N N 316 
PHE HD2  H N N 317 
PHE HE1  H N N 318 
PHE HE2  H N N 319 
PHE HZ   H N N 320 
PHE HXT  H N N 321 
PRO N    N N N 322 
PRO CA   C N S 323 
PRO C    C N N 324 
PRO O    O N N 325 
PRO CB   C N N 326 
PRO CG   C N N 327 
PRO CD   C N N 328 
PRO OXT  O N N 329 
PRO H    H N N 330 
PRO HA   H N N 331 
PRO HB2  H N N 332 
PRO HB3  H N N 333 
PRO HG2  H N N 334 
PRO HG3  H N N 335 
PRO HD2  H N N 336 
PRO HD3  H N N 337 
PRO HXT  H N N 338 
SER N    N N N 339 
SER CA   C N S 340 
SER C    C N N 341 
SER O    O N N 342 
SER CB   C N N 343 
SER OG   O N N 344 
SER OXT  O N N 345 
SER H    H N N 346 
SER H2   H N N 347 
SER HA   H N N 348 
SER HB2  H N N 349 
SER HB3  H N N 350 
SER HG   H N N 351 
SER HXT  H N N 352 
THR N    N N N 353 
THR CA   C N S 354 
THR C    C N N 355 
THR O    O N N 356 
THR CB   C N R 357 
THR OG1  O N N 358 
THR CG2  C N N 359 
THR OXT  O N N 360 
THR H    H N N 361 
THR H2   H N N 362 
THR HA   H N N 363 
THR HB   H N N 364 
THR HG1  H N N 365 
THR HG21 H N N 366 
THR HG22 H N N 367 
THR HG23 H N N 368 
THR HXT  H N N 369 
TRP N    N N N 370 
TRP CA   C N S 371 
TRP C    C N N 372 
TRP O    O N N 373 
TRP CB   C N N 374 
TRP CG   C Y N 375 
TRP CD1  C Y N 376 
TRP CD2  C Y N 377 
TRP NE1  N Y N 378 
TRP CE2  C Y N 379 
TRP CE3  C Y N 380 
TRP CZ2  C Y N 381 
TRP CZ3  C Y N 382 
TRP CH2  C Y N 383 
TRP OXT  O N N 384 
TRP H    H N N 385 
TRP H2   H N N 386 
TRP HA   H N N 387 
TRP HB2  H N N 388 
TRP HB3  H N N 389 
TRP HD1  H N N 390 
TRP HE1  H N N 391 
TRP HE3  H N N 392 
TRP HZ2  H N N 393 
TRP HZ3  H N N 394 
TRP HH2  H N N 395 
TRP HXT  H N N 396 
TRS C    C N N 397 
TRS C1   C N N 398 
TRS C2   C N N 399 
TRS C3   C N N 400 
TRS N    N N N 401 
TRS O1   O N N 402 
TRS O2   O N N 403 
TRS O3   O N N 404 
TRS H11  H N N 405 
TRS H12  H N N 406 
TRS H21  H N N 407 
TRS H22  H N N 408 
TRS H31  H N N 409 
TRS H32  H N N 410 
TRS HN1  H N N 411 
TRS HN2  H N N 412 
TRS HN3  H N N 413 
TRS HO1  H N N 414 
TRS HO2  H N N 415 
TRS HO3  H N N 416 
TYR N    N N N 417 
TYR CA   C N S 418 
TYR C    C N N 419 
TYR O    O N N 420 
TYR CB   C N N 421 
TYR CG   C Y N 422 
TYR CD1  C Y N 423 
TYR CD2  C Y N 424 
TYR CE1  C Y N 425 
TYR CE2  C Y N 426 
TYR CZ   C Y N 427 
TYR OH   O N N 428 
TYR OXT  O N N 429 
TYR H    H N N 430 
TYR H2   H N N 431 
TYR HA   H N N 432 
TYR HB2  H N N 433 
TYR HB3  H N N 434 
TYR HD1  H N N 435 
TYR HD2  H N N 436 
TYR HE1  H N N 437 
TYR HE2  H N N 438 
TYR HH   H N N 439 
TYR HXT  H N N 440 
VAL N    N N N 441 
VAL CA   C N S 442 
VAL C    C N N 443 
VAL O    O N N 444 
VAL CB   C N N 445 
VAL CG1  C N N 446 
VAL CG2  C N N 447 
VAL OXT  O N N 448 
VAL H    H N N 449 
VAL H2   H N N 450 
VAL HA   H N N 451 
VAL HB   H N N 452 
VAL HG11 H N N 453 
VAL HG12 H N N 454 
VAL HG13 H N N 455 
VAL HG21 H N N 456 
VAL HG22 H N N 457 
VAL HG23 H N N 458 
VAL HXT  H N N 459 
# 
loop_
_chem_comp_bond.comp_id 
_chem_comp_bond.atom_id_1 
_chem_comp_bond.atom_id_2 
_chem_comp_bond.value_order 
_chem_comp_bond.pdbx_aromatic_flag 
_chem_comp_bond.pdbx_stereo_config 
_chem_comp_bond.pdbx_ordinal 
ALA N   CA   sing N N 1   
ALA N   H    sing N N 2   
ALA N   H2   sing N N 3   
ALA CA  C    sing N N 4   
ALA CA  CB   sing N N 5   
ALA CA  HA   sing N N 6   
ALA C   O    doub N N 7   
ALA C   OXT  sing N N 8   
ALA CB  HB1  sing N N 9   
ALA CB  HB2  sing N N 10  
ALA CB  HB3  sing N N 11  
ALA OXT HXT  sing N N 12  
ARG N   CA   sing N N 13  
ARG N   H    sing N N 14  
ARG N   H2   sing N N 15  
ARG CA  C    sing N N 16  
ARG CA  CB   sing N N 17  
ARG CA  HA   sing N N 18  
ARG C   O    doub N N 19  
ARG C   OXT  sing N N 20  
ARG CB  CG   sing N N 21  
ARG CB  HB2  sing N N 22  
ARG CB  HB3  sing N N 23  
ARG CG  CD   sing N N 24  
ARG CG  HG2  sing N N 25  
ARG CG  HG3  sing N N 26  
ARG CD  NE   sing N N 27  
ARG CD  HD2  sing N N 28  
ARG CD  HD3  sing N N 29  
ARG NE  CZ   sing N N 30  
ARG NE  HE   sing N N 31  
ARG CZ  NH1  sing N N 32  
ARG CZ  NH2  doub N N 33  
ARG NH1 HH11 sing N N 34  
ARG NH1 HH12 sing N N 35  
ARG NH2 HH21 sing N N 36  
ARG NH2 HH22 sing N N 37  
ARG OXT HXT  sing N N 38  
ASN N   CA   sing N N 39  
ASN N   H    sing N N 40  
ASN N   H2   sing N N 41  
ASN CA  C    sing N N 42  
ASN CA  CB   sing N N 43  
ASN CA  HA   sing N N 44  
ASN C   O    doub N N 45  
ASN C   OXT  sing N N 46  
ASN CB  CG   sing N N 47  
ASN CB  HB2  sing N N 48  
ASN CB  HB3  sing N N 49  
ASN CG  OD1  doub N N 50  
ASN CG  ND2  sing N N 51  
ASN ND2 HD21 sing N N 52  
ASN ND2 HD22 sing N N 53  
ASN OXT HXT  sing N N 54  
ASP N   CA   sing N N 55  
ASP N   H    sing N N 56  
ASP N   H2   sing N N 57  
ASP CA  C    sing N N 58  
ASP CA  CB   sing N N 59  
ASP CA  HA   sing N N 60  
ASP C   O    doub N N 61  
ASP C   OXT  sing N N 62  
ASP CB  CG   sing N N 63  
ASP CB  HB2  sing N N 64  
ASP CB  HB3  sing N N 65  
ASP CG  OD1  doub N N 66  
ASP CG  OD2  sing N N 67  
ASP OD2 HD2  sing N N 68  
ASP OXT HXT  sing N N 69  
CYS N   CA   sing N N 70  
CYS N   H    sing N N 71  
CYS N   H2   sing N N 72  
CYS CA  C    sing N N 73  
CYS CA  CB   sing N N 74  
CYS CA  HA   sing N N 75  
CYS C   O    doub N N 76  
CYS C   OXT  sing N N 77  
CYS CB  SG   sing N N 78  
CYS CB  HB2  sing N N 79  
CYS CB  HB3  sing N N 80  
CYS SG  HG   sing N N 81  
CYS OXT HXT  sing N N 82  
DMS S   O    doub N N 83  
DMS S   C1   sing N N 84  
DMS S   C2   sing N N 85  
DMS C1  H11  sing N N 86  
DMS C1  H12  sing N N 87  
DMS C1  H13  sing N N 88  
DMS C2  H21  sing N N 89  
DMS C2  H22  sing N N 90  
DMS C2  H23  sing N N 91  
GLN N   CA   sing N N 92  
GLN N   H    sing N N 93  
GLN N   H2   sing N N 94  
GLN CA  C    sing N N 95  
GLN CA  CB   sing N N 96  
GLN CA  HA   sing N N 97  
GLN C   O    doub N N 98  
GLN C   OXT  sing N N 99  
GLN CB  CG   sing N N 100 
GLN CB  HB2  sing N N 101 
GLN CB  HB3  sing N N 102 
GLN CG  CD   sing N N 103 
GLN CG  HG2  sing N N 104 
GLN CG  HG3  sing N N 105 
GLN CD  OE1  doub N N 106 
GLN CD  NE2  sing N N 107 
GLN NE2 HE21 sing N N 108 
GLN NE2 HE22 sing N N 109 
GLN OXT HXT  sing N N 110 
GLU N   CA   sing N N 111 
GLU N   H    sing N N 112 
GLU N   H2   sing N N 113 
GLU CA  C    sing N N 114 
GLU CA  CB   sing N N 115 
GLU CA  HA   sing N N 116 
GLU C   O    doub N N 117 
GLU C   OXT  sing N N 118 
GLU CB  CG   sing N N 119 
GLU CB  HB2  sing N N 120 
GLU CB  HB3  sing N N 121 
GLU CG  CD   sing N N 122 
GLU CG  HG2  sing N N 123 
GLU CG  HG3  sing N N 124 
GLU CD  OE1  doub N N 125 
GLU CD  OE2  sing N N 126 
GLU OE2 HE2  sing N N 127 
GLU OXT HXT  sing N N 128 
GLY N   CA   sing N N 129 
GLY N   H    sing N N 130 
GLY N   H2   sing N N 131 
GLY CA  C    sing N N 132 
GLY CA  HA2  sing N N 133 
GLY CA  HA3  sing N N 134 
GLY C   O    doub N N 135 
GLY C   OXT  sing N N 136 
GLY OXT HXT  sing N N 137 
HIS N   CA   sing N N 138 
HIS N   H    sing N N 139 
HIS N   H2   sing N N 140 
HIS CA  C    sing N N 141 
HIS CA  CB   sing N N 142 
HIS CA  HA   sing N N 143 
HIS C   O    doub N N 144 
HIS C   OXT  sing N N 145 
HIS CB  CG   sing N N 146 
HIS CB  HB2  sing N N 147 
HIS CB  HB3  sing N N 148 
HIS CG  ND1  sing Y N 149 
HIS CG  CD2  doub Y N 150 
HIS ND1 CE1  doub Y N 151 
HIS ND1 HD1  sing N N 152 
HIS CD2 NE2  sing Y N 153 
HIS CD2 HD2  sing N N 154 
HIS CE1 NE2  sing Y N 155 
HIS CE1 HE1  sing N N 156 
HIS NE2 HE2  sing N N 157 
HIS OXT HXT  sing N N 158 
HOH O   H1   sing N N 159 
HOH O   H2   sing N N 160 
ILE N   CA   sing N N 161 
ILE N   H    sing N N 162 
ILE N   H2   sing N N 163 
ILE CA  C    sing N N 164 
ILE CA  CB   sing N N 165 
ILE CA  HA   sing N N 166 
ILE C   O    doub N N 167 
ILE C   OXT  sing N N 168 
ILE CB  CG1  sing N N 169 
ILE CB  CG2  sing N N 170 
ILE CB  HB   sing N N 171 
ILE CG1 CD1  sing N N 172 
ILE CG1 HG12 sing N N 173 
ILE CG1 HG13 sing N N 174 
ILE CG2 HG21 sing N N 175 
ILE CG2 HG22 sing N N 176 
ILE CG2 HG23 sing N N 177 
ILE CD1 HD11 sing N N 178 
ILE CD1 HD12 sing N N 179 
ILE CD1 HD13 sing N N 180 
ILE OXT HXT  sing N N 181 
K0V O1  C1   doub N N 182 
K0V C1  O    sing N N 183 
K0V C1  C2   sing N N 184 
K0V C6  C5   sing N N 185 
K0V C6  C2   sing N N 186 
K0V C   O    sing N N 187 
K0V C5  N    sing N N 188 
K0V C2  C3   sing N N 189 
K0V C11 C8   sing N N 190 
K0V N1  C8   sing N N 191 
K0V N1  C7   sing N N 192 
K0V N   C7   sing N N 193 
K0V N   C4   sing N N 194 
K0V C3  C4   sing N N 195 
K0V C8  C10  sing N N 196 
K0V C8  C9   sing N N 197 
K0V C7  O2   doub N N 198 
K0V N1  H1   sing N N 199 
K0V C4  H2   sing N N 200 
K0V C4  H3   sing N N 201 
K0V C5  H4   sing N N 202 
K0V C5  H5   sing N N 203 
K0V C6  H6   sing N N 204 
K0V C6  H7   sing N N 205 
K0V C10 H8   sing N N 206 
K0V C10 H9   sing N N 207 
K0V C10 H10  sing N N 208 
K0V C   H11  sing N N 209 
K0V C   H12  sing N N 210 
K0V C   H13  sing N N 211 
K0V C11 H14  sing N N 212 
K0V C11 H15  sing N N 213 
K0V C11 H16  sing N N 214 
K0V C2  H17  sing N N 215 
K0V C3  H18  sing N N 216 
K0V C3  H19  sing N N 217 
K0V C9  H20  sing N N 218 
K0V C9  H21  sing N N 219 
K0V C9  H22  sing N N 220 
LEU N   CA   sing N N 221 
LEU N   H    sing N N 222 
LEU N   H2   sing N N 223 
LEU CA  C    sing N N 224 
LEU CA  CB   sing N N 225 
LEU CA  HA   sing N N 226 
LEU C   O    doub N N 227 
LEU C   OXT  sing N N 228 
LEU CB  CG   sing N N 229 
LEU CB  HB2  sing N N 230 
LEU CB  HB3  sing N N 231 
LEU CG  CD1  sing N N 232 
LEU CG  CD2  sing N N 233 
LEU CG  HG   sing N N 234 
LEU CD1 HD11 sing N N 235 
LEU CD1 HD12 sing N N 236 
LEU CD1 HD13 sing N N 237 
LEU CD2 HD21 sing N N 238 
LEU CD2 HD22 sing N N 239 
LEU CD2 HD23 sing N N 240 
LEU OXT HXT  sing N N 241 
LYS N   CA   sing N N 242 
LYS N   H    sing N N 243 
LYS N   H2   sing N N 244 
LYS CA  C    sing N N 245 
LYS CA  CB   sing N N 246 
LYS CA  HA   sing N N 247 
LYS C   O    doub N N 248 
LYS C   OXT  sing N N 249 
LYS CB  CG   sing N N 250 
LYS CB  HB2  sing N N 251 
LYS CB  HB3  sing N N 252 
LYS CG  CD   sing N N 253 
LYS CG  HG2  sing N N 254 
LYS CG  HG3  sing N N 255 
LYS CD  CE   sing N N 256 
LYS CD  HD2  sing N N 257 
LYS CD  HD3  sing N N 258 
LYS CE  NZ   sing N N 259 
LYS CE  HE2  sing N N 260 
LYS CE  HE3  sing N N 261 
LYS NZ  HZ1  sing N N 262 
LYS NZ  HZ2  sing N N 263 
LYS NZ  HZ3  sing N N 264 
LYS OXT HXT  sing N N 265 
MET N   CA   sing N N 266 
MET N   H    sing N N 267 
MET N   H2   sing N N 268 
MET CA  C    sing N N 269 
MET CA  CB   sing N N 270 
MET CA  HA   sing N N 271 
MET C   O    doub N N 272 
MET C   OXT  sing N N 273 
MET CB  CG   sing N N 274 
MET CB  HB2  sing N N 275 
MET CB  HB3  sing N N 276 
MET CG  SD   sing N N 277 
MET CG  HG2  sing N N 278 
MET CG  HG3  sing N N 279 
MET SD  CE   sing N N 280 
MET CE  HE1  sing N N 281 
MET CE  HE2  sing N N 282 
MET CE  HE3  sing N N 283 
MET OXT HXT  sing N N 284 
PHE N   CA   sing N N 285 
PHE N   H    sing N N 286 
PHE N   H2   sing N N 287 
PHE CA  C    sing N N 288 
PHE CA  CB   sing N N 289 
PHE CA  HA   sing N N 290 
PHE C   O    doub N N 291 
PHE C   OXT  sing N N 292 
PHE CB  CG   sing N N 293 
PHE CB  HB2  sing N N 294 
PHE CB  HB3  sing N N 295 
PHE CG  CD1  doub Y N 296 
PHE CG  CD2  sing Y N 297 
PHE CD1 CE1  sing Y N 298 
PHE CD1 HD1  sing N N 299 
PHE CD2 CE2  doub Y N 300 
PHE CD2 HD2  sing N N 301 
PHE CE1 CZ   doub Y N 302 
PHE CE1 HE1  sing N N 303 
PHE CE2 CZ   sing Y N 304 
PHE CE2 HE2  sing N N 305 
PHE CZ  HZ   sing N N 306 
PHE OXT HXT  sing N N 307 
PRO N   CA   sing N N 308 
PRO N   CD   sing N N 309 
PRO N   H    sing N N 310 
PRO CA  C    sing N N 311 
PRO CA  CB   sing N N 312 
PRO CA  HA   sing N N 313 
PRO C   O    doub N N 314 
PRO C   OXT  sing N N 315 
PRO CB  CG   sing N N 316 
PRO CB  HB2  sing N N 317 
PRO CB  HB3  sing N N 318 
PRO CG  CD   sing N N 319 
PRO CG  HG2  sing N N 320 
PRO CG  HG3  sing N N 321 
PRO CD  HD2  sing N N 322 
PRO CD  HD3  sing N N 323 
PRO OXT HXT  sing N N 324 
SER N   CA   sing N N 325 
SER N   H    sing N N 326 
SER N   H2   sing N N 327 
SER CA  C    sing N N 328 
SER CA  CB   sing N N 329 
SER CA  HA   sing N N 330 
SER C   O    doub N N 331 
SER C   OXT  sing N N 332 
SER CB  OG   sing N N 333 
SER CB  HB2  sing N N 334 
SER CB  HB3  sing N N 335 
SER OG  HG   sing N N 336 
SER OXT HXT  sing N N 337 
THR N   CA   sing N N 338 
THR N   H    sing N N 339 
THR N   H2   sing N N 340 
THR CA  C    sing N N 341 
THR CA  CB   sing N N 342 
THR CA  HA   sing N N 343 
THR C   O    doub N N 344 
THR C   OXT  sing N N 345 
THR CB  OG1  sing N N 346 
THR CB  CG2  sing N N 347 
THR CB  HB   sing N N 348 
THR OG1 HG1  sing N N 349 
THR CG2 HG21 sing N N 350 
THR CG2 HG22 sing N N 351 
THR CG2 HG23 sing N N 352 
THR OXT HXT  sing N N 353 
TRP N   CA   sing N N 354 
TRP N   H    sing N N 355 
TRP N   H2   sing N N 356 
TRP CA  C    sing N N 357 
TRP CA  CB   sing N N 358 
TRP CA  HA   sing N N 359 
TRP C   O    doub N N 360 
TRP C   OXT  sing N N 361 
TRP CB  CG   sing N N 362 
TRP CB  HB2  sing N N 363 
TRP CB  HB3  sing N N 364 
TRP CG  CD1  doub Y N 365 
TRP CG  CD2  sing Y N 366 
TRP CD1 NE1  sing Y N 367 
TRP CD1 HD1  sing N N 368 
TRP CD2 CE2  doub Y N 369 
TRP CD2 CE3  sing Y N 370 
TRP NE1 CE2  sing Y N 371 
TRP NE1 HE1  sing N N 372 
TRP CE2 CZ2  sing Y N 373 
TRP CE3 CZ3  doub Y N 374 
TRP CE3 HE3  sing N N 375 
TRP CZ2 CH2  doub Y N 376 
TRP CZ2 HZ2  sing N N 377 
TRP CZ3 CH2  sing Y N 378 
TRP CZ3 HZ3  sing N N 379 
TRP CH2 HH2  sing N N 380 
TRP OXT HXT  sing N N 381 
TRS C   C1   sing N N 382 
TRS C   C2   sing N N 383 
TRS C   C3   sing N N 384 
TRS C   N    sing N N 385 
TRS C1  O1   sing N N 386 
TRS C1  H11  sing N N 387 
TRS C1  H12  sing N N 388 
TRS C2  O2   sing N N 389 
TRS C2  H21  sing N N 390 
TRS C2  H22  sing N N 391 
TRS C3  O3   sing N N 392 
TRS C3  H31  sing N N 393 
TRS C3  H32  sing N N 394 
TRS N   HN1  sing N N 395 
TRS N   HN2  sing N N 396 
TRS N   HN3  sing N N 397 
TRS O1  HO1  sing N N 398 
TRS O2  HO2  sing N N 399 
TRS O3  HO3  sing N N 400 
TYR N   CA   sing N N 401 
TYR N   H    sing N N 402 
TYR N   H2   sing N N 403 
TYR CA  C    sing N N 404 
TYR CA  CB   sing N N 405 
TYR CA  HA   sing N N 406 
TYR C   O    doub N N 407 
TYR C   OXT  sing N N 408 
TYR CB  CG   sing N N 409 
TYR CB  HB2  sing N N 410 
TYR CB  HB3  sing N N 411 
TYR CG  CD1  doub Y N 412 
TYR CG  CD2  sing Y N 413 
TYR CD1 CE1  sing Y N 414 
TYR CD1 HD1  sing N N 415 
TYR CD2 CE2  doub Y N 416 
TYR CD2 HD2  sing N N 417 
TYR CE1 CZ   doub Y N 418 
TYR CE1 HE1  sing N N 419 
TYR CE2 CZ   sing Y N 420 
TYR CE2 HE2  sing N N 421 
TYR CZ  OH   sing N N 422 
TYR OH  HH   sing N N 423 
TYR OXT HXT  sing N N 424 
VAL N   CA   sing N N 425 
VAL N   H    sing N N 426 
VAL N   H2   sing N N 427 
VAL CA  C    sing N N 428 
VAL CA  CB   sing N N 429 
VAL CA  HA   sing N N 430 
VAL C   O    doub N N 431 
VAL C   OXT  sing N N 432 
VAL CB  CG1  sing N N 433 
VAL CB  CG2  sing N N 434 
VAL CB  HB   sing N N 435 
VAL CG1 HG11 sing N N 436 
VAL CG1 HG12 sing N N 437 
VAL CG1 HG13 sing N N 438 
VAL CG2 HG21 sing N N 439 
VAL CG2 HG22 sing N N 440 
VAL CG2 HG23 sing N N 441 
VAL OXT HXT  sing N N 442 
# 
_pdbx_deposit_group.group_id            G_1002123 
_pdbx_deposit_group.group_description   
;BROMODOMAIN OF HUMAN NUCLEOSOME-REMODELING FACTOR SUBUNIT BPTF screened against the 3D-Fragment Consortium Library by
X-ray Crystallography at the XChem facility of Diamond Light Source beamline I04-1
;
_pdbx_deposit_group.group_title         
;PanDDA analysis group deposition of the bromodomain of human nucleosome-remodeling factor subunit BPTF fragment
screening
;
_pdbx_deposit_group.group_type          'changed state' 
# 
_pdbx_entity_instance_feature.ordinal        1 
_pdbx_entity_instance_feature.comp_id        K0V 
_pdbx_entity_instance_feature.asym_id        ? 
_pdbx_entity_instance_feature.seq_num        ? 
_pdbx_entity_instance_feature.auth_comp_id   K0V 
_pdbx_entity_instance_feature.auth_asym_id   ? 
_pdbx_entity_instance_feature.auth_seq_num   ? 
_pdbx_entity_instance_feature.feature_type   'SUBJECT OF INVESTIGATION' 
_pdbx_entity_instance_feature.details        ? 
# 
_atom_sites.entry_id                    5R4K 
_atom_sites.fract_transf_matrix[1][1]   0.00049985 
_atom_sites.fract_transf_matrix[1][2]   0.00523795 
_atom_sites.fract_transf_matrix[1][3]   0.00731541 
_atom_sites.fract_transf_matrix[2][1]   0.03315916 
_atom_sites.fract_transf_matrix[2][2]   0.01130867 
_atom_sites.fract_transf_matrix[2][3]   -0.01036292 
_atom_sites.fract_transf_matrix[3][1]   -0.01077482 
_atom_sites.fract_transf_matrix[3][2]   0.02130206 
_atom_sites.fract_transf_matrix[3][3]   -0.01123100 
_atom_sites.fract_transf_vector[1]      -0.130208 
_atom_sites.fract_transf_vector[2]      0.443696 
_atom_sites.fract_transf_vector[3]      0.045903 
# 
loop_
_atom_type.symbol 
C 
N 
O 
S 
# 
loop_
_atom_site.group_PDB 
_atom_site.id 
_atom_site.type_symbol 
_atom_site.label_atom_id 
_atom_site.label_alt_id 
_atom_site.label_comp_id 
_atom_site.label_asym_id 
_atom_site.label_entity_id 
_atom_site.label_seq_id 
_atom_site.pdbx_PDB_ins_code 
_atom_site.Cartn_x 
_atom_site.Cartn_y 
_atom_site.Cartn_z 
_atom_site.occupancy 
_atom_site.B_iso_or_equiv 
_atom_site.pdbx_formal_charge 
_atom_site.auth_seq_id 
_atom_site.auth_comp_id 
_atom_site.auth_asym_id 
_atom_site.auth_atom_id 
_atom_site.pdbx_PDB_model_num 
ATOM   1    N N   . GLU A 1 5   ? 0.664   16.417  -2.015  1.00 30.82 ? 2793 GLU A N   1 
ATOM   2    C CA  . GLU A 1 5   ? 0.434   15.895  -3.396  1.00 29.61 ? 2793 GLU A CA  1 
ATOM   3    C C   . GLU A 1 5   ? 0.102   17.039  -4.357  1.00 29.36 ? 2793 GLU A C   1 
ATOM   4    O O   . GLU A 1 5   ? -0.613  17.979  -3.978  1.00 30.86 ? 2793 GLU A O   1 
ATOM   5    C CB  . GLU A 1 5   ? -0.731  14.903  -3.405  1.00 28.68 ? 2793 GLU A CB  1 
ATOM   6    C CG  . GLU A 1 5   ? -0.631  13.771  -2.393  1.00 28.00 ? 2793 GLU A CG  1 
ATOM   7    C CD  . GLU A 1 5   ? -1.822  12.825  -2.459  1.00 27.62 ? 2793 GLU A CD  1 
ATOM   8    O OE1 . GLU A 1 5   ? -2.976  13.305  -2.455  1.00 28.34 ? 2793 GLU A OE1 1 
ATOM   9    O OE2 . GLU A 1 5   ? -1.609  11.599  -2.508  1.00 24.28 ? 2793 GLU A OE2 1 
ATOM   10   N N   A ASP A 1 6   ? 0.613   16.965  -5.585  0.25 28.80 ? 2794 ASP A N   1 
ATOM   11   N N   B ASP A 1 6   ? 0.603   16.939  -5.588  0.25 29.46 ? 2794 ASP A N   1 
ATOM   12   C CA  A ASP A 1 6   ? 0.346   17.990  -6.595  0.25 28.03 ? 2794 ASP A CA  1 
ATOM   13   C CA  B ASP A 1 6   ? 0.353   17.937  -6.629  0.25 29.06 ? 2794 ASP A CA  1 
ATOM   14   C C   A ASP A 1 6   ? -1.022  17.762  -7.235  0.25 28.33 ? 2794 ASP A C   1 
ATOM   15   C C   B ASP A 1 6   ? -1.052  17.777  -7.203  0.25 28.96 ? 2794 ASP A C   1 
ATOM   16   O O   A ASP A 1 6   ? -1.670  16.742  -6.988  0.25 28.53 ? 2794 ASP A O   1 
ATOM   17   O O   B ASP A 1 6   ? -1.758  16.818  -6.877  0.25 29.28 ? 2794 ASP A O   1 
ATOM   18   C CB  A ASP A 1 6   ? 1.453   18.013  -7.652  0.25 27.15 ? 2794 ASP A CB  1 
ATOM   19   C CB  B ASP A 1 6   ? 1.387   17.809  -7.750  0.25 28.88 ? 2794 ASP A CB  1 
ATOM   20   C CG  A ASP A 1 6   ? 1.379   16.845  -8.606  0.25 26.53 ? 2794 ASP A CG  1 
ATOM   21   C CG  B ASP A 1 6   ? 1.060   16.692  -8.722  0.25 28.96 ? 2794 ASP A CG  1 
ATOM   22   O OD1 A ASP A 1 6   ? 0.291   16.246  -8.742  0.25 25.27 ? 2794 ASP A OD1 1 
ATOM   23   O OD1 B ASP A 1 6   ? -0.051  16.131  -8.631  0.25 28.45 ? 2794 ASP A OD1 1 
ATOM   24   O OD2 A ASP A 1 6   ? 2.418   16.530  -9.228  0.25 26.26 ? 2794 ASP A OD2 1 
ATOM   25   O OD2 B ASP A 1 6   ? 1.914   16.380  -9.580  0.25 29.86 ? 2794 ASP A OD2 1 
ATOM   26   N N   . ALA A 1 7   ? -1.445  18.719  -8.058  1.00 28.35 ? 2795 ALA A N   1 
ATOM   27   C CA  . ALA A 1 7   ? -2.797  18.722  -8.667  1.00 27.80 ? 2795 ALA A CA  1 
ATOM   28   C C   . ALA A 1 7   ? -3.211  17.520  -9.509  1.00 26.98 ? 2795 ALA A C   1 
ATOM   29   O O   . ALA A 1 7   ? -4.341  17.032  -9.360  1.00 28.46 ? 2795 ALA A O   1 
ATOM   30   C CB  . ALA A 1 7   ? -2.998  19.985  -9.475  1.00 28.13 ? 2795 ALA A CB  1 
ATOM   31   N N   . MET A 1 8   ? -2.329  17.043  -10.382 0.50 26.30 ? 2796 MET A N   1 
ATOM   32   C CA  . MET A 1 8   ? -2.669  15.907  -11.242 0.50 25.79 ? 2796 MET A CA  1 
ATOM   33   C C   . MET A 1 8   ? -2.800  14.579  -10.475 0.50 24.91 ? 2796 MET A C   1 
ATOM   34   O O   . MET A 1 8   ? -3.488  13.675  -10.943 0.50 23.46 ? 2796 MET A O   1 
ATOM   35   C CB  . MET A 1 8   ? -1.687  15.777  -12.410 0.50 26.49 ? 2796 MET A CB  1 
ATOM   36   C CG  . MET A 1 8   ? -0.256  15.458  -12.024 0.50 26.93 ? 2796 MET A CG  1 
ATOM   37   S SD  . MET A 1 8   ? 0.763   15.141  -13.479 0.50 28.50 ? 2796 MET A SD  1 
ATOM   38   C CE  . MET A 1 8   ? -0.166  13.830  -14.273 0.50 28.18 ? 2796 MET A CE  1 
ATOM   39   N N   . THR A 1 9   ? -2.164  14.463  -9.305  1.00 24.60 ? 2797 THR A N   1 
ATOM   40   C CA  . THR A 1 9   ? -2.349  13.270  -8.426  1.00 24.15 ? 2797 THR A CA  1 
ATOM   41   C C   . THR A 1 9   ? -3.771  13.237  -7.839  1.00 23.38 ? 2797 THR A C   1 
ATOM   42   O O   . THR A 1 9   ? -4.483  12.208  -7.897  1.00 18.63 ? 2797 THR A O   1 
ATOM   43   C CB  . THR A 1 9   ? -1.299  13.252  -7.274  1.00 25.01 ? 2797 THR A CB  1 
ATOM   44   O OG1 . THR A 1 9   ? 0.016   13.108  -7.822  1.00 26.91 ? 2797 THR A OG1 1 
ATOM   45   C CG2 . THR A 1 9   ? -1.550  12.107  -6.283  1.00 25.24 ? 2797 THR A CG2 1 
ATOM   46   N N   . VAL A 1 10  ? -4.175  14.380  -7.297  1.00 24.92 ? 2798 VAL A N   1 
ATOM   47   C CA  . VAL A 1 10  ? -5.503  14.535  -6.717  1.00 26.38 ? 2798 VAL A CA  1 
ATOM   48   C C   . VAL A 1 10  ? -6.596  14.469  -7.797  1.00 27.53 ? 2798 VAL A C   1 
ATOM   49   O O   . VAL A 1 10  ? -7.572  13.735  -7.641  1.00 27.67 ? 2798 VAL A O   1 
ATOM   50   C CB  . VAL A 1 10  ? -5.615  15.865  -5.926  1.00 27.16 ? 2798 VAL A CB  1 
ATOM   51   C CG1 . VAL A 1 10  ? -7.034  16.084  -5.409  1.00 28.03 ? 2798 VAL A CG1 1 
ATOM   52   C CG2 . VAL A 1 10  ? -4.609  15.895  -4.773  1.00 27.42 ? 2798 VAL A CG2 1 
ATOM   53   N N   . LEU A 1 11  ? -6.414  15.222  -8.883  1.00 29.17 ? 2799 LEU A N   1 
ATOM   54   C CA  . LEU A 1 11  ? -7.523  15.581  -9.785  1.00 29.24 ? 2799 LEU A CA  1 
ATOM   55   C C   . LEU A 1 11  ? -7.698  14.751  -11.041 1.00 28.49 ? 2799 LEU A C   1 
ATOM   56   O O   . LEU A 1 11  ? -8.806  14.696  -11.568 1.00 28.55 ? 2799 LEU A O   1 
ATOM   57   C CB  . LEU A 1 11  ? -7.388  17.041  -10.228 1.00 30.83 ? 2799 LEU A CB  1 
ATOM   58   C CG  . LEU A 1 11  ? -7.643  18.072  -9.138  1.00 32.21 ? 2799 LEU A CG  1 
ATOM   59   C CD1 . LEU A 1 11  ? -7.114  19.425  -9.567  1.00 32.34 ? 2799 LEU A CD1 1 
ATOM   60   C CD2 . LEU A 1 11  ? -9.126  18.163  -8.840  1.00 32.74 ? 2799 LEU A CD2 1 
ATOM   61   N N   . THR A 1 12  ? -6.632  14.141  -11.552 1.00 26.42 ? 2800 THR A N   1 
ATOM   62   C CA  . THR A 1 12  ? -6.726  13.499  -12.854 1.00 24.91 ? 2800 THR A CA  1 
ATOM   63   C C   . THR A 1 12  ? -7.369  12.106  -12.680 1.00 22.51 ? 2800 THR A C   1 
ATOM   64   O O   . THR A 1 12  ? -6.977  11.329  -11.790 1.00 21.37 ? 2800 THR A O   1 
ATOM   65   C CB  . THR A 1 12  ? -5.369  13.474  -13.581 1.00 26.13 ? 2800 THR A CB  1 
ATOM   66   O OG1 . THR A 1 12  ? -4.851  14.812  -13.633 1.00 26.64 ? 2800 THR A OG1 1 
ATOM   67   C CG2 . THR A 1 12  ? -5.510  12.959  -15.009 1.00 27.17 ? 2800 THR A CG2 1 
ATOM   68   N N   . PRO A 1 13  ? -8.414  11.807  -13.475 1.00 20.35 ? 2801 PRO A N   1 
ATOM   69   C CA  . PRO A 1 13  ? -8.913  10.433  -13.483 1.00 19.38 ? 2801 PRO A CA  1 
ATOM   70   C C   . PRO A 1 13  ? -7.842  9.436   -13.898 1.00 18.52 ? 2801 PRO A C   1 
ATOM   71   O O   . PRO A 1 13  ? -6.948  9.767   -14.679 1.00 19.53 ? 2801 PRO A O   1 
ATOM   72   C CB  . PRO A 1 13  ? -10.032 10.473  -14.525 1.00 19.53 ? 2801 PRO A CB  1 
ATOM   73   C CG  . PRO A 1 13  ? -10.523 11.870  -14.486 1.00 19.89 ? 2801 PRO A CG  1 
ATOM   74   C CD  . PRO A 1 13  ? -9.318  12.717  -14.210 1.00 20.10 ? 2801 PRO A CD  1 
ATOM   75   N N   . LEU A 1 14  ? -7.911  8.228   -13.344 1.00 16.67 ? 2802 LEU A N   1 
ATOM   76   C CA  . LEU A 1 14  ? -7.017  7.154   -13.751 1.00 16.28 ? 2802 LEU A CA  1 
ATOM   77   C C   . LEU A 1 14  ? -7.518  6.551   -15.066 1.00 16.66 ? 2802 LEU A C   1 
ATOM   78   O O   . LEU A 1 14  ? -8.657  6.090   -15.147 1.00 19.14 ? 2802 LEU A O   1 
ATOM   79   C CB  . LEU A 1 14  ? -6.937  6.068   -12.671 1.00 15.56 ? 2802 LEU A CB  1 
ATOM   80   C CG  . LEU A 1 14  ? -6.268  6.488   -11.357 1.00 15.06 ? 2802 LEU A CG  1 
ATOM   81   C CD1 . LEU A 1 14  ? -6.592  5.484   -10.251 1.00 14.86 ? 2802 LEU A CD1 1 
ATOM   82   C CD2 . LEU A 1 14  ? -4.766  6.650   -11.538 1.00 15.20 ? 2802 LEU A CD2 1 
ATOM   83   N N   . THR A 1 15  ? -6.664  6.570   -16.083 1.00 16.42 ? 2803 THR A N   1 
ATOM   84   C CA  . THR A 1 15  ? -6.955  5.964   -17.392 1.00 16.43 ? 2803 THR A CA  1 
ATOM   85   C C   . THR A 1 15  ? -6.566  4.486   -17.405 1.00 16.34 ? 2803 THR A C   1 
ATOM   86   O O   . THR A 1 15  ? -5.959  3.994   -16.446 1.00 14.74 ? 2803 THR A O   1 
ATOM   87   C CB  . THR A 1 15  ? -6.149  6.676   -18.485 1.00 16.71 ? 2803 THR A CB  1 
ATOM   88   O OG1 . THR A 1 15  ? -4.750  6.463   -18.240 1.00 16.83 ? 2803 THR A OG1 1 
ATOM   89   C CG2 . THR A 1 15  ? -6.460  8.181   -18.504 1.00 17.18 ? 2803 THR A CG2 1 
ATOM   90   N N   . GLU A 1 16  ? -6.887  3.768   -18.487 1.00 17.38 ? 2804 GLU A N   1 
ATOM   91   C CA  . GLU A 1 16  ? -6.432  2.372   -18.615 1.00 18.60 ? 2804 GLU A CA  1 
ATOM   92   C C   . GLU A 1 16  ? -4.901  2.242   -18.647 1.00 18.28 ? 2804 GLU A C   1 
ATOM   93   O O   . GLU A 1 16  ? -4.353  1.300   -18.068 1.00 17.38 ? 2804 GLU A O   1 
ATOM   94   C CB  . GLU A 1 16  ? -7.093  1.646   -19.805 1.00 20.35 ? 2804 GLU A CB  1 
ATOM   95   C CG  . GLU A 1 16  ? -8.505  1.136   -19.507 1.00 22.07 ? 2804 GLU A CG  1 
ATOM   96   C CD  . GLU A 1 16  ? -8.553  0.008   -18.472 1.00 23.67 ? 2804 GLU A CD  1 
ATOM   97   O OE1 . GLU A 1 16  ? -7.824  -0.996  -18.620 1.00 26.04 ? 2804 GLU A OE1 1 
ATOM   98   O OE2 . GLU A 1 16  ? -9.336  0.113   -17.501 1.00 25.91 ? 2804 GLU A OE2 1 
ATOM   99   N N   . LYS A 1 17  ? -4.218  3.202   -19.272 1.00 18.52 ? 2805 LYS A N   1 
ATOM   100  C CA  . LYS A 1 17  ? -2.755  3.237   -19.256 1.00 19.33 ? 2805 LYS A CA  1 
ATOM   101  C C   . LYS A 1 17  ? -2.218  3.438   -17.832 1.00 17.56 ? 2805 LYS A C   1 
ATOM   102  O O   . LYS A 1 17  ? -1.279  2.760   -17.426 1.00 17.63 ? 2805 LYS A O   1 
ATOM   103  C CB  . LYS A 1 17  ? -2.219  4.319   -20.192 1.00 21.29 ? 2805 LYS A CB  1 
ATOM   104  C CG  . LYS A 1 17  ? -0.746  4.153   -20.526 1.00 23.56 ? 2805 LYS A CG  1 
ATOM   105  C CD  . LYS A 1 17  ? -0.207  5.294   -21.381 1.00 25.27 ? 2805 LYS A CD  1 
ATOM   106  C CE  . LYS A 1 17  ? -0.864  5.378   -22.752 1.00 26.52 ? 2805 LYS A CE  1 
ATOM   107  N NZ  . LYS A 1 17  ? -1.917  6.433   -22.819 1.00 27.77 ? 2805 LYS A NZ  1 
ATOM   108  N N   . ASP A 1 18  ? -2.828  4.347   -17.074 1.00 16.01 ? 2806 ASP A N   1 
ATOM   109  C CA  . ASP A 1 18  ? -2.489  4.500   -15.656 1.00 15.12 ? 2806 ASP A CA  1 
ATOM   110  C C   . ASP A 1 18  ? -2.633  3.166   -14.899 1.00 14.11 ? 2806 ASP A C   1 
ATOM   111  O O   . ASP A 1 18  ? -1.772  2.822   -14.070 1.00 13.29 ? 2806 ASP A O   1 
ATOM   112  C CB  . ASP A 1 18  ? -3.377  5.556   -14.972 1.00 15.01 ? 2806 ASP A CB  1 
ATOM   113  C CG  . ASP A 1 18  ? -3.062  6.991   -15.397 1.00 15.50 ? 2806 ASP A CG  1 
ATOM   114  O OD1 . ASP A 1 18  ? -1.883  7.326   -15.638 1.00 16.82 ? 2806 ASP A OD1 1 
ATOM   115  O OD2 . ASP A 1 18  ? -4.010  7.792   -15.436 1.00 15.38 ? 2806 ASP A OD2 1 
ATOM   116  N N   . TYR A 1 19  ? -3.714  2.421   -15.174 1.00 13.89 ? 2807 TYR A N   1 
ATOM   117  C CA  . TYR A 1 19  ? -3.967  1.140   -14.483 1.00 14.17 ? 2807 TYR A CA  1 
ATOM   118  C C   . TYR A 1 19  ? -2.910  0.073   -14.762 1.00 14.96 ? 2807 TYR A C   1 
ATOM   119  O O   . TYR A 1 19  ? -2.580  -0.707  -13.867 1.00 14.86 ? 2807 TYR A O   1 
ATOM   120  C CB  . TYR A 1 19  ? -5.396  0.609   -14.735 1.00 13.43 ? 2807 TYR A CB  1 
ATOM   121  C CG  . TYR A 1 19  ? -6.333  0.904   -13.589 1.00 12.89 ? 2807 TYR A CG  1 
ATOM   122  C CD1 . TYR A 1 19  ? -7.088  2.076   -13.546 1.00 12.81 ? 2807 TYR A CD1 1 
ATOM   123  C CD2 . TYR A 1 19  ? -6.432  0.022   -12.519 1.00 13.25 ? 2807 TYR A CD2 1 
ATOM   124  C CE1 . TYR A 1 19  ? -7.937  2.347   -12.476 1.00 12.77 ? 2807 TYR A CE1 1 
ATOM   125  C CE2 . TYR A 1 19  ? -7.265  0.283   -11.449 1.00 13.10 ? 2807 TYR A CE2 1 
ATOM   126  C CZ  . TYR A 1 19  ? -8.010  1.443   -11.420 1.00 13.03 ? 2807 TYR A CZ  1 
ATOM   127  O OH  . TYR A 1 19  ? -8.827  1.649   -10.338 1.00 13.32 ? 2807 TYR A OH  1 
ATOM   128  N N   . GLU A 1 20  ? -2.357  0.051   -15.972 1.00 16.81 ? 2808 GLU A N   1 
ATOM   129  C CA  . GLU A 1 20  ? -1.223  -0.839  -16.255 1.00 18.11 ? 2808 GLU A CA  1 
ATOM   130  C C   . GLU A 1 20  ? -0.005  -0.509  -15.380 1.00 16.98 ? 2808 GLU A C   1 
ATOM   131  O O   . GLU A 1 20  ? 0.673   -1.419  -14.900 1.00 17.24 ? 2808 GLU A O   1 
ATOM   132  C CB  . GLU A 1 20  ? -0.857  -0.824  -17.746 1.00 20.86 ? 2808 GLU A CB  1 
ATOM   133  C CG  . GLU A 1 20  ? -1.916  -1.465  -18.640 1.00 23.40 ? 2808 GLU A CG  1 
ATOM   134  C CD  . GLU A 1 20  ? -2.092  -2.956  -18.387 1.00 25.70 ? 2808 GLU A CD  1 
ATOM   135  O OE1 . GLU A 1 20  ? -1.092  -3.705  -18.460 1.00 28.74 ? 2808 GLU A OE1 1 
ATOM   136  O OE2 . GLU A 1 20  ? -3.236  -3.389  -18.122 1.00 28.81 ? 2808 GLU A OE2 1 
ATOM   137  N N   . GLY A 1 21  ? 0.247   0.780   -15.143 1.00 15.67 ? 2809 GLY A N   1 
ATOM   138  C CA  . GLY A 1 21  ? 1.299   1.219   -14.226 1.00 14.97 ? 2809 GLY A CA  1 
ATOM   139  C C   . GLY A 1 21  ? 1.037   0.877   -12.766 1.00 14.23 ? 2809 GLY A C   1 
ATOM   140  O O   . GLY A 1 21  ? 1.964   0.490   -12.045 1.00 14.61 ? 2809 GLY A O   1 
ATOM   141  N N   . LEU A 1 22  ? -0.208  1.042   -12.310 1.00 13.79 ? 2810 LEU A N   1 
ATOM   142  C CA  . LEU A 1 22  ? -0.585  0.674   -10.934 1.00 13.73 ? 2810 LEU A CA  1 
ATOM   143  C C   . LEU A 1 22  ? -0.399  -0.817  -10.686 1.00 13.03 ? 2810 LEU A C   1 
ATOM   144  O O   . LEU A 1 22  ? 0.046   -1.213  -9.609  1.00 12.35 ? 2810 LEU A O   1 
ATOM   145  C CB  . LEU A 1 22  ? -2.035  1.059   -10.607 1.00 14.65 ? 2810 LEU A CB  1 
ATOM   146  C CG  . LEU A 1 22  ? -2.421  2.542   -10.567 1.00 15.41 ? 2810 LEU A CG  1 
ATOM   147  C CD1 . LEU A 1 22  ? -3.861  2.673   -10.094 1.00 15.91 ? 2810 LEU A CD1 1 
ATOM   148  C CD2 . LEU A 1 22  ? -1.484  3.364   -9.698  1.00 15.96 ? 2810 LEU A CD2 1 
ATOM   149  N N   . LYS A 1 23  ? -0.756  -1.647  -11.668 1.00 14.04 ? 2811 LYS A N   1 
ATOM   150  C CA  . LYS A 1 23  ? -0.542  -3.097  -11.537 1.00 14.70 ? 2811 LYS A CA  1 
ATOM   151  C C   . LYS A 1 23  ? 0.929   -3.437  -11.357 1.00 14.57 ? 2811 LYS A C   1 
ATOM   152  O O   . LYS A 1 23  ? 1.267   -4.291  -10.544 1.00 14.00 ? 2811 LYS A O   1 
ATOM   153  C CB  . LYS A 1 23  ? -1.077  -3.852  -12.751 1.00 16.20 ? 2811 LYS A CB  1 
ATOM   154  C CG  . LYS A 1 23  ? -2.585  -3.839  -12.873 1.00 17.69 ? 2811 LYS A CG  1 
ATOM   155  C CD  . LYS A 1 23  ? -2.957  -4.235  -14.290 1.00 20.58 ? 2811 LYS A CD  1 
ATOM   156  C CE  . LYS A 1 23  ? -4.347  -3.776  -14.662 1.00 22.52 ? 2811 LYS A CE  1 
ATOM   157  N NZ  . LYS A 1 23  ? -4.674  -4.138  -16.069 1.00 24.46 ? 2811 LYS A NZ  1 
ATOM   158  N N   . ARG A 1 24  ? 1.785   -2.760  -12.116 1.00 14.55 ? 2812 ARG A N   1 
ATOM   159  C CA  . ARG A 1 24  ? 3.239   -2.955  -12.020 1.00 15.42 ? 2812 ARG A CA  1 
ATOM   160  C C   . ARG A 1 24  ? 3.768   -2.551  -10.643 1.00 13.91 ? 2812 ARG A C   1 
ATOM   161  O O   . ARG A 1 24  ? 4.583   -3.272  -10.061 1.00 13.92 ? 2812 ARG A O   1 
ATOM   162  C CB  . ARG A 1 24  ? 3.962   -2.170  -13.119 1.00 17.72 ? 2812 ARG A CB  1 
ATOM   163  C CG  . ARG A 1 24  ? 5.489   -2.200  -13.052 1.00 20.41 ? 2812 ARG A CG  1 
ATOM   164  C CD  . ARG A 1 24  ? 6.118   -1.116  -13.928 1.00 22.34 ? 2812 ARG A CD  1 
ATOM   165  N NE  . ARG A 1 24  ? 6.362   -1.584  -15.292 1.00 23.88 ? 2812 ARG A NE  1 
ATOM   166  C CZ  . ARG A 1 24  ? 6.929   -0.864  -16.264 1.00 24.64 ? 2812 ARG A CZ  1 
ATOM   167  N NH1 . ARG A 1 24  ? 7.113   -1.419  -17.458 1.00 25.39 ? 2812 ARG A NH1 1 
ATOM   168  N NH2 . ARG A 1 24  ? 7.293   0.404   -16.068 1.00 26.07 ? 2812 ARG A NH2 1 
ATOM   169  N N   . VAL A 1 25  ? 3.307   -1.407  -10.130 1.00 13.00 ? 2813 VAL A N   1 
ATOM   170  C CA  . VAL A 1 25  ? 3.724   -0.931  -8.793  1.00 12.40 ? 2813 VAL A CA  1 
ATOM   171  C C   . VAL A 1 25  ? 3.338   -1.953  -7.719  1.00 11.76 ? 2813 VAL A C   1 
ATOM   172  O O   . VAL A 1 25  ? 4.157   -2.344  -6.872  1.00 11.00 ? 2813 VAL A O   1 
ATOM   173  C CB  . VAL A 1 25  ? 3.132   0.478   -8.469  1.00 12.41 ? 2813 VAL A CB  1 
ATOM   174  C CG1 . VAL A 1 25  ? 3.335   0.859   -7.005  1.00 12.68 ? 2813 VAL A CG1 1 
ATOM   175  C CG2 . VAL A 1 25  ? 3.738   1.547   -9.384  1.00 12.93 ? 2813 VAL A CG2 1 
ATOM   176  N N   . LEU A 1 26  ? 2.087   -2.395  -7.776  1.00 11.49 ? 2814 LEU A N   1 
ATOM   177  C CA  . LEU A 1 26  ? 1.576   -3.353  -6.804  1.00 11.75 ? 2814 LEU A CA  1 
ATOM   178  C C   . LEU A 1 26  ? 2.363   -4.675  -6.809  1.00 11.43 ? 2814 LEU A C   1 
ATOM   179  O O   . LEU A 1 26  ? 2.724   -5.183  -5.740  1.00 11.12 ? 2814 LEU A O   1 
ATOM   180  C CB  . LEU A 1 26  ? 0.085   -3.601  -7.029  1.00 12.80 ? 2814 LEU A CB  1 
ATOM   181  C CG  . LEU A 1 26  ? -0.630  -4.452  -5.974  1.00 13.10 ? 2814 LEU A CG  1 
ATOM   182  C CD1 . LEU A 1 26  ? -0.457  -3.926  -4.551  1.00 13.85 ? 2814 LEU A CD1 1 
ATOM   183  C CD2 . LEU A 1 26  ? -2.100  -4.525  -6.322  1.00 13.60 ? 2814 LEU A CD2 1 
ATOM   184  N N   A ARG A 1 27  ? 2.647   -5.211  -7.996  0.25 11.66 ? 2815 ARG A N   1 
ATOM   185  N N   B ARG A 1 27  ? 2.637   -5.207  -7.999  0.25 11.48 ? 2815 ARG A N   1 
ATOM   186  C CA  A ARG A 1 27  ? 3.407   -6.460  -8.103  0.25 12.06 ? 2815 ARG A CA  1 
ATOM   187  C CA  B ARG A 1 27  ? 3.385   -6.459  -8.131  0.25 11.75 ? 2815 ARG A CA  1 
ATOM   188  C C   A ARG A 1 27  ? 4.845   -6.319  -7.585  0.25 11.95 ? 2815 ARG A C   1 
ATOM   189  C C   B ARG A 1 27  ? 4.819   -6.330  -7.614  0.25 11.39 ? 2815 ARG A C   1 
ATOM   190  O O   A ARG A 1 27  ? 5.385   -7.259  -7.001  0.25 11.77 ? 2815 ARG A O   1 
ATOM   191  O O   B ARG A 1 27  ? 5.366   -7.279  -7.053  0.25 11.21 ? 2815 ARG A O   1 
ATOM   192  C CB  A ARG A 1 27  ? 3.401   -6.977  -9.542  0.25 12.58 ? 2815 ARG A CB  1 
ATOM   193  C CB  B ARG A 1 27  ? 3.373   -6.927  -9.587  0.25 12.38 ? 2815 ARG A CB  1 
ATOM   194  C CG  A ARG A 1 27  ? 2.086   -7.622  -9.957  0.25 12.96 ? 2815 ARG A CG  1 
ATOM   195  C CG  B ARG A 1 27  ? 2.020   -7.471  -10.001 0.25 12.86 ? 2815 ARG A CG  1 
ATOM   196  C CD  A ARG A 1 27  ? 2.256   -8.374  -11.264 0.25 13.30 ? 2815 ARG A CD  1 
ATOM   197  C CD  B ARG A 1 27  ? 1.897   -7.696  -11.496 0.25 13.38 ? 2815 ARG A CD  1 
ATOM   198  N NE  A ARG A 1 27  ? 2.977   -7.545  -12.220 0.25 13.64 ? 2815 ARG A NE  1 
ATOM   199  N NE  B ARG A 1 27  ? 0.584   -8.248  -11.802 0.25 13.72 ? 2815 ARG A NE  1 
ATOM   200  C CZ  A ARG A 1 27  ? 2.414   -6.927  -13.251 0.25 13.80 ? 2815 ARG A CZ  1 
ATOM   201  C CZ  B ARG A 1 27  ? -0.013  -8.153  -12.980 0.25 14.03 ? 2815 ARG A CZ  1 
ATOM   202  N NH1 A ARG A 1 27  ? 1.117   -7.063  -13.487 0.25 13.99 ? 2815 ARG A NH1 1 
ATOM   203  N NH1 B ARG A 1 27  ? 0.581   -7.520  -13.979 0.25 14.19 ? 2815 ARG A NH1 1 
ATOM   204  N NH2 A ARG A 1 27  ? 3.156   -6.179  -14.053 0.25 14.04 ? 2815 ARG A NH2 1 
ATOM   205  N NH2 B ARG A 1 27  ? -1.213  -8.687  -13.148 0.25 14.21 ? 2815 ARG A NH2 1 
ATOM   206  N N   A SER A 1 28  ? 5.450   -5.146  -7.780  0.38 12.02 ? 2816 SER A N   1 
ATOM   207  N N   B SER A 1 28  ? 5.404   -5.148  -7.784  0.12 11.19 ? 2816 SER A N   1 
ATOM   208  C CA  A SER A 1 28  ? 6.790   -4.880  -7.244  0.38 12.37 ? 2816 SER A CA  1 
ATOM   209  C CA  B SER A 1 28  ? 6.755   -4.882  -7.297  0.12 11.15 ? 2816 SER A CA  1 
ATOM   210  C C   A SER A 1 28  ? 6.802   -4.971  -5.715  0.38 11.87 ? 2816 SER A C   1 
ATOM   211  C C   B SER A 1 28  ? 6.789   -4.886  -5.764  0.12 11.20 ? 2816 SER A C   1 
ATOM   212  O O   A SER A 1 28  ? 7.711   -5.550  -5.120  0.38 11.87 ? 2816 SER A O   1 
ATOM   213  O O   B SER A 1 28  ? 7.753   -5.356  -5.159  0.12 11.23 ? 2816 SER A O   1 
ATOM   214  C CB  A SER A 1 28  ? 7.287   -3.494  -7.671  0.38 13.01 ? 2816 SER A CB  1 
ATOM   215  C CB  B SER A 1 28  ? 7.266   -3.547  -7.854  0.12 11.04 ? 2816 SER A CB  1 
ATOM   216  O OG  A SER A 1 28  ? 7.532   -3.422  -9.060  0.38 14.37 ? 2816 SER A OG  1 
ATOM   217  O OG  B SER A 1 28  ? 6.909   -2.458  -7.022  0.12 10.72 ? 2816 SER A OG  1 
ATOM   218  N N   A LEU A 1 29  ? 5.791   -4.385  -5.076  0.25 11.72 ? 2817 LEU A N   1 
ATOM   219  N N   B LEU A 1 29  ? 5.731   -4.368  -5.140  0.25 11.35 ? 2817 LEU A N   1 
ATOM   220  C CA  A LEU A 1 29  ? 5.681   -4.459  -3.621  0.25 11.76 ? 2817 LEU A CA  1 
ATOM   221  C CA  B LEU A 1 29  ? 5.602   -4.406  -3.682  0.25 11.64 ? 2817 LEU A CA  1 
ATOM   222  C C   A LEU A 1 29  ? 5.405   -5.880  -3.148  0.25 11.56 ? 2817 LEU A C   1 
ATOM   223  C C   B LEU A 1 29  ? 5.392   -5.840  -3.172  0.25 11.52 ? 2817 LEU A C   1 
ATOM   224  O O   A LEU A 1 29  ? 6.004   -6.329  -2.169  0.25 11.67 ? 2817 LEU A O   1 
ATOM   225  O O   B LEU A 1 29  ? 6.023   -6.254  -2.198  0.25 11.68 ? 2817 LEU A O   1 
ATOM   226  C CB  A LEU A 1 29  ? 4.606   -3.510  -3.092  0.25 11.80 ? 2817 LEU A CB  1 
ATOM   227  C CB  B LEU A 1 29  ? 4.456   -3.496  -3.221  0.25 11.88 ? 2817 LEU A CB  1 
ATOM   228  C CG  A LEU A 1 29  ? 5.146   -2.188  -2.550  0.25 11.87 ? 2817 LEU A CG  1 
ATOM   229  C CG  B LEU A 1 29  ? 4.748   -1.996  -3.062  0.25 12.10 ? 2817 LEU A CG  1 
ATOM   230  C CD1 A LEU A 1 29  ? 5.607   -1.284  -3.677  0.25 11.88 ? 2817 LEU A CD1 1 
ATOM   231  C CD1 B LEU A 1 29  ? 5.511   -1.744  -1.776  0.25 12.30 ? 2817 LEU A CD1 1 
ATOM   232  C CD2 A LEU A 1 29  ? 4.087   -1.500  -1.713  0.25 11.94 ? 2817 LEU A CD2 1 
ATOM   233  C CD2 B LEU A 1 29  ? 5.508   -1.422  -4.245  0.25 12.22 ? 2817 LEU A CD2 1 
ATOM   234  N N   . GLN A 1 30  ? 4.509   -6.591  -3.837  1.00 11.52 ? 2818 GLN A N   1 
ATOM   235  C CA  . GLN A 1 30  ? 4.218   -8.007  -3.481  1.00 11.54 ? 2818 GLN A CA  1 
ATOM   236  C C   . GLN A 1 30  ? 5.448   -8.946  -3.576  1.00 11.44 ? 2818 GLN A C   1 
ATOM   237  O O   . GLN A 1 30  ? 5.528   -9.936  -2.849  1.00 12.60 ? 2818 GLN A O   1 
ATOM   238  C CB  . GLN A 1 30  ? 3.064   -8.558  -4.321  1.00 11.48 ? 2818 GLN A CB  1 
ATOM   239  C CG  . GLN A 1 30  ? 1.708   -7.934  -3.990  1.00 11.48 ? 2818 GLN A CG  1 
ATOM   240  C CD  . GLN A 1 30  ? 0.647   -8.262  -5.018  1.00 11.57 ? 2818 GLN A CD  1 
ATOM   241  O OE1 . GLN A 1 30  ? 0.903   -8.212  -6.217  1.00 12.23 ? 2818 GLN A OE1 1 
ATOM   242  N NE2 . GLN A 1 30  ? -0.556  -8.592  -4.551  1.00 11.74 ? 2818 GLN A NE2 1 
ATOM   243  N N   . ALA A 1 31  ? 6.407   -8.587  -4.441  1.00 11.14 ? 2819 ALA A N   1 
ATOM   244  C CA  . ALA A 1 31  ? 7.676   -9.325  -4.631  1.00 11.72 ? 2819 ALA A CA  1 
ATOM   245  C C   . ALA A 1 31  ? 8.818   -8.931  -3.684  1.00 11.97 ? 2819 ALA A C   1 
ATOM   246  O O   . ALA A 1 31  ? 9.860   -9.605  -3.664  1.00 12.48 ? 2819 ALA A O   1 
ATOM   247  C CB  . ALA A 1 31  ? 8.146   -9.168  -6.072  1.00 11.89 ? 2819 ALA A CB  1 
ATOM   248  N N   . HIS A 1 32  ? 8.645   -7.861  -2.907  1.00 11.63 ? 2820 HIS A N   1 
ATOM   249  C CA  . HIS A 1 32  ? 9.714   -7.356  -2.023  1.00 11.64 ? 2820 HIS A CA  1 
ATOM   250  C C   . HIS A 1 32  ? 9.905   -8.307  -0.835  1.00 12.34 ? 2820 HIS A C   1 
ATOM   251  O O   . HIS A 1 32  ? 8.928   -8.810  -0.279  1.00 12.38 ? 2820 HIS A O   1 
ATOM   252  C CB  . HIS A 1 32  ? 9.363   -5.945  -1.527  1.00 11.45 ? 2820 HIS A CB  1 
ATOM   253  C CG  . HIS A 1 32  ? 10.521  -5.201  -0.923  1.00 11.43 ? 2820 HIS A CG  1 
ATOM   254  N ND1 . HIS A 1 32  ? 10.972  -5.423  0.357   1.00 12.03 ? 2820 HIS A ND1 1 
ATOM   255  C CD2 . HIS A 1 32  ? 11.306  -4.220  -1.427  1.00 11.63 ? 2820 HIS A CD2 1 
ATOM   256  C CE1 . HIS A 1 32  ? 12.007  -4.636  0.607   1.00 11.67 ? 2820 HIS A CE1 1 
ATOM   257  N NE2 . HIS A 1 32  ? 12.225  -3.892  -0.460  1.00 11.72 ? 2820 HIS A NE2 1 
ATOM   258  N N   . LYS A 1 33  ? 11.154  -8.554  -0.424  1.00 13.32 ? 2821 LYS A N   1 
ATOM   259  C CA  . LYS A 1 33  ? 11.419  -9.500  0.676   1.00 14.89 ? 2821 LYS A CA  1 
ATOM   260  C C   . LYS A 1 33  ? 10.749  -9.146  2.022   1.00 14.42 ? 2821 LYS A C   1 
ATOM   261  O O   . LYS A 1 33  ? 10.393  -10.041 2.781   1.00 15.81 ? 2821 LYS A O   1 
ATOM   262  C CB  . LYS A 1 33  ? 12.934  -9.687  0.899   1.00 16.91 ? 2821 LYS A CB  1 
ATOM   263  C CG  . LYS A 1 33  ? 13.297  -10.796 1.889   1.00 19.58 ? 2821 LYS A CG  1 
ATOM   264  C CD  . LYS A 1 33  ? 14.787  -10.891 2.185   1.00 22.03 ? 2821 LYS A CD  1 
ATOM   265  C CE  . LYS A 1 33  ? 15.584  -11.494 1.042   1.00 23.86 ? 2821 LYS A CE  1 
ATOM   266  N NZ  . LYS A 1 33  ? 16.904  -11.976 1.533   1.00 25.52 ? 2821 LYS A NZ  1 
ATOM   267  N N   . MET A 1 34  ? 10.621  -7.850  2.301   0.50 14.51 ? 2822 MET A N   1 
ATOM   268  C CA  . MET A 1 34  ? 9.993   -7.342  3.529   0.50 14.47 ? 2822 MET A CA  1 
ATOM   269  C C   . MET A 1 34  ? 8.472   -7.141  3.451   0.50 14.04 ? 2822 MET A C   1 
ATOM   270  O O   . MET A 1 34  ? 7.877   -6.600  4.388   0.50 13.94 ? 2822 MET A O   1 
ATOM   271  C CB  . MET A 1 34  ? 10.662  -6.025  3.932   0.50 14.98 ? 2822 MET A CB  1 
ATOM   272  C CG  . MET A 1 34  ? 12.166  -6.143  4.116   0.50 15.45 ? 2822 MET A CG  1 
ATOM   273  S SD  . MET A 1 34  ? 12.629  -7.151  5.539   0.50 16.07 ? 2822 MET A SD  1 
ATOM   274  C CE  . MET A 1 34  ? 11.791  -8.697  5.213   0.50 16.33 ? 2822 MET A CE  1 
ATOM   275  N N   . ALA A 1 35  ? 7.836   -7.593  2.367   1.00 13.64 ? 2823 ALA A N   1 
ATOM   276  C CA  . ALA A 1 35  ? 6.357   -7.477  2.214   1.00 12.99 ? 2823 ALA A CA  1 
ATOM   277  C C   . ALA A 1 35  ? 5.571   -8.598  2.896   1.00 12.67 ? 2823 ALA A C   1 
ATOM   278  O O   . ALA A 1 35  ? 4.339   -8.522  2.973   1.00 11.40 ? 2823 ALA A O   1 
ATOM   279  C CB  . ALA A 1 35  ? 5.984   -7.408  0.764   1.00 12.98 ? 2823 ALA A CB  1 
ATOM   280  N N   . TRP A 1 36  ? 6.256   -9.637  3.391   1.00 13.45 ? 2824 TRP A N   1 
ATOM   281  C CA  . TRP A 1 36  ? 5.573   -10.788 3.995   1.00 14.94 ? 2824 TRP A CA  1 
ATOM   282  C C   . TRP A 1 36  ? 4.481   -10.473 5.046   1.00 14.21 ? 2824 TRP A C   1 
ATOM   283  O O   . TRP A 1 36  ? 3.464   -11.142 5.022   1.00 14.37 ? 2824 TRP A O   1 
ATOM   284  C CB  . TRP A 1 36  ? 6.567   -11.838 4.557   1.00 17.28 ? 2824 TRP A CB  1 
ATOM   285  C CG  . TRP A 1 36  ? 7.329   -12.621 3.499   1.00 20.77 ? 2824 TRP A CG  1 
ATOM   286  C CD1 . TRP A 1 36  ? 8.653   -12.528 3.234   1.00 22.49 ? 2824 TRP A CD1 1 
ATOM   287  C CD2 . TRP A 1 36  ? 6.806   -13.598 2.580   1.00 22.65 ? 2824 TRP A CD2 1 
ATOM   288  N NE1 . TRP A 1 36  ? 9.003   -13.373 2.213   1.00 24.49 ? 2824 TRP A NE1 1 
ATOM   289  C CE2 . TRP A 1 36  ? 7.890   -14.047 1.793   1.00 23.68 ? 2824 TRP A CE2 1 
ATOM   290  C CE3 . TRP A 1 36  ? 5.536   -14.142 2.349   1.00 22.86 ? 2824 TRP A CE3 1 
ATOM   291  C CZ2 . TRP A 1 36  ? 7.741   -15.011 0.784   1.00 24.40 ? 2824 TRP A CZ2 1 
ATOM   292  C CZ3 . TRP A 1 36  ? 5.386   -15.097 1.344   1.00 24.01 ? 2824 TRP A CZ3 1 
ATOM   293  C CH2 . TRP A 1 36  ? 6.486   -15.522 0.577   1.00 24.29 ? 2824 TRP A CH2 1 
ATOM   294  N N   . PRO A 1 37  ? 4.656   -9.448  5.925   1.00 13.40 ? 2825 PRO A N   1 
ATOM   295  C CA  . PRO A 1 37  ? 3.549   -9.203  6.881   1.00 12.91 ? 2825 PRO A CA  1 
ATOM   296  C C   . PRO A 1 37  ? 2.232   -8.670  6.273   1.00 11.83 ? 2825 PRO A C   1 
ATOM   297  O O   . PRO A 1 37  ? 1.193   -8.705  6.939   1.00 11.78 ? 2825 PRO A O   1 
ATOM   298  C CB  . PRO A 1 37  ? 4.115   -8.122  7.818   1.00 13.42 ? 2825 PRO A CB  1 
ATOM   299  C CG  . PRO A 1 37  ? 5.579   -8.053  7.564   1.00 13.39 ? 2825 PRO A CG  1 
ATOM   300  C CD  . PRO A 1 37  ? 5.769   -8.505  6.146   1.00 13.61 ? 2825 PRO A CD  1 
ATOM   301  N N   . PHE A 1 38  ? 2.295   -8.177  5.032   1.00 10.38 ? 2826 PHE A N   1 
ATOM   302  C CA  . PHE A 1 38  ? 1.249   -7.328  4.434   1.00 10.38 ? 2826 PHE A CA  1 
ATOM   303  C C   . PHE A 1 38  ? 0.549   -7.966  3.238   1.00 10.41 ? 2826 PHE A C   1 
ATOM   304  O O   . PHE A 1 38  ? -0.354  -7.347  2.658   1.00 10.40 ? 2826 PHE A O   1 
ATOM   305  C CB  . PHE A 1 38  ? 1.861   -5.976  3.981   1.00 10.64 ? 2826 PHE A CB  1 
ATOM   306  C CG  . PHE A 1 38  ? 2.716   -5.299  5.031   1.00 10.72 ? 2826 PHE A CG  1 
ATOM   307  C CD1 . PHE A 1 38  ? 2.151   -4.897  6.239   1.00 10.40 ? 2826 PHE A CD1 1 
ATOM   308  C CD2 . PHE A 1 38  ? 4.095   -5.088  4.832   1.00 11.14 ? 2826 PHE A CD2 1 
ATOM   309  C CE1 . PHE A 1 38  ? 2.925   -4.300  7.220   1.00 10.66 ? 2826 PHE A CE1 1 
ATOM   310  C CE2 . PHE A 1 38  ? 4.870   -4.485  5.813   1.00 11.56 ? 2826 PHE A CE2 1 
ATOM   311  C CZ  . PHE A 1 38  ? 4.279   -4.081  7.009   1.00 10.98 ? 2826 PHE A CZ  1 
ATOM   312  N N   . LEU A 1 39  ? 0.951   -9.183  2.853   1.00 10.59 ? 2827 LEU A N   1 
ATOM   313  C CA  . LEU A 1 39  ? 0.431   -9.801  1.619   1.00 10.73 ? 2827 LEU A CA  1 
ATOM   314  C C   . LEU A 1 39  ? -1.058  -10.156 1.699   1.00 11.03 ? 2827 LEU A C   1 
ATOM   315  O O   . LEU A 1 39  ? -1.773  -10.057 0.688   1.00 12.58 ? 2827 LEU A O   1 
ATOM   316  C CB  . LEU A 1 39  ? 1.235   -11.061 1.249   1.00 10.93 ? 2827 LEU A CB  1 
ATOM   317  C CG  . LEU A 1 39  ? 2.709   -10.888 0.860   1.00 11.25 ? 2827 LEU A CG  1 
ATOM   318  C CD1 . LEU A 1 39  ? 3.347   -12.255 0.619   1.00 11.68 ? 2827 LEU A CD1 1 
ATOM   319  C CD2 . LEU A 1 39  ? 2.874   -9.994  -0.359  1.00 11.82 ? 2827 LEU A CD2 1 
ATOM   320  N N   . GLU A 1 40  ? -1.505  -10.567 2.886   1.00 11.43 ? 2828 GLU A N   1 
ATOM   321  C CA  . GLU A 1 40  ? -2.891  -11.001 3.132   1.00 12.18 ? 2828 GLU A CA  1 
ATOM   322  C C   . GLU A 1 40  ? -3.420  -10.328 4.408   1.00 11.58 ? 2828 GLU A C   1 
ATOM   323  O O   . GLU A 1 40  ? -2.621  -9.825  5.200   1.00 10.65 ? 2828 GLU A O   1 
ATOM   324  C CB  . GLU A 1 40  ? -2.939  -12.535 3.281   1.00 13.97 ? 2828 GLU A CB  1 
ATOM   325  C CG  . GLU A 1 40  ? -2.473  -13.345 2.063   1.00 15.74 ? 2828 GLU A CG  1 
ATOM   326  C CD  . GLU A 1 40  ? -3.453  -13.357 0.900   1.00 17.87 ? 2828 GLU A CD  1 
ATOM   327  O OE1 . GLU A 1 40  ? -4.674  -13.285 1.140   1.00 20.42 ? 2828 GLU A OE1 1 
ATOM   328  O OE2 . GLU A 1 40  ? -3.008  -13.464 -0.271  1.00 20.72 ? 2828 GLU A OE2 1 
ATOM   329  N N   . PRO A 1 41  ? -4.760  -10.329 4.614   1.00 11.96 ? 2829 PRO A N   1 
ATOM   330  C CA  . PRO A 1 41  ? -5.286  -9.749  5.864   1.00 12.07 ? 2829 PRO A CA  1 
ATOM   331  C C   . PRO A 1 41  ? -4.657  -10.345 7.136   1.00 12.08 ? 2829 PRO A C   1 
ATOM   332  O O   . PRO A 1 41  ? -4.297  -11.536 7.150   1.00 12.24 ? 2829 PRO A O   1 
ATOM   333  C CB  . PRO A 1 41  ? -6.783  -10.089 5.803   1.00 12.68 ? 2829 PRO A CB  1 
ATOM   334  C CG  . PRO A 1 41  ? -7.088  -10.188 4.372   1.00 13.13 ? 2829 PRO A CG  1 
ATOM   335  C CD  . PRO A 1 41  ? -5.858  -10.761 3.722   1.00 12.85 ? 2829 PRO A CD  1 
ATOM   336  N N   . VAL A 1 42  ? -4.529  -9.540  8.189   1.00 12.55 ? 2830 VAL A N   1 
ATOM   337  C CA  . VAL A 1 42  ? -4.039  -10.029 9.478   1.00 13.42 ? 2830 VAL A CA  1 
ATOM   338  C C   . VAL A 1 42  ? -4.929  -11.189 9.936   1.00 14.04 ? 2830 VAL A C   1 
ATOM   339  O O   . VAL A 1 42  ? -6.159  -11.119 9.836   1.00 13.66 ? 2830 VAL A O   1 
ATOM   340  C CB  . VAL A 1 42  ? -4.011  -8.894  10.537  1.00 13.17 ? 2830 VAL A CB  1 
ATOM   341  C CG1 . VAL A 1 42  ? -3.716  -9.440  11.937  1.00 13.26 ? 2830 VAL A CG1 1 
ATOM   342  C CG2 . VAL A 1 42  ? -2.994  -7.831  10.133  1.00 12.98 ? 2830 VAL A CG2 1 
ATOM   343  N N   . ASP A 1 43  ? -4.293  -12.272 10.395  1.00 15.24 ? 2831 ASP A N   1 
ATOM   344  C CA  . ASP A 1 43  ? -5.000  -13.464 10.898  1.00 16.33 ? 2831 ASP A CA  1 
ATOM   345  C C   . ASP A 1 43  ? -5.400  -13.200 12.352  1.00 17.07 ? 2831 ASP A C   1 
ATOM   346  O O   . ASP A 1 43  ? -4.522  -13.026 13.193  1.00 17.16 ? 2831 ASP A O   1 
ATOM   347  C CB  . ASP A 1 43  ? -4.088  -14.707 10.826  1.00 17.58 ? 2831 ASP A CB  1 
ATOM   348  C CG  . ASP A 1 43  ? -4.801  -16.009 11.215  1.00 18.59 ? 2831 ASP A CG  1 
ATOM   349  O OD1 . ASP A 1 43  ? -5.918  -15.978 11.779  1.00 19.14 ? 2831 ASP A OD1 1 
ATOM   350  O OD2 . ASP A 1 43  ? -4.226  -17.093 10.958  1.00 20.84 ? 2831 ASP A OD2 1 
ATOM   351  N N   . PRO A 1 44  ? -6.717  -13.178 12.659  1.00 17.61 ? 2832 PRO A N   1 
ATOM   352  C CA  . PRO A 1 44  ? -7.120  -12.948 14.053  1.00 18.21 ? 2832 PRO A CA  1 
ATOM   353  C C   . PRO A 1 44  ? -6.594  -13.976 15.081  1.00 18.56 ? 2832 PRO A C   1 
ATOM   354  O O   . PRO A 1 44  ? -6.416  -13.614 16.235  1.00 17.99 ? 2832 PRO A O   1 
ATOM   355  C CB  . PRO A 1 44  ? -8.654  -12.976 13.988  1.00 18.34 ? 2832 PRO A CB  1 
ATOM   356  C CG  . PRO A 1 44  ? -9.001  -12.750 12.565  1.00 18.77 ? 2832 PRO A CG  1 
ATOM   357  C CD  . PRO A 1 44  ? -7.882  -13.336 11.772  1.00 17.94 ? 2832 PRO A CD  1 
ATOM   358  N N   . ASN A 1 45  ? -6.348  -15.223 14.671  1.00 19.70 ? 2833 ASN A N   1 
ATOM   359  C CA  . ASN A 1 45  ? -5.718  -16.215 15.573  1.00 20.78 ? 2833 ASN A CA  1 
ATOM   360  C C   . ASN A 1 45  ? -4.284  -15.837 16.000  1.00 22.02 ? 2833 ASN A C   1 
ATOM   361  O O   . ASN A 1 45  ? -3.847  -16.238 17.082  1.00 22.60 ? 2833 ASN A O   1 
ATOM   362  C CB  . ASN A 1 45  ? -5.740  -17.638 14.970  1.00 21.75 ? 2833 ASN A CB  1 
ATOM   363  C CG  . ASN A 1 45  ? -7.077  -18.354 15.165  1.00 22.69 ? 2833 ASN A CG  1 
ATOM   364  O OD1 . ASN A 1 45  ? -7.773  -18.162 16.165  1.00 24.80 ? 2833 ASN A OD1 1 
ATOM   365  N ND2 . ASN A 1 45  ? -7.424  -19.204 14.212  1.00 24.46 ? 2833 ASN A ND2 1 
ATOM   366  N N   . ASP A 1 46  ? -3.565  -15.077 15.166  1.00 22.12 ? 2834 ASP A N   1 
ATOM   367  C CA  . ASP A 1 46  ? -2.244  -14.524 15.542  1.00 22.74 ? 2834 ASP A CA  1 
ATOM   368  C C   . ASP A 1 46  ? -2.343  -13.363 16.540  1.00 23.38 ? 2834 ASP A C   1 
ATOM   369  O O   . ASP A 1 46  ? -1.469  -13.204 17.393  1.00 23.47 ? 2834 ASP A O   1 
ATOM   370  C CB  . ASP A 1 46  ? -1.465  -14.015 14.312  1.00 23.72 ? 2834 ASP A CB  1 
ATOM   371  C CG  . ASP A 1 46  ? -1.111  -15.112 13.315  1.00 24.51 ? 2834 ASP A CG  1 
ATOM   372  O OD1 . ASP A 1 46  ? -1.224  -16.318 13.636  1.00 26.36 ? 2834 ASP A OD1 1 
ATOM   373  O OD2 . ASP A 1 46  ? -0.695  -14.754 12.190  1.00 25.06 ? 2834 ASP A OD2 1 
ATOM   374  N N   . ALA A 1 47  ? -3.381  -12.535 16.399  1.00 22.43 ? 2835 ALA A N   1 
ATOM   375  C CA  . ALA A 1 47  ? -3.572  -11.349 17.236  1.00 22.74 ? 2835 ALA A CA  1 
ATOM   376  C C   . ALA A 1 47  ? -5.066  -11.137 17.523  1.00 22.64 ? 2835 ALA A C   1 
ATOM   377  O O   . ALA A 1 47  ? -5.725  -10.383 16.794  1.00 21.20 ? 2835 ALA A O   1 
ATOM   378  C CB  . ALA A 1 47  ? -2.976  -10.130 16.544  1.00 22.98 ? 2835 ALA A CB  1 
ATOM   379  N N   . PRO A 1 48  ? -5.609  -11.804 18.576  1.00 22.58 ? 2836 PRO A N   1 
ATOM   380  C CA  . PRO A 1 48  ? -7.055  -11.723 18.874  1.00 22.63 ? 2836 PRO A CA  1 
ATOM   381  C C   . PRO A 1 48  ? -7.647  -10.325 19.129  1.00 22.20 ? 2836 PRO A C   1 
ATOM   382  O O   . PRO A 1 48  ? -8.856  -10.144 18.962  1.00 23.51 ? 2836 PRO A O   1 
ATOM   383  C CB  . PRO A 1 48  ? -7.222  -12.621 20.119  1.00 22.97 ? 2836 PRO A CB  1 
ATOM   384  C CG  . PRO A 1 48  ? -5.845  -12.967 20.575  1.00 23.40 ? 2836 PRO A CG  1 
ATOM   385  C CD  . PRO A 1 48  ? -4.959  -12.858 19.380  1.00 23.29 ? 2836 PRO A CD  1 
ATOM   386  N N   . ASP A 1 49  ? -6.820  -9.359  19.523  1.00 21.21 ? 2837 ASP A N   1 
ATOM   387  C CA  . ASP A 1 49  ? -7.279  -7.977  19.746  1.00 20.77 ? 2837 ASP A CA  1 
ATOM   388  C C   . ASP A 1 49  ? -7.121  -7.030  18.544  1.00 18.72 ? 2837 ASP A C   1 
ATOM   389  O O   . ASP A 1 49  ? -7.617  -5.901  18.599  1.00 19.75 ? 2837 ASP A O   1 
ATOM   390  C CB  . ASP A 1 49  ? -6.577  -7.367  20.967  1.00 22.30 ? 2837 ASP A CB  1 
ATOM   391  C CG  . ASP A 1 49  ? -5.105  -7.060  20.726  1.00 23.50 ? 2837 ASP A CG  1 
ATOM   392  O OD1 . ASP A 1 49  ? -4.482  -7.687  19.841  1.00 24.60 ? 2837 ASP A OD1 1 
ATOM   393  O OD2 . ASP A 1 49  ? -4.568  -6.193  21.445  1.00 25.77 ? 2837 ASP A OD2 1 
ATOM   394  N N   . TYR A 1 50  ? -6.436  -7.472  17.481  1.00 16.33 ? 2838 TYR A N   1 
ATOM   395  C CA  . TYR A 1 50  ? -6.097  -6.595  16.340  1.00 13.97 ? 2838 TYR A CA  1 
ATOM   396  C C   . TYR A 1 50  ? -7.305  -5.827  15.783  1.00 13.68 ? 2838 TYR A C   1 
ATOM   397  O O   . TYR A 1 50  ? -7.254  -4.603  15.638  1.00 13.00 ? 2838 TYR A O   1 
ATOM   398  C CB  . TYR A 1 50  ? -5.415  -7.388  15.204  1.00 13.10 ? 2838 TYR A CB  1 
ATOM   399  C CG  . TYR A 1 50  ? -4.887  -6.500  14.088  1.00 11.66 ? 2838 TYR A CG  1 
ATOM   400  C CD1 . TYR A 1 50  ? -3.610  -5.924  14.171  1.00 11.30 ? 2838 TYR A CD1 1 
ATOM   401  C CD2 . TYR A 1 50  ? -5.678  -6.204  12.975  1.00 11.25 ? 2838 TYR A CD2 1 
ATOM   402  C CE1 . TYR A 1 50  ? -3.129  -5.094  13.153  1.00 10.59 ? 2838 TYR A CE1 1 
ATOM   403  C CE2 . TYR A 1 50  ? -5.217  -5.364  11.962  1.00 10.92 ? 2838 TYR A CE2 1 
ATOM   404  C CZ  . TYR A 1 50  ? -3.946  -4.811  12.049  1.00 10.42 ? 2838 TYR A CZ  1 
ATOM   405  O OH  . TYR A 1 50  ? -3.500  -3.973  11.038  1.00 10.29 ? 2838 TYR A OH  1 
ATOM   406  N N   . TYR A 1 51  ? -8.390  -6.541  15.494  1.00 13.23 ? 2839 TYR A N   1 
ATOM   407  C CA  . TYR A 1 51  ? -9.566  -5.933  14.845  1.00 13.33 ? 2839 TYR A CA  1 
ATOM   408  C C   . TYR A 1 51  ? -10.445 -5.070  15.779  1.00 13.90 ? 2839 TYR A C   1 
ATOM   409  O O   . TYR A 1 51  ? -11.283 -4.287  15.305  1.00 14.19 ? 2839 TYR A O   1 
ATOM   410  C CB  . TYR A 1 51  ? -10.378 -6.999  14.085  1.00 12.82 ? 2839 TYR A CB  1 
ATOM   411  C CG  . TYR A 1 51  ? -9.641  -7.515  12.858  1.00 12.33 ? 2839 TYR A CG  1 
ATOM   412  C CD1 . TYR A 1 51  ? -8.763  -8.607  12.936  1.00 12.34 ? 2839 TYR A CD1 1 
ATOM   413  C CD2 . TYR A 1 51  ? -9.807  -6.904  11.623  1.00 12.67 ? 2839 TYR A CD2 1 
ATOM   414  C CE1 . TYR A 1 51  ? -8.071  -9.057  11.812  1.00 12.18 ? 2839 TYR A CE1 1 
ATOM   415  C CE2 . TYR A 1 51  ? -9.126  -7.352  10.500  1.00 12.43 ? 2839 TYR A CE2 1 
ATOM   416  C CZ  . TYR A 1 51  ? -8.261  -8.437  10.591  1.00 12.17 ? 2839 TYR A CZ  1 
ATOM   417  O OH  . TYR A 1 51  ? -7.600  -8.865  9.461   1.00 12.78 ? 2839 TYR A OH  1 
ATOM   418  N N   . GLY A 1 52  ? -10.220 -5.167  17.084  1.00 14.76 ? 2840 GLY A N   1 
ATOM   419  C CA  . GLY A 1 52  ? -10.787 -4.202  18.040  1.00 15.33 ? 2840 GLY A CA  1 
ATOM   420  C C   . GLY A 1 52  ? -10.073 -2.857  18.132  1.00 15.52 ? 2840 GLY A C   1 
ATOM   421  O O   . GLY A 1 52  ? -10.698 -1.859  18.511  1.00 17.35 ? 2840 GLY A O   1 
ATOM   422  N N   A VAL A 1 53  ? -8.782  -2.802  17.801  0.25 15.39 ? 2841 VAL A N   1 
ATOM   423  N N   B VAL A 1 53  ? -8.781  -2.864  17.790  0.25 15.06 ? 2841 VAL A N   1 
ATOM   424  C CA  A VAL A 1 53  ? -8.033  -1.539  17.881  0.25 15.08 ? 2841 VAL A CA  1 
ATOM   425  C CA  B VAL A 1 53  ? -7.883  -1.711  17.867  0.25 14.57 ? 2841 VAL A CA  1 
ATOM   426  C C   A VAL A 1 53  ? -7.741  -0.878  16.530  0.25 14.55 ? 2841 VAL A C   1 
ATOM   427  C C   B VAL A 1 53  ? -7.804  -0.926  16.553  0.25 14.26 ? 2841 VAL A C   1 
ATOM   428  O O   A VAL A 1 53  ? -7.563  0.339   16.492  0.25 14.47 ? 2841 VAL A O   1 
ATOM   429  O O   B VAL A 1 53  ? -7.844  0.303   16.557  0.25 14.23 ? 2841 VAL A O   1 
ATOM   430  C CB  A VAL A 1 53  ? -6.725  -1.703  18.673  0.25 15.43 ? 2841 VAL A CB  1 
ATOM   431  C CB  B VAL A 1 53  ? -6.459  -2.193  18.215  0.25 14.44 ? 2841 VAL A CB  1 
ATOM   432  C CG1 A VAL A 1 53  ? -7.024  -2.229  20.069  0.25 15.45 ? 2841 VAL A CG1 1 
ATOM   433  C CG1 B VAL A 1 53  ? -5.461  -1.049  18.121  0.25 14.28 ? 2841 VAL A CG1 1 
ATOM   434  C CG2 A VAL A 1 53  ? -5.763  -2.617  17.941  0.25 15.54 ? 2841 VAL A CG2 1 
ATOM   435  C CG2 B VAL A 1 53  ? -6.434  -2.828  19.598  0.25 14.56 ? 2841 VAL A CG2 1 
ATOM   436  N N   . ILE A 1 54  ? -7.680  -1.652  15.441  1.00 13.92 ? 2842 ILE A N   1 
ATOM   437  C CA  . ILE A 1 54  ? -7.499  -1.074  14.078  1.00 13.47 ? 2842 ILE A CA  1 
ATOM   438  C C   . ILE A 1 54  ? -8.841  -0.930  13.366  1.00 13.98 ? 2842 ILE A C   1 
ATOM   439  O O   . ILE A 1 54  ? -9.438  -1.932  12.958  1.00 15.27 ? 2842 ILE A O   1 
ATOM   440  C CB  . ILE A 1 54  ? -6.545  -1.962  13.231  1.00 12.55 ? 2842 ILE A CB  1 
ATOM   441  C CG1 . ILE A 1 54  ? -5.149  -2.015  13.864  1.00 12.79 ? 2842 ILE A CG1 1 
ATOM   442  C CG2 . ILE A 1 54  ? -6.448  -1.463  11.793  1.00 12.52 ? 2842 ILE A CG2 1 
ATOM   443  C CD1 . ILE A 1 54  ? -4.480  -0.669  14.029  1.00 12.99 ? 2842 ILE A CD1 1 
ATOM   444  N N   . LYS A 1 55  ? -9.285  0.316   13.188  1.00 14.55 ? 2843 LYS A N   1 
ATOM   445  C CA  . LYS A 1 55  ? -10.639 0.577   12.675  1.00 16.08 ? 2843 LYS A CA  1 
ATOM   446  C C   . LYS A 1 55  ? -10.802 0.255   11.187  1.00 14.95 ? 2843 LYS A C   1 
ATOM   447  O O   . LYS A 1 55  ? -11.853 -0.247  10.797  1.00 15.94 ? 2843 LYS A O   1 
ATOM   448  C CB  . LYS A 1 55  ? -11.067 2.022   12.960  1.00 18.07 ? 2843 LYS A CB  1 
ATOM   449  C CG  . LYS A 1 55  ? -12.566 2.279   12.835  1.00 19.54 ? 2843 LYS A CG  1 
ATOM   450  N N   . GLU A 1 56  ? -9.777  0.541   10.378  1.00 13.46 ? 2844 GLU A N   1 
ATOM   451  C CA  . GLU A 1 56  ? -9.811  0.324   8.922   1.00 13.02 ? 2844 GLU A CA  1 
ATOM   452  C C   . GLU A 1 56  ? -8.588  -0.509  8.473   1.00 11.14 ? 2844 GLU A C   1 
ATOM   453  O O   . GLU A 1 56  ? -7.591  0.035   7.952   1.00 10.47 ? 2844 GLU A O   1 
ATOM   454  C CB  . GLU A 1 56  ? -9.879  1.663   8.168   1.00 14.48 ? 2844 GLU A CB  1 
ATOM   455  C CG  . GLU A 1 56  ? -11.241 2.352   8.228   1.00 16.80 ? 2844 GLU A CG  1 
ATOM   456  C CD  . GLU A 1 56  ? -11.286 3.678   7.490   1.00 18.57 ? 2844 GLU A CD  1 
ATOM   457  O OE1 . GLU A 1 56  ? -11.921 4.621   8.018   1.00 22.00 ? 2844 GLU A OE1 1 
ATOM   458  O OE2 . GLU A 1 56  ? -10.705 3.792   6.382   1.00 19.26 ? 2844 GLU A OE2 1 
ATOM   459  N N   . PRO A 1 57  ? -8.655  -1.848  8.648   1.00 9.64  ? 2845 PRO A N   1 
ATOM   460  C CA  . PRO A 1 57  ? -7.583  -2.738  8.160   1.00 9.42  ? 2845 PRO A CA  1 
ATOM   461  C C   . PRO A 1 57  ? -7.355  -2.626  6.644   1.00 8.94  ? 2845 PRO A C   1 
ATOM   462  O O   . PRO A 1 57  ? -8.279  -2.275  5.875   1.00 9.01  ? 2845 PRO A O   1 
ATOM   463  C CB  . PRO A 1 57  ? -8.078  -4.139  8.565   1.00 9.72  ? 2845 PRO A CB  1 
ATOM   464  C CG  . PRO A 1 57  ? -9.096  -3.916  9.633   1.00 10.88 ? 2845 PRO A CG  1 
ATOM   465  C CD  . PRO A 1 57  ? -9.743  -2.603  9.317   1.00 10.23 ? 2845 PRO A CD  1 
ATOM   466  N N   . MET A 1 58  ? -6.124  -2.909  6.214   1.00 8.46  ? 2846 MET A N   1 
ATOM   467  C CA  . MET A 1 58  ? -5.808  -2.948  4.782   1.00 8.80  ? 2846 MET A CA  1 
ATOM   468  C C   . MET A 1 58  ? -4.610  -3.877  4.556   1.00 8.66  ? 2846 MET A C   1 
ATOM   469  O O   . MET A 1 58  ? -3.770  -4.044  5.443   1.00 8.95  ? 2846 MET A O   1 
ATOM   470  C CB  . MET A 1 58  ? -5.556  -1.531  4.229   1.00 8.94  ? 2846 MET A CB  1 
ATOM   471  C CG  . MET A 1 58  ? -5.406  -1.414  2.716   1.00 9.28  ? 2846 MET A CG  1 
ATOM   472  S SD  . MET A 1 58  ? -6.733  -2.175  1.744   1.00 9.72  ? 2846 MET A SD  1 
ATOM   473  C CE  . MET A 1 58  ? -8.209  -1.396  2.423   1.00 9.96  ? 2846 MET A CE  1 
ATOM   474  N N   . ASP A 1 59  ? -4.531  -4.446  3.353   1.00 8.80  ? 2847 ASP A N   1 
ATOM   475  C CA  . ASP A 1 59  ? -3.494  -5.422  2.990   1.00 9.27  ? 2847 ASP A CA  1 
ATOM   476  C C   . ASP A 1 59  ? -3.366  -5.429  1.466   1.00 8.81  ? 2847 ASP A C   1 
ATOM   477  O O   . ASP A 1 59  ? -4.240  -4.919  0.744   1.00 8.59  ? 2847 ASP A O   1 
ATOM   478  C CB  . ASP A 1 59  ? -3.852  -6.821  3.504   1.00 9.78  ? 2847 ASP A CB  1 
ATOM   479  C CG  . ASP A 1 59  ? -5.092  -7.363  2.837   1.00 10.78 ? 2847 ASP A CG  1 
ATOM   480  O OD1 . ASP A 1 59  ? -6.211  -7.016  3.302   1.00 11.15 ? 2847 ASP A OD1 1 
ATOM   481  O OD2 . ASP A 1 59  ? -4.945  -8.077  1.813   1.00 11.41 ? 2847 ASP A OD2 1 
ATOM   482  N N   . LEU A 1 60  ? -2.284  -6.023  0.961   1.00 9.01  ? 2848 LEU A N   1 
ATOM   483  C CA  . LEU A 1 60  ? -2.000  -5.990  -0.479  1.00 9.45  ? 2848 LEU A CA  1 
ATOM   484  C C   . LEU A 1 60  ? -2.940  -6.854  -1.331  1.00 9.49  ? 2848 LEU A C   1 
ATOM   485  O O   . LEU A 1 60  ? -3.157  -6.544  -2.501  1.00 9.95  ? 2848 LEU A O   1 
ATOM   486  C CB  . LEU A 1 60  ? -0.531  -6.350  -0.741  1.00 9.60  ? 2848 LEU A CB  1 
ATOM   487  C CG  . LEU A 1 60  ? 0.497   -5.373  -0.157  1.00 9.82  ? 2848 LEU A CG  1 
ATOM   488  C CD1 . LEU A 1 60  ? 1.898   -5.969  -0.168  1.00 9.99  ? 2848 LEU A CD1 1 
ATOM   489  C CD2 . LEU A 1 60  ? 0.477   -4.011  -0.858  1.00 10.22 ? 2848 LEU A CD2 1 
ATOM   490  N N   . ALA A 1 61  ? -3.511  -7.922  -0.762  1.00 9.72  ? 2849 ALA A N   1 
ATOM   491  C CA  . ALA A 1 61  ? -4.484  -8.752  -1.511  1.00 9.92  ? 2849 ALA A CA  1 
ATOM   492  C C   . ALA A 1 61  ? -5.814  -8.004  -1.700  1.00 9.47  ? 2849 ALA A C   1 
ATOM   493  O O   . ALA A 1 61  ? -6.428  -8.065  -2.771  1.00 10.28 ? 2849 ALA A O   1 
ATOM   494  C CB  . ALA A 1 61  ? -4.708  -10.100 -0.837  1.00 10.15 ? 2849 ALA A CB  1 
ATOM   495  N N   . THR A 1 62  ? -6.253  -7.281  -0.667  1.00 9.76  ? 2850 THR A N   1 
ATOM   496  C CA  . THR A 1 62  ? -7.420  -6.397  -0.797  1.00 9.86  ? 2850 THR A CA  1 
ATOM   497  C C   . THR A 1 62  ? -7.169  -5.310  -1.857  1.00 9.18  ? 2850 THR A C   1 
ATOM   498  O O   . THR A 1 62  ? -8.037  -5.025  -2.685  1.00 9.40  ? 2850 THR A O   1 
ATOM   499  C CB  . THR A 1 62  ? -7.811  -5.793  0.563   1.00 10.26 ? 2850 THR A CB  1 
ATOM   500  O OG1 . THR A 1 62  ? -8.159  -6.868  1.457   1.00 10.74 ? 2850 THR A OG1 1 
ATOM   501  C CG2 . THR A 1 62  ? -9.002  -4.811  0.458   1.00 10.54 ? 2850 THR A CG2 1 
ATOM   502  N N   . MET A 1 63  ? -5.974  -4.718  -1.851  1.00 9.09  ? 2851 MET A N   1 
ATOM   503  C CA  . MET A 1 63  ? -5.622  -3.725  -2.895  1.00 9.40  ? 2851 MET A CA  1 
ATOM   504  C C   . MET A 1 63  ? -5.611  -4.337  -4.311  1.00 9.54  ? 2851 MET A C   1 
ATOM   505  O O   . MET A 1 63  ? -6.049  -3.680  -5.267  1.00 9.32  ? 2851 MET A O   1 
ATOM   506  C CB  . MET A 1 63  ? -4.298  -3.018  -2.592  1.00 9.41  ? 2851 MET A CB  1 
ATOM   507  C CG  . MET A 1 63  ? -4.379  -2.085  -1.380  1.00 9.30  ? 2851 MET A CG  1 
ATOM   508  S SD  . MET A 1 63  ? -3.007  -0.923  -1.168  1.00 9.60  ? 2851 MET A SD  1 
ATOM   509  C CE  . MET A 1 63  ? -3.274  0.091   -2.619  1.00 9.63  ? 2851 MET A CE  1 
ATOM   510  N N   A GLU A 1 64  ? -5.129  -5.575  -4.448  0.25 9.78  ? 2852 GLU A N   1 
ATOM   511  N N   B GLU A 1 64  ? -5.127  -5.571  -4.438  0.25 9.79  ? 2852 GLU A N   1 
ATOM   512  C CA  A GLU A 1 64  ? -5.135  -6.256  -5.753  0.25 10.13 ? 2852 GLU A CA  1 
ATOM   513  C CA  B GLU A 1 64  ? -5.134  -6.278  -5.720  0.25 10.16 ? 2852 GLU A CA  1 
ATOM   514  C C   A GLU A 1 64  ? -6.562  -6.473  -6.265  0.25 9.94  ? 2852 GLU A C   1 
ATOM   515  C C   B GLU A 1 64  ? -6.554  -6.471  -6.254  0.25 9.96  ? 2852 GLU A C   1 
ATOM   516  O O   A GLU A 1 64  ? -6.846  -6.209  -7.433  0.25 9.92  ? 2852 GLU A O   1 
ATOM   517  O O   B GLU A 1 64  ? -6.825  -6.189  -7.420  0.25 9.94  ? 2852 GLU A O   1 
ATOM   518  C CB  A GLU A 1 64  ? -4.376  -7.587  -5.701  0.25 10.56 ? 2852 GLU A CB  1 
ATOM   519  C CB  B GLU A 1 64  ? -4.432  -7.626  -5.571  0.25 10.61 ? 2852 GLU A CB  1 
ATOM   520  C CG  A GLU A 1 64  ? -4.241  -8.254  -7.067  0.25 10.99 ? 2852 GLU A CG  1 
ATOM   521  C CG  B GLU A 1 64  ? -4.526  -8.527  -6.788  0.25 11.09 ? 2852 GLU A CG  1 
ATOM   522  C CD  A GLU A 1 64  ? -3.152  -9.316  -7.125  0.25 11.47 ? 2852 GLU A CD  1 
ATOM   523  C CD  B GLU A 1 64  ? -3.760  -9.813  -6.584  0.25 11.55 ? 2852 GLU A CD  1 
ATOM   524  O OE1 A GLU A 1 64  ? -2.789  -9.884  -6.068  0.25 11.57 ? 2852 GLU A OE1 1 
ATOM   525  O OE1 B GLU A 1 64  ? -2.518  -9.785  -6.735  0.25 11.60 ? 2852 GLU A OE1 1 
ATOM   526  O OE2 A GLU A 1 64  ? -2.654  -9.583  -8.239  0.25 13.06 ? 2852 GLU A OE2 1 
ATOM   527  O OE2 B GLU A 1 64  ? -4.396  -10.835 -6.249  0.25 12.94 ? 2852 GLU A OE2 1 
ATOM   528  N N   . GLU A 1 65  ? -7.459  -6.919  -5.386  1.00 9.80  ? 2853 GLU A N   1 
ATOM   529  C CA  . GLU A 1 65  ? -8.885  -7.069  -5.734  1.00 10.02 ? 2853 GLU A CA  1 
ATOM   530  C C   . GLU A 1 65  ? -9.472  -5.727  -6.225  1.00 9.48  ? 2853 GLU A C   1 
ATOM   531  O O   . GLU A 1 65  ? -10.140 -5.658  -7.263  1.00 9.89  ? 2853 GLU A O   1 
ATOM   532  C CB  . GLU A 1 65  ? -9.663  -7.598  -4.529  1.00 11.06 ? 2853 GLU A CB  1 
ATOM   533  C CG  . GLU A 1 65  ? -11.181 -7.656  -4.699  1.00 12.27 ? 2853 GLU A CG  1 
ATOM   534  C CD  . GLU A 1 65  ? -11.922 -8.024  -3.419  1.00 13.61 ? 2853 GLU A CD  1 
ATOM   535  O OE1 . GLU A 1 65  ? -11.290 -8.416  -2.416  1.00 15.58 ? 2853 GLU A OE1 1 
ATOM   536  O OE2 . GLU A 1 65  ? -13.164 -7.877  -3.418  1.00 15.71 ? 2853 GLU A OE2 1 
ATOM   537  N N   . ARG A 1 66  ? -9.176  -4.649  -5.485  1.00 9.18  ? 2854 ARG A N   1 
ATOM   538  C CA  . ARG A 1 66  ? -9.627  -3.299  -5.839  1.00 9.21  ? 2854 ARG A CA  1 
ATOM   539  C C   . ARG A 1 66  ? -9.055  -2.798  -7.182  1.00 9.21  ? 2854 ARG A C   1 
ATOM   540  O O   . ARG A 1 66  ? -9.790  -2.232  -8.009  1.00 9.51  ? 2854 ARG A O   1 
ATOM   541  C CB  . ARG A 1 66  ? -9.342  -2.320  -4.677  1.00 9.16  ? 2854 ARG A CB  1 
ATOM   542  C CG  . ARG A 1 66  ? -10.292 -2.545  -3.504  1.00 9.33  ? 2854 ARG A CG  1 
ATOM   543  C CD  . ARG A 1 66  ? -9.987  -1.647  -2.321  1.00 9.26  ? 2854 ARG A CD  1 
ATOM   544  N NE  . ARG A 1 66  ? -11.032 -1.806  -1.306  1.00 9.18  ? 2854 ARG A NE  1 
ATOM   545  C CZ  . ARG A 1 66  ? -11.201 -1.053  -0.221  1.00 9.08  ? 2854 ARG A CZ  1 
ATOM   546  N NH1 . ARG A 1 66  ? -10.372 -0.059  0.068   1.00 9.10  ? 2854 ARG A NH1 1 
ATOM   547  N NH2 . ARG A 1 66  ? -12.223 -1.319  0.595   1.00 9.35  ? 2854 ARG A NH2 1 
ATOM   548  N N   . VAL A 1 67  ? -7.762  -3.029  -7.438  1.00 9.19  ? 2855 VAL A N   1 
ATOM   549  C CA  . VAL A 1 67  ? -7.161  -2.692  -8.743  1.00 9.89  ? 2855 VAL A CA  1 
ATOM   550  C C   . VAL A 1 67  ? -7.855  -3.454  -9.894  1.00 10.04 ? 2855 VAL A C   1 
ATOM   551  O O   . VAL A 1 67  ? -8.234  -2.861  -10.926 1.00 10.01 ? 2855 VAL A O   1 
ATOM   552  C CB  . VAL A 1 67  ? -5.620  -2.937  -8.752  1.00 10.36 ? 2855 VAL A CB  1 
ATOM   553  C CG1 . VAL A 1 67  ? -5.039  -2.838  -10.159 1.00 10.89 ? 2855 VAL A CG1 1 
ATOM   554  C CG2 . VAL A 1 67  ? -4.904  -1.941  -7.833  1.00 10.59 ? 2855 VAL A CG2 1 
ATOM   555  N N   . GLN A 1 68  ? -8.033  -4.762  -9.714  1.00 10.54 ? 2856 GLN A N   1 
ATOM   556  C CA  . GLN A 1 68  ? -8.682  -5.592  -10.748 1.00 11.62 ? 2856 GLN A CA  1 
ATOM   557  C C   . GLN A 1 68  ? -10.109 -5.120  -11.074 1.00 12.09 ? 2856 GLN A C   1 
ATOM   558  O O   . GLN A 1 68  ? -10.488 -5.048  -12.251 1.00 13.25 ? 2856 GLN A O   1 
ATOM   559  C CB  . GLN A 1 68  ? -8.649  -7.082  -10.368 1.00 12.18 ? 2856 GLN A CB  1 
ATOM   560  C CG  . GLN A 1 68  ? -7.248  -7.699  -10.404 1.00 13.31 ? 2856 GLN A CG  1 
ATOM   561  C CD  . GLN A 1 68  ? -7.204  -9.151  -9.944  1.00 14.98 ? 2856 GLN A CD  1 
ATOM   562  O OE1 . GLN A 1 68  ? -7.531  -9.476  -8.798  1.00 17.02 ? 2856 GLN A OE1 1 
ATOM   563  N NE2 . GLN A 1 68  ? -6.801  -10.037 -10.849 1.00 16.25 ? 2856 GLN A NE2 1 
ATOM   564  N N   . ARG A 1 69  ? -10.849 -4.714  -10.038 1.00 11.84 ? 2857 ARG A N   1 
ATOM   565  C CA  . ARG A 1 69  ? -12.232 -4.214  -10.197 1.00 13.00 ? 2857 ARG A CA  1 
ATOM   566  C C   . ARG A 1 69  ? -12.322 -2.725  -10.594 1.00 12.42 ? 2857 ARG A C   1 
ATOM   567  O O   . ARG A 1 69  ? -13.432 -2.198  -10.768 1.00 13.30 ? 2857 ARG A O   1 
ATOM   568  C CB  . ARG A 1 69  ? -13.027 -4.451  -8.905  1.00 14.50 ? 2857 ARG A CB  1 
ATOM   569  C CG  . ARG A 1 69  ? -13.065 -5.906  -8.432  1.00 16.84 ? 2857 ARG A CG  1 
ATOM   570  C CD  . ARG A 1 69  ? -14.275 -6.688  -8.897  1.00 18.79 ? 2857 ARG A CD  1 
ATOM   571  N NE  . ARG A 1 69  ? -14.470 -7.916  -8.107  1.00 19.78 ? 2857 ARG A NE  1 
ATOM   572  C CZ  . ARG A 1 69  ? -14.450 -9.172  -8.570  1.00 20.18 ? 2857 ARG A CZ  1 
ATOM   573  N NH1 . ARG A 1 69  ? -14.198 -9.455  -9.862  1.00 18.49 ? 2857 ARG A NH1 1 
ATOM   574  N NH2 . ARG A 1 69  ? -14.676 -10.175 -7.712  1.00 21.65 ? 2857 ARG A NH2 1 
ATOM   575  N N   . ARG A 1 70  ? -11.176 -2.055  -10.750 1.00 12.12 ? 2858 ARG A N   1 
ATOM   576  C CA  . ARG A 1 70  ? -11.113 -0.617  -11.108 1.00 12.23 ? 2858 ARG A CA  1 
ATOM   577  C C   . ARG A 1 70  ? -11.804 0.291   -10.063 1.00 11.48 ? 2858 ARG A C   1 
ATOM   578  O O   . ARG A 1 70  ? -12.469 1.290   -10.392 1.00 12.31 ? 2858 ARG A O   1 
ATOM   579  C CB  . ARG A 1 70  ? -11.622 -0.342  -12.540 1.00 13.95 ? 2858 ARG A CB  1 
ATOM   580  C CG  . ARG A 1 70  ? -10.973 -1.199  -13.633 1.00 15.40 ? 2858 ARG A CG  1 
ATOM   581  C CD  . ARG A 1 70  ? -9.465  -1.017  -13.731 1.00 16.56 ? 2858 ARG A CD  1 
ATOM   582  N NE  . ARG A 1 70  ? -8.860  -1.586  -14.947 1.00 17.27 ? 2858 ARG A NE  1 
ATOM   583  C CZ  . ARG A 1 70  ? -8.347  -2.815  -15.095 1.00 18.01 ? 2858 ARG A CZ  1 
ATOM   584  N NH1 . ARG A 1 70  ? -8.340  -3.718  -14.111 1.00 18.82 ? 2858 ARG A NH1 1 
ATOM   585  N NH2 . ARG A 1 70  ? -7.828  -3.149  -16.276 1.00 19.54 ? 2858 ARG A NH2 1 
ATOM   586  N N   . TYR A 1 71  ? -11.618 -0.074  -8.795  1.00 11.04 ? 2859 TYR A N   1 
ATOM   587  C CA  . TYR A 1 71  ? -12.183 0.655   -7.649  1.00 10.76 ? 2859 TYR A CA  1 
ATOM   588  C C   . TYR A 1 71  ? -11.688 2.101   -7.559  1.00 10.79 ? 2859 TYR A C   1 
ATOM   589  O O   . TYR A 1 71  ? -12.457 3.022   -7.253  1.00 11.31 ? 2859 TYR A O   1 
ATOM   590  C CB  . TYR A 1 71  ? -11.816 -0.103  -6.366  1.00 10.70 ? 2859 TYR A CB  1 
ATOM   591  C CG  . TYR A 1 71  ? -12.028 0.597   -5.031  1.00 10.82 ? 2859 TYR A CG  1 
ATOM   592  C CD1 . TYR A 1 71  ? -13.253 0.525   -4.366  1.00 11.55 ? 2859 TYR A CD1 1 
ATOM   593  C CD2 . TYR A 1 71  ? -10.975 1.274   -4.401  1.00 11.21 ? 2859 TYR A CD2 1 
ATOM   594  C CE1 . TYR A 1 71  ? -13.436 1.130   -3.126  1.00 11.49 ? 2859 TYR A CE1 1 
ATOM   595  C CE2 . TYR A 1 71  ? -11.148 1.893   -3.165  1.00 11.00 ? 2859 TYR A CE2 1 
ATOM   596  C CZ  . TYR A 1 71  ? -12.376 1.797   -2.514  1.00 11.38 ? 2859 TYR A CZ  1 
ATOM   597  O OH  . TYR A 1 71  ? -12.587 2.371   -1.271  1.00 11.96 ? 2859 TYR A OH  1 
ATOM   598  N N   . TYR A 1 72  ? -10.397 2.300   -7.822  1.00 10.77 ? 2860 TYR A N   1 
ATOM   599  C CA  . TYR A 1 72  ? -9.739  3.607   -7.672  1.00 11.47 ? 2860 TYR A CA  1 
ATOM   600  C C   . TYR A 1 72  ? -10.057 4.489   -8.885  1.00 12.55 ? 2860 TYR A C   1 
ATOM   601  O O   . TYR A 1 72  ? -9.920  4.043   -10.028 1.00 13.07 ? 2860 TYR A O   1 
ATOM   602  C CB  . TYR A 1 72  ? -8.210  3.453   -7.506  1.00 10.78 ? 2860 TYR A CB  1 
ATOM   603  C CG  . TYR A 1 72  ? -7.826  2.539   -6.358  1.00 10.13 ? 2860 TYR A CG  1 
ATOM   604  C CD1 . TYR A 1 72  ? -7.926  2.966   -5.032  1.00 10.10 ? 2860 TYR A CD1 1 
ATOM   605  C CD2 . TYR A 1 72  ? -7.413  1.228   -6.586  1.00 9.83  ? 2860 TYR A CD2 1 
ATOM   606  C CE1 . TYR A 1 72  ? -7.607  2.125   -3.975  1.00 9.62  ? 2860 TYR A CE1 1 
ATOM   607  C CE2 . TYR A 1 72  ? -7.101  0.373   -5.532  1.00 9.73  ? 2860 TYR A CE2 1 
ATOM   608  C CZ  . TYR A 1 72  ? -7.207  0.815   -4.223  1.00 9.46  ? 2860 TYR A CZ  1 
ATOM   609  O OH  . TYR A 1 72  ? -6.901  -0.056  -3.194  1.00 9.62  ? 2860 TYR A OH  1 
ATOM   610  N N   . GLU A 1 73  ? -10.478 5.728   -8.622  1.00 13.48 ? 2861 GLU A N   1 
ATOM   611  C CA  . GLU A 1 73  ? -10.736 6.729   -9.673  1.00 14.71 ? 2861 GLU A CA  1 
ATOM   612  C C   . GLU A 1 73  ? -9.652  7.792   -9.775  1.00 13.64 ? 2861 GLU A C   1 
ATOM   613  O O   . GLU A 1 73  ? -9.502  8.413   -10.823 1.00 14.88 ? 2861 GLU A O   1 
ATOM   614  C CB  . GLU A 1 73  ? -12.087 7.389   -9.437  1.00 16.85 ? 2861 GLU A CB  1 
ATOM   615  C CG  . GLU A 1 73  ? -13.220 6.385   -9.497  1.00 19.03 ? 2861 GLU A CG  1 
ATOM   616  C CD  . GLU A 1 73  ? -14.589 7.024   -9.432  1.00 21.24 ? 2861 GLU A CD  1 
ATOM   617  O OE1 . GLU A 1 73  ? -14.707 8.176   -8.962  1.00 23.37 ? 2861 GLU A OE1 1 
ATOM   618  O OE2 . GLU A 1 73  ? -15.552 6.363   -9.863  1.00 24.86 ? 2861 GLU A OE2 1 
ATOM   619  N N   . LYS A 1 74  ? -8.895  7.998   -8.694  1.00 12.93 ? 2862 LYS A N   1 
ATOM   620  C CA  . LYS A 1 74  ? -7.819  8.987   -8.631  1.00 12.70 ? 2862 LYS A CA  1 
ATOM   621  C C   . LYS A 1 74  ? -6.599  8.366   -7.952  1.00 11.62 ? 2862 LYS A C   1 
ATOM   622  O O   . LYS A 1 74  ? -6.745  7.525   -7.042  1.00 11.11 ? 2862 LYS A O   1 
ATOM   623  C CB  . LYS A 1 74  ? -8.248  10.205  -7.805  1.00 14.32 ? 2862 LYS A CB  1 
ATOM   624  C CG  . LYS A 1 74  ? -9.501  10.921  -8.291  1.00 16.11 ? 2862 LYS A CG  1 
ATOM   625  C CD  . LYS A 1 74  ? -9.301  11.611  -9.631  1.00 18.84 ? 2862 LYS A CD  1 
ATOM   626  C CE  . LYS A 1 74  ? -10.524 12.416  -10.041 1.00 20.61 ? 2862 LYS A CE  1 
ATOM   627  N NZ  . LYS A 1 74  ? -11.748 11.577  -10.154 1.00 21.86 ? 2862 LYS A NZ  1 
ATOM   628  N N   . LEU A 1 75  ? -5.402  8.811   -8.339  1.00 10.84 ? 2863 LEU A N   1 
ATOM   629  C CA  . LEU A 1 75  ? -4.162  8.292   -7.727  1.00 10.60 ? 2863 LEU A CA  1 
ATOM   630  C C   . LEU A 1 75  ? -4.138  8.488   -6.206  1.00 10.09 ? 2863 LEU A C   1 
ATOM   631  O O   . LEU A 1 75  ? -3.684  7.602   -5.460  1.00 9.97  ? 2863 LEU A O   1 
ATOM   632  C CB  . LEU A 1 75  ? -2.927  8.919   -8.377  1.00 10.65 ? 2863 LEU A CB  1 
ATOM   633  C CG  . LEU A 1 75  ? -1.560  8.461   -7.860  1.00 10.62 ? 2863 LEU A CG  1 
ATOM   634  C CD1 . LEU A 1 75  ? -1.366  6.953   -8.014  1.00 10.65 ? 2863 LEU A CD1 1 
ATOM   635  C CD2 . LEU A 1 75  ? -0.459  9.252   -8.567  1.00 10.97 ? 2863 LEU A CD2 1 
ATOM   636  N N   . THR A 1 76  ? -4.633  9.628   -5.738  1.00 10.63 ? 2864 THR A N   1 
ATOM   637  C CA  . THR A 1 76  ? -4.736  9.866   -4.285  1.00 11.31 ? 2864 THR A CA  1 
ATOM   638  C C   . THR A 1 76  ? -5.421  8.738   -3.495  1.00 10.23 ? 2864 THR A C   1 
ATOM   639  O O   . THR A 1 76  ? -5.000  8.442   -2.372  1.00 9.87  ? 2864 THR A O   1 
ATOM   640  C CB  . THR A 1 76  ? -5.444  11.205  -3.984  1.00 12.62 ? 2864 THR A CB  1 
ATOM   641  O OG1 . THR A 1 76  ? -5.417  11.478  -2.575  1.00 17.31 ? 2864 THR A OG1 1 
ATOM   642  C CG2 . THR A 1 76  ? -6.850  11.220  -4.527  1.00 12.55 ? 2864 THR A CG2 1 
ATOM   643  N N   . GLU A 1 77  ? -6.450  8.123   -4.078  1.00 10.26 ? 2865 GLU A N   1 
ATOM   644  C CA  . GLU A 1 77  ? -7.200  7.052   -3.403  1.00 10.51 ? 2865 GLU A CA  1 
ATOM   645  C C   . GLU A 1 77  ? -6.360  5.756   -3.255  1.00 9.43  ? 2865 GLU A C   1 
ATOM   646  O O   . GLU A 1 77  ? -6.419  5.057   -2.209  1.00 9.15  ? 2865 GLU A O   1 
ATOM   647  C CB  . GLU A 1 77  ? -8.505  6.753   -4.157  1.00 12.05 ? 2865 GLU A CB  1 
ATOM   648  C CG  . GLU A 1 77  ? -9.472  7.944   -4.239  1.00 13.55 ? 2865 GLU A CG  1 
ATOM   649  C CD  . GLU A 1 77  ? -10.537 7.829   -5.335  1.00 15.77 ? 2865 GLU A CD  1 
ATOM   650  O OE1 . GLU A 1 77  ? -10.647 6.777   -6.005  1.00 17.42 ? 2865 GLU A OE1 1 
ATOM   651  O OE2 . GLU A 1 77  ? -11.288 8.819   -5.521  1.00 19.46 ? 2865 GLU A OE2 1 
ATOM   652  N N   . PHE A 1 78  ? -5.580  5.445   -4.292  1.00 9.05  ? 2866 PHE A N   1 
ATOM   653  C CA  . PHE A 1 78  ? -4.635  4.309   -4.275  1.00 8.99  ? 2866 PHE A CA  1 
ATOM   654  C C   . PHE A 1 78  ? -3.532  4.550   -3.228  1.00 8.84  ? 2866 PHE A C   1 
ATOM   655  O O   . PHE A 1 78  ? -3.219  3.665   -2.413  1.00 8.75  ? 2866 PHE A O   1 
ATOM   656  C CB  . PHE A 1 78  ? -4.056  4.118   -5.693  1.00 9.32  ? 2866 PHE A CB  1 
ATOM   657  C CG  . PHE A 1 78  ? -3.016  3.029   -5.814  1.00 9.70  ? 2866 PHE A CG  1 
ATOM   658  C CD1 . PHE A 1 78  ? -1.655  3.327   -5.707  1.00 10.33 ? 2866 PHE A CD1 1 
ATOM   659  C CD2 . PHE A 1 78  ? -3.380  1.705   -6.071  1.00 10.01 ? 2866 PHE A CD2 1 
ATOM   660  C CE1 . PHE A 1 78  ? -0.692  2.329   -5.844  1.00 10.84 ? 2866 PHE A CE1 1 
ATOM   661  C CE2 . PHE A 1 78  ? -2.422  0.706   -6.220  1.00 10.55 ? 2866 PHE A CE2 1 
ATOM   662  C CZ  . PHE A 1 78  ? -1.075  1.017   -6.087  1.00 10.94 ? 2866 PHE A CZ  1 
ATOM   663  N N   . VAL A 1 79  ? -2.970  5.766   -3.210  1.00 8.77  ? 2867 VAL A N   1 
ATOM   664  C CA  . VAL A 1 79  ? -1.935  6.139   -2.237  1.00 8.80  ? 2867 VAL A CA  1 
ATOM   665  C C   . VAL A 1 79  ? -2.487  6.070   -0.795  1.00 8.66  ? 2867 VAL A C   1 
ATOM   666  O O   . VAL A 1 79  ? -1.802  5.612   0.120   1.00 8.73  ? 2867 VAL A O   1 
ATOM   667  C CB  . VAL A 1 79  ? -1.326  7.532   -2.565  1.00 9.15  ? 2867 VAL A CB  1 
ATOM   668  C CG1 . VAL A 1 79  ? -0.343  7.989   -1.489  1.00 9.45  ? 2867 VAL A CG1 1 
ATOM   669  C CG2 . VAL A 1 79  ? -0.624  7.496   -3.923  1.00 9.36  ? 2867 VAL A CG2 1 
ATOM   670  N N   . ALA A 1 80  ? -3.738  6.488   -0.599  1.00 8.79  ? 2868 ALA A N   1 
ATOM   671  C CA  . ALA A 1 80  ? -4.366  6.449   0.727   1.00 8.89  ? 2868 ALA A CA  1 
ATOM   672  C C   . ALA A 1 80  ? -4.513  5.014   1.259   1.00 8.35  ? 2868 ALA A C   1 
ATOM   673  O O   . ALA A 1 80  ? -4.209  4.757   2.431   1.00 8.37  ? 2868 ALA A O   1 
ATOM   674  C CB  . ALA A 1 80  ? -5.723  7.146   0.700   1.00 9.37  ? 2868 ALA A CB  1 
ATOM   675  N N   . ASP A 1 81  ? -4.973  4.067   0.433   1.00 8.27  ? 2869 ASP A N   1 
ATOM   676  C CA  . ASP A 1 81  ? -5.036  2.654   0.869   1.00 8.39  ? 2869 ASP A CA  1 
ATOM   677  C C   . ASP A 1 81  ? -3.644  2.093   1.203   1.00 8.09  ? 2869 ASP A C   1 
ATOM   678  O O   . ASP A 1 81  ? -3.481  1.399   2.227   1.00 8.16  ? 2869 ASP A O   1 
ATOM   679  C CB  . ASP A 1 81  ? -5.720  1.744   -0.183  1.00 8.59  ? 2869 ASP A CB  1 
ATOM   680  C CG  . ASP A 1 81  ? -7.255  1.664   -0.069  1.00 8.85  ? 2869 ASP A CG  1 
ATOM   681  O OD1 . ASP A 1 81  ? -7.868  2.289   0.831   1.00 9.86  ? 2869 ASP A OD1 1 
ATOM   682  O OD2 . ASP A 1 81  ? -7.853  0.955   -0.923  1.00 9.23  ? 2869 ASP A OD2 1 
ATOM   683  N N   . MET A 1 82  ? -2.640  2.387   0.363   1.00 8.38  ? 2870 MET A N   1 
ATOM   684  C CA  . MET A 1 82  ? -1.280  1.880   0.627   1.00 8.85  ? 2870 MET A CA  1 
ATOM   685  C C   . MET A 1 82  ? -0.721  2.451   1.944   1.00 8.65  ? 2870 MET A C   1 
ATOM   686  O O   . MET A 1 82  ? -0.134  1.729   2.779   1.00 8.99  ? 2870 MET A O   1 
ATOM   687  C CB  . MET A 1 82  ? -0.339  2.223   -0.536  1.00 9.18  ? 2870 MET A CB  1 
ATOM   688  C CG  . MET A 1 82  ? 1.038   1.550   -0.438  1.00 9.84  ? 2870 MET A CG  1 
ATOM   689  S SD  . MET A 1 82  ? 1.062   -0.232  -0.600  1.00 11.12 ? 2870 MET A SD  1 
ATOM   690  C CE  . MET A 1 82  ? 0.663   -0.386  -2.350  1.00 12.05 ? 2870 MET A CE  1 
ATOM   691  N N   . THR A 1 83  ? -0.930  3.750   2.148   1.00 9.02  ? 2871 THR A N   1 
ATOM   692  C CA  . THR A 1 83  ? -0.435  4.421   3.355   1.00 9.54  ? 2871 THR A CA  1 
ATOM   693  C C   . THR A 1 83  ? -1.098  3.849   4.627   1.00 9.36  ? 2871 THR A C   1 
ATOM   694  O O   . THR A 1 83  ? -0.439  3.722   5.668   1.00 9.15  ? 2871 THR A O   1 
ATOM   695  C CB  . THR A 1 83  ? -0.628  5.954   3.240   1.00 10.20 ? 2871 THR A CB  1 
ATOM   696  O OG1 . THR A 1 83  ? 0.068   6.431   2.078   1.00 11.07 ? 2871 THR A OG1 1 
ATOM   697  C CG2 . THR A 1 83  ? -0.093  6.692   4.478   1.00 10.81 ? 2871 THR A CG2 1 
ATOM   698  N N   . LYS A 1 84  ? -2.373  3.480   4.526   1.00 9.13  ? 2872 LYS A N   1 
ATOM   699  C CA  . LYS A 1 84  ? -3.100  2.841   5.630   1.00 9.49  ? 2872 LYS A CA  1 
ATOM   700  C C   . LYS A 1 84  ? -2.454  1.511   6.073   1.00 8.33  ? 2872 LYS A C   1 
ATOM   701  O O   . LYS A 1 84  ? -2.382  1.223   7.260   1.00 8.24  ? 2872 LYS A O   1 
ATOM   702  C CB  . LYS A 1 84  ? -4.572  2.662   5.204   1.00 11.04 ? 2872 LYS A CB  1 
ATOM   703  C CG  . LYS A 1 84  ? -5.542  2.306   6.315   1.00 12.32 ? 2872 LYS A CG  1 
ATOM   704  C CD  . LYS A 1 84  ? -6.980  2.736   6.018   1.00 13.17 ? 2872 LYS A CD  1 
ATOM   705  C CE  . LYS A 1 84  ? -7.619  1.926   4.896   1.00 13.83 ? 2872 LYS A CE  1 
ATOM   706  N NZ  . LYS A 1 84  ? -8.935  2.494   4.458   1.00 14.62 ? 2872 LYS A NZ  1 
ATOM   707  N N   . ILE A 1 85  ? -1.935  0.723   5.127   1.00 8.01  ? 2873 ILE A N   1 
ATOM   708  C CA  . ILE A 1 85  ? -1.196  -0.507  5.480   1.00 7.98  ? 2873 ILE A CA  1 
ATOM   709  C C   . ILE A 1 85  ? -0.047  -0.168  6.464   1.00 7.95  ? 2873 ILE A C   1 
ATOM   710  O O   . ILE A 1 85  ? 0.106   -0.779  7.530   1.00 8.20  ? 2873 ILE A O   1 
ATOM   711  C CB  . ILE A 1 85  ? -0.632  -1.235  4.232   1.00 8.02  ? 2873 ILE A CB  1 
ATOM   712  C CG1 . ILE A 1 85  ? -1.773  -1.714  3.340   1.00 8.18  ? 2873 ILE A CG1 1 
ATOM   713  C CG2 . ILE A 1 85  ? 0.236   -2.429  4.633   1.00 8.29  ? 2873 ILE A CG2 1 
ATOM   714  C CD1 . ILE A 1 85  ? -1.307  -2.394  2.073   1.00 8.32  ? 2873 ILE A CD1 1 
ATOM   715  N N   . PHE A 1 86  ? 0.754   0.839   6.117   1.00 8.24  ? 2874 PHE A N   1 
ATOM   716  C CA  . PHE A 1 86  ? 1.947   1.184   6.896   1.00 8.51  ? 2874 PHE A CA  1 
ATOM   717  C C   . PHE A 1 86  ? 1.581   1.900   8.206   1.00 8.30  ? 2874 PHE A C   1 
ATOM   718  O O   . PHE A 1 86  ? 2.175   1.614   9.254   1.00 8.24  ? 2874 PHE A O   1 
ATOM   719  C CB  . PHE A 1 86  ? 2.926   2.021   6.052   1.00 9.32  ? 2874 PHE A CB  1 
ATOM   720  C CG  . PHE A 1 86  ? 3.270   1.383   4.717   1.00 10.27 ? 2874 PHE A CG  1 
ATOM   721  C CD1 . PHE A 1 86  ? 3.620   0.036   4.634   1.00 11.44 ? 2874 PHE A CD1 1 
ATOM   722  C CD2 . PHE A 1 86  ? 3.230   2.128   3.548   1.00 11.19 ? 2874 PHE A CD2 1 
ATOM   723  C CE1 . PHE A 1 86  ? 3.925   -0.545  3.411   1.00 12.58 ? 2874 PHE A CE1 1 
ATOM   724  C CE2 . PHE A 1 86  ? 3.544   1.543   2.328   1.00 12.20 ? 2874 PHE A CE2 1 
ATOM   725  C CZ  . PHE A 1 86  ? 3.872   0.215   2.269   1.00 12.42 ? 2874 PHE A CZ  1 
ATOM   726  N N   . ASP A 1 87  ? 0.629   2.822   8.149   1.00 8.43  ? 2875 ASP A N   1 
ATOM   727  C CA  . ASP A 1 87  ? 0.177   3.519   9.376   1.00 8.70  ? 2875 ASP A CA  1 
ATOM   728  C C   . ASP A 1 87  ? -0.489  2.577   10.389  1.00 8.31  ? 2875 ASP A C   1 
ATOM   729  O O   . ASP A 1 87  ? -0.245  2.698   11.593  1.00 8.43  ? 2875 ASP A O   1 
ATOM   730  C CB  . ASP A 1 87  ? -0.773  4.680   9.048   1.00 9.38  ? 2875 ASP A CB  1 
ATOM   731  C CG  . ASP A 1 87  ? -0.076  5.888   8.390   1.00 10.27 ? 2875 ASP A CG  1 
ATOM   732  O OD1 . ASP A 1 87  ? 1.176   5.943   8.336   1.00 12.21 ? 2875 ASP A OD1 1 
ATOM   733  O OD2 . ASP A 1 87  ? -0.822  6.812   7.964   1.00 11.84 ? 2875 ASP A OD2 1 
ATOM   734  N N   . ASN A 1 88  ? -1.299  1.625   9.908   1.00 8.06  ? 2876 ASN A N   1 
ATOM   735  C CA  . ASN A 1 88  ? -1.898  0.637   10.820  1.00 8.24  ? 2876 ASN A CA  1 
ATOM   736  C C   . ASN A 1 88  ? -0.792  -0.142  11.569  1.00 8.12  ? 2876 ASN A C   1 
ATOM   737  O O   . ASN A 1 88  ? -0.871  -0.388  12.778  1.00 8.42  ? 2876 ASN A O   1 
ATOM   738  C CB  . ASN A 1 88  ? -2.781  -0.365  10.061  1.00 8.25  ? 2876 ASN A CB  1 
ATOM   739  C CG  . ASN A 1 88  ? -4.098  0.225   9.560   1.00 8.33  ? 2876 ASN A CG  1 
ATOM   740  O OD1 . ASN A 1 88  ? -4.486  1.336   9.924   1.00 8.69  ? 2876 ASN A OD1 1 
ATOM   741  N ND2 . ASN A 1 88  ? -4.801  -0.543  8.709   1.00 8.95  ? 2876 ASN A ND2 1 
ATOM   742  N N   . CYS A 1 89  ? 0.246   -0.516  10.819  1.00 8.28  ? 2877 CYS A N   1 
ATOM   743  C CA  . CYS A 1 89  ? 1.341   -1.333  11.372  1.00 8.83  ? 2877 CYS A CA  1 
ATOM   744  C C   . CYS A 1 89  ? 2.156   -0.566  12.427  1.00 9.10  ? 2877 CYS A C   1 
ATOM   745  O O   . CYS A 1 89  ? 2.479   -1.115  13.495  1.00 9.28  ? 2877 CYS A O   1 
ATOM   746  C CB  . CYS A 1 89  ? 2.250   -1.824  10.232  1.00 9.05  ? 2877 CYS A CB  1 
ATOM   747  S SG  . CYS A 1 89  ? 3.562   -2.957  10.710  1.00 10.73 ? 2877 CYS A SG  1 
ATOM   748  N N   . ARG A 1 90  ? 2.442   0.705   12.160  1.00 9.35  ? 2878 ARG A N   1 
ATOM   749  C CA  . ARG A 1 90  ? 3.202   1.523   13.114  1.00 10.07 ? 2878 ARG A CA  1 
ATOM   750  C C   . ARG A 1 90  ? 2.398   1.926   14.351  1.00 10.18 ? 2878 ARG A C   1 
ATOM   751  O O   . ARG A 1 90  ? 2.997   2.199   15.392  1.00 11.17 ? 2878 ARG A O   1 
ATOM   752  C CB  . ARG A 1 90  ? 3.835   2.737   12.419  1.00 10.44 ? 2878 ARG A CB  1 
ATOM   753  C CG  . ARG A 1 90  ? 4.994   2.365   11.478  1.00 11.06 ? 2878 ARG A CG  1 
ATOM   754  C CD  . ARG A 1 90  ? 5.699   3.587   10.906  1.00 11.77 ? 2878 ARG A CD  1 
ATOM   755  N NE  . ARG A 1 90  ? 4.786   4.280   9.997   1.00 11.89 ? 2878 ARG A NE  1 
ATOM   756  C CZ  . ARG A 1 90  ? 4.889   4.361   8.666   1.00 11.77 ? 2878 ARG A CZ  1 
ATOM   757  N NH1 . ARG A 1 90  ? 5.923   3.836   8.000   1.00 12.34 ? 2878 ARG A NH1 1 
ATOM   758  N NH2 . ARG A 1 90  ? 3.932   4.992   7.976   1.00 11.96 ? 2878 ARG A NH2 1 
ATOM   759  N N   . TYR A 1 91  ? 1.069   1.938   14.252  1.00 10.17 ? 2879 TYR A N   1 
ATOM   760  C CA  . TYR A 1 91  ? 0.183   2.203   15.409  1.00 10.15 ? 2879 TYR A CA  1 
ATOM   761  C C   . TYR A 1 91  ? 0.003   0.953   16.278  1.00 10.62 ? 2879 TYR A C   1 
ATOM   762  O O   . TYR A 1 91  ? 0.006   1.043   17.510  1.00 11.62 ? 2879 TYR A O   1 
ATOM   763  C CB  . TYR A 1 91  ? -1.169  2.722   14.902  1.00 10.08 ? 2879 TYR A CB  1 
ATOM   764  C CG  . TYR A 1 91  ? -2.240  2.999   15.949  1.00 10.26 ? 2879 TYR A CG  1 
ATOM   765  C CD1 . TYR A 1 91  ? -2.097  4.011   16.908  1.00 10.34 ? 2879 TYR A CD1 1 
ATOM   766  C CD2 . TYR A 1 91  ? -3.432  2.292   15.936  1.00 10.55 ? 2879 TYR A CD2 1 
ATOM   767  C CE1 . TYR A 1 91  ? -3.099  4.261   17.843  1.00 10.88 ? 2879 TYR A CE1 1 
ATOM   768  C CE2 . TYR A 1 91  ? -4.438  2.540   16.853  1.00 10.97 ? 2879 TYR A CE2 1 
ATOM   769  C CZ  . TYR A 1 91  ? -4.272  3.529   17.803  1.00 11.03 ? 2879 TYR A CZ  1 
ATOM   770  O OH  . TYR A 1 91  ? -5.291  3.792   18.706  1.00 12.36 ? 2879 TYR A OH  1 
ATOM   771  N N   . TYR A 1 92  ? -0.171  -0.206  15.654  1.00 10.54 ? 2880 TYR A N   1 
ATOM   772  C CA  . TYR A 1 92  ? -0.394  -1.445  16.421  1.00 10.98 ? 2880 TYR A CA  1 
ATOM   773  C C   . TYR A 1 92  ? 0.860   -1.969  17.129  1.00 10.94 ? 2880 TYR A C   1 
ATOM   774  O O   . TYR A 1 92  ? 0.777   -2.453  18.267  1.00 12.01 ? 2880 TYR A O   1 
ATOM   775  C CB  . TYR A 1 92  ? -1.013  -2.558  15.545  1.00 12.06 ? 2880 TYR A CB  1 
ATOM   776  C CG  . TYR A 1 92  ? -1.364  -3.828  16.324  1.00 12.89 ? 2880 TYR A CG  1 
ATOM   777  C CD1 . TYR A 1 92  ? -2.503  -3.889  17.130  1.00 13.77 ? 2880 TYR A CD1 1 
ATOM   778  C CD2 . TYR A 1 92  ? -0.545  -4.963  16.268  1.00 14.24 ? 2880 TYR A CD2 1 
ATOM   779  C CE1 . TYR A 1 92  ? -2.812  -5.044  17.851  1.00 14.54 ? 2880 TYR A CE1 1 
ATOM   780  C CE2 . TYR A 1 92  ? -0.848  -6.116  16.983  1.00 15.25 ? 2880 TYR A CE2 1 
ATOM   781  C CZ  . TYR A 1 92  ? -1.978  -6.154  17.773  1.00 15.19 ? 2880 TYR A CZ  1 
ATOM   782  O OH  . TYR A 1 92  ? -2.270  -7.311  18.484  1.00 17.57 ? 2880 TYR A OH  1 
ATOM   783  N N   . ASN A 1 93  ? 2.003   -1.913  16.448  1.00 10.90 ? 2881 ASN A N   1 
ATOM   784  C CA  . ASN A 1 93  ? 3.243   -2.557  16.912  1.00 11.11 ? 2881 ASN A CA  1 
ATOM   785  C C   . ASN A 1 93  ? 4.226   -1.538  17.499  1.00 11.90 ? 2881 ASN A C   1 
ATOM   786  O O   . ASN A 1 93  ? 4.231   -0.377  17.076  1.00 11.65 ? 2881 ASN A O   1 
ATOM   787  C CB  . ASN A 1 93  ? 3.928   -3.257  15.732  1.00 10.87 ? 2881 ASN A CB  1 
ATOM   788  C CG  . ASN A 1 93  ? 3.086   -4.374  15.136  1.00 10.76 ? 2881 ASN A CG  1 
ATOM   789  O OD1 . ASN A 1 93  ? 2.953   -5.447  15.737  1.00 11.86 ? 2881 ASN A OD1 1 
ATOM   790  N ND2 . ASN A 1 93  ? 2.518   -4.143  13.952  1.00 11.25 ? 2881 ASN A ND2 1 
ATOM   791  N N   . PRO A 1 94  ? 5.060   -1.955  18.480  1.00 13.29 ? 2882 PRO A N   1 
ATOM   792  C CA  . PRO A 1 94  ? 6.078   -1.022  18.997  1.00 14.00 ? 2882 PRO A CA  1 
ATOM   793  C C   . PRO A 1 94  ? 7.231   -0.785  18.014  1.00 14.23 ? 2882 PRO A C   1 
ATOM   794  O O   . PRO A 1 94  ? 7.467   -1.606  17.122  1.00 13.99 ? 2882 PRO A O   1 
ATOM   795  C CB  . PRO A 1 94  ? 6.566   -1.709  20.278  1.00 14.78 ? 2882 PRO A CB  1 
ATOM   796  C CG  . PRO A 1 94  ? 6.323   -3.160  20.059  1.00 14.57 ? 2882 PRO A CG  1 
ATOM   797  C CD  . PRO A 1 94  ? 5.130   -3.269  19.144  1.00 14.16 ? 2882 PRO A CD  1 
ATOM   798  N N   . SER A 1 95  ? 7.957   0.314   18.207  1.00 14.71 ? 2883 SER A N   1 
ATOM   799  C CA  . SER A 1 95  ? 8.994   0.735   17.266  1.00 15.68 ? 2883 SER A CA  1 
ATOM   800  C C   . SER A 1 95  ? 10.182  -0.219  17.142  1.00 16.20 ? 2883 SER A C   1 
ATOM   801  O O   . SER A 1 95  ? 10.868  -0.177  16.134  1.00 17.29 ? 2883 SER A O   1 
ATOM   802  C CB  . SER A 1 95  ? 9.483   2.153   17.583  1.00 16.10 ? 2883 SER A CB  1 
ATOM   803  O OG  . SER A 1 95  ? 10.078  2.232   18.865  1.00 17.61 ? 2883 SER A OG  1 
ATOM   804  N N   . ASP A 1 96  ? 10.420  -1.065  18.149  1.00 16.51 ? 2884 ASP A N   1 
ATOM   805  C CA  . ASP A 1 96  ? 11.468  -2.116  18.059  1.00 17.17 ? 2884 ASP A CA  1 
ATOM   806  C C   . ASP A 1 96  ? 11.050  -3.504  17.504  1.00 16.65 ? 2884 ASP A C   1 
ATOM   807  O O   . ASP A 1 96  ? 11.867  -4.435  17.513  1.00 18.10 ? 2884 ASP A O   1 
ATOM   808  C CB  . ASP A 1 96  ? 12.184  -2.267  19.425  1.00 19.06 ? 2884 ASP A CB  1 
ATOM   809  C CG  . ASP A 1 96  ? 11.278  -2.801  20.529  1.00 20.79 ? 2884 ASP A CG  1 
ATOM   810  O OD1 . ASP A 1 96  ? 10.039  -2.845  20.360  1.00 21.98 ? 2884 ASP A OD1 1 
ATOM   811  O OD2 . ASP A 1 96  ? 11.818  -3.167  21.602  1.00 22.81 ? 2884 ASP A OD2 1 
ATOM   812  N N   A SER A 1 97  ? 9.813   -3.636  17.036  0.25 16.28 ? 2885 SER A N   1 
ATOM   813  N N   B SER A 1 97  ? 9.809   -3.609  17.021  0.25 15.92 ? 2885 SER A N   1 
ATOM   814  C CA  A SER A 1 97  ? 9.331   -4.902  16.503  0.25 15.76 ? 2885 SER A CA  1 
ATOM   815  C CA  B SER A 1 97  ? 9.263   -4.836  16.439  0.25 15.18 ? 2885 SER A CA  1 
ATOM   816  C C   A SER A 1 97  ? 9.723   -5.036  15.033  0.25 15.13 ? 2885 SER A C   1 
ATOM   817  C C   B SER A 1 97  ? 9.742   -5.018  14.999  0.25 14.82 ? 2885 SER A C   1 
ATOM   818  O O   A SER A 1 97  ? 9.788   -4.031  14.319  0.25 15.14 ? 2885 SER A O   1 
ATOM   819  O O   B SER A 1 97  ? 9.893   -4.030  14.274  0.25 14.89 ? 2885 SER A O   1 
ATOM   820  C CB  A SER A 1 97  ? 7.819   -4.976  16.628  0.25 15.92 ? 2885 SER A CB  1 
ATOM   821  C CB  B SER A 1 97  ? 7.730   -4.767  16.452  0.25 14.98 ? 2885 SER A CB  1 
ATOM   822  O OG  A SER A 1 97  ? 7.220   -4.062  15.738  0.25 16.11 ? 2885 SER A OG  1 
ATOM   823  O OG  B SER A 1 97  ? 7.138   -5.841  15.738  0.25 14.52 ? 2885 SER A OG  1 
ATOM   824  N N   . PRO A 1 98  ? 9.967   -6.278  14.566  1.00 14.57 ? 2886 PRO A N   1 
ATOM   825  C CA  . PRO A 1 98  ? 10.259  -6.504  13.131  1.00 13.91 ? 2886 PRO A CA  1 
ATOM   826  C C   . PRO A 1 98  ? 9.107   -6.068  12.187  1.00 12.47 ? 2886 PRO A C   1 
ATOM   827  O O   . PRO A 1 98  ? 9.365   -5.650  11.072  1.00 12.49 ? 2886 PRO A O   1 
ATOM   828  C CB  . PRO A 1 98  ? 10.517  -8.017  13.045  1.00 14.50 ? 2886 PRO A CB  1 
ATOM   829  C CG  . PRO A 1 98  ? 9.896   -8.589  14.260  1.00 15.42 ? 2886 PRO A CG  1 
ATOM   830  C CD  . PRO A 1 98  ? 10.050  -7.555  15.325  1.00 14.96 ? 2886 PRO A CD  1 
ATOM   831  N N   . PHE A 1 99  ? 7.865   -6.144  12.663  1.00 11.39 ? 2887 PHE A N   1 
ATOM   832  C CA  . PHE A 1 99  ? 6.721   -5.651  11.882  1.00 11.44 ? 2887 PHE A CA  1 
ATOM   833  C C   . PHE A 1 99  ? 6.838   -4.150  11.566  1.00 10.84 ? 2887 PHE A C   1 
ATOM   834  O O   . PHE A 1 99  ? 6.658   -3.737  10.423  1.00 10.33 ? 2887 PHE A O   1 
ATOM   835  C CB  . PHE A 1 99  ? 5.399   -5.913  12.615  1.00 12.20 ? 2887 PHE A CB  1 
ATOM   836  C CG  . PHE A 1 99  ? 5.032   -7.380  12.716  1.00 13.40 ? 2887 PHE A CG  1 
ATOM   837  C CD1 . PHE A 1 99  ? 4.455   -8.034  11.637  1.00 14.60 ? 2887 PHE A CD1 1 
ATOM   838  C CD2 . PHE A 1 99  ? 5.260   -8.105  13.886  1.00 14.70 ? 2887 PHE A CD2 1 
ATOM   839  C CE1 . PHE A 1 99  ? 4.114   -9.378  11.711  1.00 15.38 ? 2887 PHE A CE1 1 
ATOM   840  C CE2 . PHE A 1 99  ? 4.920   -9.451  13.968  1.00 15.39 ? 2887 PHE A CE2 1 
ATOM   841  C CZ  . PHE A 1 99  ? 4.347   -10.087 12.881  1.00 15.38 ? 2887 PHE A CZ  1 
ATOM   842  N N   . TYR A 1 100 ? 7.162   -3.357  12.588  1.00 11.17 ? 2888 TYR A N   1 
ATOM   843  C CA  . TYR A 1 100 ? 7.369   -1.908  12.452  1.00 11.74 ? 2888 TYR A CA  1 
ATOM   844  C C   . TYR A 1 100 ? 8.505   -1.601  11.461  1.00 12.10 ? 2888 TYR A C   1 
ATOM   845  O O   . TYR A 1 100 ? 8.332   -0.748  10.578  1.00 11.89 ? 2888 TYR A O   1 
ATOM   846  C CB  . TYR A 1 100 ? 7.637   -1.296  13.835  1.00 11.80 ? 2888 TYR A CB  1 
ATOM   847  C CG  . TYR A 1 100 ? 7.539   0.220   13.960  1.00 12.02 ? 2888 TYR A CG  1 
ATOM   848  C CD1 . TYR A 1 100 ? 8.531   1.062   13.438  1.00 12.57 ? 2888 TYR A CD1 1 
ATOM   849  C CD2 . TYR A 1 100 ? 6.497   0.820   14.679  1.00 12.48 ? 2888 TYR A CD2 1 
ATOM   850  C CE1 . TYR A 1 100 ? 8.464   2.443   13.596  1.00 13.33 ? 2888 TYR A CE1 1 
ATOM   851  C CE2 . TYR A 1 100 ? 6.429   2.198   14.843  1.00 13.11 ? 2888 TYR A CE2 1 
ATOM   852  C CZ  . TYR A 1 100 ? 7.412   3.005   14.299  1.00 13.41 ? 2888 TYR A CZ  1 
ATOM   853  O OH  . TYR A 1 100 ? 7.335   4.380   14.479  1.00 16.08 ? 2888 TYR A OH  1 
ATOM   854  N N   A GLN A 1 101 ? 9.635   -2.307  11.616  0.25 12.39 ? 2889 GLN A N   1 
ATOM   855  N N   B GLN A 1 101 ? 9.643   -2.284  11.588  0.25 12.27 ? 2889 GLN A N   1 
ATOM   856  C CA  A GLN A 1 101 ? 10.798  -2.226  10.707  0.25 12.90 ? 2889 GLN A CA  1 
ATOM   857  C CA  B GLN A 1 101 ? 10.764  -2.078  10.660  0.25 12.69 ? 2889 GLN A CA  1 
ATOM   858  C C   A GLN A 1 101 ? 10.420  -2.457  9.250   0.25 12.37 ? 2889 GLN A C   1 
ATOM   859  C C   B GLN A 1 101 ? 10.418  -2.442  9.215   0.25 12.25 ? 2889 GLN A C   1 
ATOM   860  O O   A GLN A 1 101 ? 10.836  -1.701  8.366   0.25 12.40 ? 2889 GLN A O   1 
ATOM   861  O O   B GLN A 1 101 ? 10.858  -1.750  8.293   0.25 12.25 ? 2889 GLN A O   1 
ATOM   862  C CB  A GLN A 1 101 ? 11.880  -3.263  11.081  0.25 13.79 ? 2889 GLN A CB  1 
ATOM   863  C CB  B GLN A 1 101 ? 12.008  -2.864  11.082  0.25 13.42 ? 2889 GLN A CB  1 
ATOM   864  C CG  A GLN A 1 101 ? 13.046  -3.329  10.086  0.25 14.46 ? 2889 GLN A CG  1 
ATOM   865  C CG  B GLN A 1 101 ? 12.839  -2.212  12.169  0.25 13.97 ? 2889 GLN A CG  1 
ATOM   866  C CD  A GLN A 1 101 ? 13.689  -4.709  9.962   0.25 14.99 ? 2889 GLN A CD  1 
ATOM   867  C CD  B GLN A 1 101 ? 12.763  -0.695  12.146  0.25 14.44 ? 2889 GLN A CD  1 
ATOM   868  O OE1 A GLN A 1 101 ? 13.161  -5.702  10.445  0.25 14.75 ? 2889 GLN A OE1 1 
ATOM   869  O OE1 B GLN A 1 101 ? 12.224  -0.074  13.063  0.25 15.04 ? 2889 GLN A OE1 1 
ATOM   870  N NE2 A GLN A 1 101 ? 14.832  -4.773  9.292   0.25 15.04 ? 2889 GLN A NE2 1 
ATOM   871  N NE2 B GLN A 1 101 ? 13.293  -0.092  11.089  0.25 14.93 ? 2889 GLN A NE2 1 
ATOM   872  N N   . CYS A 1 102 ? 9.642   -3.512  9.010   1.00 11.93 ? 2890 CYS A N   1 
ATOM   873  C CA  . CYS A 1 102 ? 9.192   -3.866  7.648   1.00 11.67 ? 2890 CYS A CA  1 
ATOM   874  C C   . CYS A 1 102 ? 8.327   -2.755  7.022   1.00 10.79 ? 2890 CYS A C   1 
ATOM   875  O O   . CYS A 1 102 ? 8.451   -2.463  5.840   1.00 10.07 ? 2890 CYS A O   1 
ATOM   876  C CB  . CYS A 1 102 ? 8.421   -5.200  7.636   1.00 12.24 ? 2890 CYS A CB  1 
ATOM   877  S SG  . CYS A 1 102 ? 9.373   -6.723  7.870   1.00 15.14 ? 2890 CYS A SG  1 
ATOM   878  N N   . ALA A 1 103 ? 7.463   -2.130  7.830   1.00 10.16 ? 2891 ALA A N   1 
ATOM   879  C CA  . ALA A 1 103 ? 6.698   -0.964  7.366   1.00 10.14 ? 2891 ALA A CA  1 
ATOM   880  C C   . ALA A 1 103 ? 7.609   0.205   6.912   1.00 10.04 ? 2891 ALA A C   1 
ATOM   881  O O   . ALA A 1 103 ? 7.345   0.816   5.868   1.00 10.10 ? 2891 ALA A O   1 
ATOM   882  C CB  . ALA A 1 103 ? 5.703   -0.490  8.433   1.00 10.24 ? 2891 ALA A CB  1 
ATOM   883  N N   A GLU A 1 104 ? 8.656   0.491   7.691   0.25 10.48 ? 2892 GLU A N   1 
ATOM   884  N N   B GLU A 1 104 ? 8.662   0.494   7.679   0.25 9.92  ? 2892 GLU A N   1 
ATOM   885  C CA  A GLU A 1 104 ? 9.639   1.532   7.347   0.25 10.89 ? 2892 GLU A CA  1 
ATOM   886  C CA  B GLU A 1 104 ? 9.603   1.569   7.325   0.25 9.97  ? 2892 GLU A CA  1 
ATOM   887  C C   A GLU A 1 104 ? 10.297  1.260   5.990   0.25 10.54 ? 2892 GLU A C   1 
ATOM   888  C C   B GLU A 1 104 ? 10.336  1.277   6.000   0.25 10.02 ? 2892 GLU A C   1 
ATOM   889  O O   A GLU A 1 104 ? 10.348  2.136   5.120   0.25 10.54 ? 2892 GLU A O   1 
ATOM   890  O O   B GLU A 1 104 ? 10.481  2.167   5.158   0.25 10.13 ? 2892 GLU A O   1 
ATOM   891  C CB  A GLU A 1 104 ? 10.731  1.619   8.420   0.25 11.66 ? 2892 GLU A CB  1 
ATOM   892  C CB  B GLU A 1 104 ? 10.616  1.813   8.456   0.25 9.95  ? 2892 GLU A CB  1 
ATOM   893  C CG  A GLU A 1 104 ? 10.294  2.176   9.768   0.25 12.44 ? 2892 GLU A CG  1 
ATOM   894  C CG  B GLU A 1 104 ? 10.013  2.243   9.793   0.25 10.04 ? 2892 GLU A CG  1 
ATOM   895  C CD  A GLU A 1 104 ? 11.365  2.000   10.833  0.25 13.29 ? 2892 GLU A CD  1 
ATOM   896  C CD  B GLU A 1 104 ? 9.596   3.701   9.831   0.25 10.01 ? 2892 GLU A CD  1 
ATOM   897  O OE1 A GLU A 1 104 ? 12.165  1.049   10.721  0.25 14.47 ? 2892 GLU A OE1 1 
ATOM   898  O OE1 B GLU A 1 104 ? 10.177  4.457   10.645  0.25 10.63 ? 2892 GLU A OE1 1 
ATOM   899  O OE2 A GLU A 1 104 ? 11.409  2.808   11.780  0.25 14.27 ? 2892 GLU A OE2 1 
ATOM   900  O OE2 B GLU A 1 104 ? 8.698   4.083   9.055   0.25 10.09 ? 2892 GLU A OE2 1 
ATOM   901  N N   . VAL A 1 105 ? 10.779  0.030   5.812   1.00 10.04 ? 2893 VAL A N   1 
ATOM   902  C CA  . VAL A 1 105 ? 11.464  -0.375  4.562   1.00 10.29 ? 2893 VAL A CA  1 
ATOM   903  C C   . VAL A 1 105 ? 10.509  -0.345  3.367   1.00 9.74  ? 2893 VAL A C   1 
ATOM   904  O O   . VAL A 1 105 ? 10.815  0.260   2.319   1.00 9.37  ? 2893 VAL A O   1 
ATOM   905  C CB  . VAL A 1 105 ? 12.088  -1.802  4.650   1.00 11.34 ? 2893 VAL A CB  1 
ATOM   906  C CG1 . VAL A 1 105 ? 12.825  -2.126  3.348   1.00 12.03 ? 2893 VAL A CG1 1 
ATOM   907  C CG2 . VAL A 1 105 ? 13.014  -1.966  5.862   1.00 11.70 ? 2893 VAL A CG2 1 
ATOM   908  N N   . LEU A 1 106 ? 9.344   -0.978  3.521   1.00 9.76  ? 2894 LEU A N   1 
ATOM   909  C CA  . LEU A 1 106 ? 8.428   -1.102  2.397   1.00 9.78  ? 2894 LEU A CA  1 
ATOM   910  C C   . LEU A 1 106 ? 7.821   0.252   2.004   1.00 9.34  ? 2894 LEU A C   1 
ATOM   911  O O   . LEU A 1 106 ? 7.624   0.509   0.816   1.00 9.23  ? 2894 LEU A O   1 
ATOM   912  C CB  . LEU A 1 106 ? 7.352   -2.184  2.623   1.00 10.39 ? 2894 LEU A CB  1 
ATOM   913  C CG  . LEU A 1 106 ? 6.699   -2.724  1.341   1.00 11.26 ? 2894 LEU A CG  1 
ATOM   914  C CD1 . LEU A 1 106 ? 7.685   -3.438  0.431   1.00 11.79 ? 2894 LEU A CD1 1 
ATOM   915  C CD2 . LEU A 1 106 ? 5.521   -3.633  1.672   1.00 11.42 ? 2894 LEU A CD2 1 
ATOM   916  N N   . GLU A 1 107 ? 7.561   1.148   2.969   1.00 9.32  ? 2895 GLU A N   1 
ATOM   917  C CA  . GLU A 1 107 ? 7.055   2.479   2.603   1.00 9.97  ? 2895 GLU A CA  1 
ATOM   918  C C   . GLU A 1 107 ? 8.082   3.279   1.785   1.00 9.36  ? 2895 GLU A C   1 
ATOM   919  O O   . GLU A 1 107 ? 7.712   3.961   0.836   1.00 9.31  ? 2895 GLU A O   1 
ATOM   920  C CB  . GLU A 1 107 ? 6.575   3.308   3.797   1.00 10.89 ? 2895 GLU A CB  1 
ATOM   921  C CG  . GLU A 1 107 ? 5.917   4.625   3.363   1.00 12.13 ? 2895 GLU A CG  1 
ATOM   922  C CD  . GLU A 1 107 ? 5.082   5.301   4.440   1.00 13.68 ? 2895 GLU A CD  1 
ATOM   923  O OE1 . GLU A 1 107 ? 5.430   5.201   5.622   1.00 15.82 ? 2895 GLU A OE1 1 
ATOM   924  O OE2 . GLU A 1 107 ? 4.077   5.958   4.106   1.00 16.36 ? 2895 GLU A OE2 1 
ATOM   925  N N   . SER A 1 108 ? 9.364   3.195   2.159   1.00 9.61  ? 2896 SER A N   1 
ATOM   926  C CA  . SER A 1 108 ? 10.451  3.856   1.394   1.00 10.08 ? 2896 SER A CA  1 
ATOM   927  C C   . SER A 1 108 ? 10.508  3.341   -0.063  1.00 9.52  ? 2896 SER A C   1 
ATOM   928  O O   . SER A 1 108 ? 10.675  4.120   -1.018  1.00 9.17  ? 2896 SER A O   1 
ATOM   929  C CB  . SER A 1 108 ? 11.828  3.688   2.094   1.00 10.85 ? 2896 SER A CB  1 
ATOM   930  O OG  . SER A 1 108 ? 12.425  2.431   1.824   1.00 13.46 ? 2896 SER A OG  1 
ATOM   931  N N   . PHE A 1 109 ? 10.346  2.028   -0.219  1.00 9.55  ? 2897 PHE A N   1 
ATOM   932  C CA  . PHE A 1 109 ? 10.313  1.370   -1.531  1.00 9.58  ? 2897 PHE A CA  1 
ATOM   933  C C   . PHE A 1 109 ? 9.089   1.836   -2.339  1.00 8.89  ? 2897 PHE A C   1 
ATOM   934  O O   . PHE A 1 109 ? 9.213   2.165   -3.527  1.00 8.75  ? 2897 PHE A O   1 
ATOM   935  C CB  . PHE A 1 109 ? 10.339  -0.156  -1.348  1.00 10.26 ? 2897 PHE A CB  1 
ATOM   936  C CG  . PHE A 1 109 ? 10.410  -0.941  -2.629  1.00 10.78 ? 2897 PHE A CG  1 
ATOM   937  C CD1 . PHE A 1 109 ? 11.594  -1.006  -3.371  1.00 11.36 ? 2897 PHE A CD1 1 
ATOM   938  C CD2 . PHE A 1 109 ? 9.301   -1.653  -3.079  1.00 11.51 ? 2897 PHE A CD2 1 
ATOM   939  C CE1 . PHE A 1 109 ? 11.655  -1.766  -4.528  1.00 12.07 ? 2897 PHE A CE1 1 
ATOM   940  C CE2 . PHE A 1 109 ? 9.375   -2.418  -4.232  1.00 12.07 ? 2897 PHE A CE2 1 
ATOM   941  C CZ  . PHE A 1 109 ? 10.542  -2.462  -4.952  1.00 12.37 ? 2897 PHE A CZ  1 
ATOM   942  N N   . PHE A 1 110 ? 7.913   1.869   -1.694  1.00 8.95  ? 2898 PHE A N   1 
ATOM   943  C CA  . PHE A 1 110 ? 6.705   2.410   -2.326  1.00 9.19  ? 2898 PHE A CA  1 
ATOM   944  C C   . PHE A 1 110 ? 6.914   3.846   -2.844  1.00 9.25  ? 2898 PHE A C   1 
ATOM   945  O O   . PHE A 1 110 ? 6.539   4.156   -3.975  1.00 9.68  ? 2898 PHE A O   1 
ATOM   946  C CB  . PHE A 1 110 ? 5.504   2.356   -1.365  1.00 9.20  ? 2898 PHE A CB  1 
ATOM   947  C CG  . PHE A 1 110 ? 4.263   2.977   -1.928  1.00 9.53  ? 2898 PHE A CG  1 
ATOM   948  C CD1 . PHE A 1 110 ? 3.672   2.473   -3.076  1.00 9.61  ? 2898 PHE A CD1 1 
ATOM   949  C CD2 . PHE A 1 110 ? 3.683   4.080   -1.329  1.00 9.84  ? 2898 PHE A CD2 1 
ATOM   950  C CE1 . PHE A 1 110 ? 2.522   3.060   -3.607  1.00 9.97  ? 2898 PHE A CE1 1 
ATOM   951  C CE2 . PHE A 1 110 ? 2.540   4.668   -1.859  1.00 10.34 ? 2898 PHE A CE2 1 
ATOM   952  C CZ  . PHE A 1 110 ? 1.962   4.158   -2.997  1.00 10.28 ? 2898 PHE A CZ  1 
ATOM   953  N N   . VAL A 1 111 ? 7.509   4.706   -2.027  1.00 9.21  ? 2899 VAL A N   1 
ATOM   954  C CA  . VAL A 1 111 ? 7.734   6.099   -2.448  1.00 9.81  ? 2899 VAL A CA  1 
ATOM   955  C C   . VAL A 1 111 ? 8.646   6.157   -3.690  1.00 9.58  ? 2899 VAL A C   1 
ATOM   956  O O   . VAL A 1 111 ? 8.371   6.928   -4.621  1.00 9.89  ? 2899 VAL A O   1 
ATOM   957  C CB  . VAL A 1 111 ? 8.260   6.960   -1.280  1.00 10.24 ? 2899 VAL A CB  1 
ATOM   958  C CG1 . VAL A 1 111 ? 8.801   8.310   -1.756  1.00 10.86 ? 2899 VAL A CG1 1 
ATOM   959  C CG2 . VAL A 1 111 ? 7.156   7.167   -0.254  1.00 10.61 ? 2899 VAL A CG2 1 
ATOM   960  N N   . GLN A 1 112 ? 9.687   5.319   -3.734  1.00 9.61  ? 2900 GLN A N   1 
ATOM   961  C CA  . GLN A 1 112 ? 10.564  5.265   -4.920  1.00 9.84  ? 2900 GLN A CA  1 
ATOM   962  C C   . GLN A 1 112 ? 9.756   4.885   -6.166  1.00 9.99  ? 2900 GLN A C   1 
ATOM   963  O O   . GLN A 1 112 ? 9.875   5.530   -7.223  1.00 10.15 ? 2900 GLN A O   1 
ATOM   964  C CB  . GLN A 1 112 ? 11.701  4.252   -4.719  1.00 9.96  ? 2900 GLN A CB  1 
ATOM   965  C CG  . GLN A 1 112 ? 12.772  4.686   -3.724  1.00 10.04 ? 2900 GLN A CG  1 
ATOM   966  C CD  . GLN A 1 112 ? 13.772  3.588   -3.380  1.00 10.10 ? 2900 GLN A CD  1 
ATOM   967  O OE1 . GLN A 1 112 ? 13.433  2.397   -3.343  1.00 10.88 ? 2900 GLN A OE1 1 
ATOM   968  N NE2 . GLN A 1 112 ? 15.021  3.986   -3.107  1.00 10.64 ? 2900 GLN A NE2 1 
ATOM   969  N N   . LYS A 1 113 ? 8.937   3.836   -6.050  1.00 10.02 ? 2901 LYS A N   1 
ATOM   970  C CA  . LYS A 1 113 ? 8.123   3.358   -7.178  1.00 10.28 ? 2901 LYS A CA  1 
ATOM   971  C C   . LYS A 1 113 ? 7.020   4.347   -7.579  1.00 9.99  ? 2901 LYS A C   1 
ATOM   972  O O   . LYS A 1 113 ? 6.739   4.522   -8.765  1.00 10.14 ? 2901 LYS A O   1 
ATOM   973  C CB  . LYS A 1 113 ? 7.506   1.984   -6.876  1.00 10.62 ? 2901 LYS A CB  1 
ATOM   974  C CG  . LYS A 1 113 ? 8.513   0.853   -6.745  1.00 11.56 ? 2901 LYS A CG  1 
ATOM   975  C CD  . LYS A 1 113 ? 9.092   0.437   -8.091  1.00 12.33 ? 2901 LYS A CD  1 
ATOM   976  C CE  . LYS A 1 113 ? 10.082  -0.709  -7.957  1.00 13.12 ? 2901 LYS A CE  1 
ATOM   977  N NZ  . LYS A 1 113 ? 10.553  -1.154  -9.301  1.00 14.07 ? 2901 LYS A NZ  1 
ATOM   978  N N   . LEU A 1 114 ? 6.411   5.004   -6.587  1.00 9.92  ? 2902 LEU A N   1 
ATOM   979  C CA  . LEU A 1 114 ? 5.366   6.021   -6.830  1.00 10.63 ? 2902 LEU A CA  1 
ATOM   980  C C   . LEU A 1 114 ? 5.915   7.232   -7.606  1.00 10.51 ? 2902 LEU A C   1 
ATOM   981  O O   . LEU A 1 114 ? 5.258   7.733   -8.518  1.00 10.42 ? 2902 LEU A O   1 
ATOM   982  C CB  . LEU A 1 114 ? 4.738   6.465   -5.502  1.00 11.12 ? 2902 LEU A CB  1 
ATOM   983  C CG  . LEU A 1 114 ? 3.642   7.528   -5.579  1.00 11.72 ? 2902 LEU A CG  1 
ATOM   984  C CD1 . LEU A 1 114 ? 2.440   7.018   -6.363  1.00 11.87 ? 2902 LEU A CD1 1 
ATOM   985  C CD2 . LEU A 1 114 ? 3.227   7.963   -4.182  1.00 11.90 ? 2902 LEU A CD2 1 
ATOM   986  N N   . LYS A 1 115 ? 7.110   7.703   -7.231  1.00 10.88 ? 2903 LYS A N   1 
ATOM   987  C CA  . LYS A 1 115 ? 7.783   8.769   -8.002  1.00 11.05 ? 2903 LYS A CA  1 
ATOM   988  C C   . LYS A 1 115 ? 8.023   8.361   -9.460  1.00 10.46 ? 2903 LYS A C   1 
ATOM   989  O O   . LYS A 1 115 ? 7.805   9.163   -10.380 1.00 10.73 ? 2903 LYS A O   1 
ATOM   990  C CB  . LYS A 1 115 ? 9.106   9.164   -7.341  1.00 12.01 ? 2903 LYS A CB  1 
ATOM   991  C CG  . LYS A 1 115 ? 8.927   9.963   -6.060  1.00 13.31 ? 2903 LYS A CG  1 
ATOM   992  C CD  . LYS A 1 115 ? 10.284  10.283  -5.465  1.00 14.76 ? 2903 LYS A CD  1 
ATOM   993  C CE  . LYS A 1 115 ? 10.220  10.986  -4.122  1.00 15.76 ? 2903 LYS A CE  1 
ATOM   994  N NZ  . LYS A 1 115 ? 11.592  11.400  -3.726  1.00 16.75 ? 2903 LYS A NZ  1 
ATOM   995  N N   . GLY A 1 116 ? 8.436   7.117   -9.666  1.00 10.44 ? 2904 GLY A N   1 
ATOM   996  C CA  . GLY A 1 116 ? 8.611   6.566   -11.022 1.00 10.72 ? 2904 GLY A CA  1 
ATOM   997  C C   . GLY A 1 116 ? 7.308   6.569   -11.830 1.00 10.85 ? 2904 GLY A C   1 
ATOM   998  O O   . GLY A 1 116 ? 7.270   6.993   -13.004 1.00 11.12 ? 2904 GLY A O   1 
ATOM   999  N N   . PHE A 1 117 ? 6.223   6.102   -11.200 1.00 10.98 ? 2905 PHE A N   1 
ATOM   1000 C CA  . PHE A 1 117 ? 4.891   6.102   -11.824 1.00 11.65 ? 2905 PHE A CA  1 
ATOM   1001 C C   . PHE A 1 117 ? 4.444   7.519   -12.209 1.00 11.58 ? 2905 PHE A C   1 
ATOM   1002 O O   . PHE A 1 117 ? 3.991   7.748   -13.339 1.00 11.63 ? 2905 PHE A O   1 
ATOM   1003 C CB  . PHE A 1 117 ? 3.851   5.453   -10.896 1.00 12.39 ? 2905 PHE A CB  1 
ATOM   1004 C CG  . PHE A 1 117 ? 2.446   5.532   -11.430 1.00 13.22 ? 2905 PHE A CG  1 
ATOM   1005 C CD1 . PHE A 1 117 ? 2.036   4.688   -12.452 1.00 14.23 ? 2905 PHE A CD1 1 
ATOM   1006 C CD2 . PHE A 1 117 ? 1.551   6.475   -10.940 1.00 13.75 ? 2905 PHE A CD2 1 
ATOM   1007 C CE1 . PHE A 1 117 ? 0.750   4.768   -12.964 1.00 14.58 ? 2905 PHE A CE1 1 
ATOM   1008 C CE2 . PHE A 1 117 ? 0.262   6.558   -11.456 1.00 14.60 ? 2905 PHE A CE2 1 
ATOM   1009 C CZ  . PHE A 1 117 ? -0.134  5.694   -12.464 1.00 14.90 ? 2905 PHE A CZ  1 
ATOM   1010 N N   . LYS A 1 118 ? 4.581   8.472   -11.286 1.00 12.23 ? 2906 LYS A N   1 
ATOM   1011 C CA  . LYS A 1 118 ? 4.173   9.858   -11.553 1.00 13.03 ? 2906 LYS A CA  1 
ATOM   1012 C C   . LYS A 1 118 ? 4.931   10.447  -12.743 1.00 13.81 ? 2906 LYS A C   1 
ATOM   1013 O O   . LYS A 1 118 ? 4.334   11.117  -13.591 1.00 14.58 ? 2906 LYS A O   1 
ATOM   1014 C CB  . LYS A 1 118 ? 4.342   10.740  -10.314 1.00 13.10 ? 2906 LYS A CB  1 
ATOM   1015 C CG  . LYS A 1 118 ? 3.323   10.478  -9.218  1.00 13.16 ? 2906 LYS A CG  1 
ATOM   1016 C CD  . LYS A 1 118 ? 3.536   11.445  -8.062  1.00 13.71 ? 2906 LYS A CD  1 
ATOM   1017 C CE  . LYS A 1 118 ? 2.574   11.164  -6.918  1.00 14.19 ? 2906 LYS A CE  1 
ATOM   1018 N NZ  . LYS A 1 118 ? 2.776   12.088  -5.770  1.00 14.64 ? 2906 LYS A NZ  1 
ATOM   1019 N N   . ALA A 1 119 ? 6.238   10.209  -12.809 1.00 14.45 ? 2907 ALA A N   1 
ATOM   1020 C CA  . ALA A 1 119 ? 7.052   10.697  -13.933 1.00 15.87 ? 2907 ALA A CA  1 
ATOM   1021 C C   . ALA A 1 119 ? 6.601   10.125  -15.288 1.00 17.82 ? 2907 ALA A C   1 
ATOM   1022 O O   . ALA A 1 119 ? 6.630   10.830  -16.303 1.00 19.38 ? 2907 ALA A O   1 
ATOM   1023 C CB  . ALA A 1 119 ? 8.523   10.407  -13.687 1.00 15.93 ? 2907 ALA A CB  1 
ATOM   1024 N N   . SER A 1 120 ? 6.167   8.865   -15.289 1.00 19.05 ? 2908 SER A N   1 
ATOM   1025 C CA  . SER A 1 120 ? 5.720   8.174   -16.509 1.00 20.81 ? 2908 SER A CA  1 
ATOM   1026 C C   . SER A 1 120 ? 4.331   8.591   -17.020 1.00 21.01 ? 2908 SER A C   1 
ATOM   1027 O O   . SER A 1 120 ? 3.998   8.312   -18.180 1.00 22.17 ? 2908 SER A O   1 
ATOM   1028 C CB  . SER A 1 120 ? 5.720   6.655   -16.279 1.00 21.23 ? 2908 SER A CB  1 
ATOM   1029 O OG  . SER A 1 120 ? 4.630   6.252   -15.457 1.00 23.44 ? 2908 SER A OG  1 
ATOM   1030 N N   . ARG A 1 121 ? 3.512   9.210   -16.166 1.00 21.41 ? 2909 ARG A N   1 
ATOM   1031 C CA  . ARG A 1 121 ? 2.137   9.592   -16.544 1.00 22.91 ? 2909 ARG A CA  1 
ATOM   1032 C C   . ARG A 1 121 ? 2.085   10.694  -17.599 1.00 27.10 ? 2909 ARG A C   1 
ATOM   1033 O O   . ARG A 1 121 ? 1.241   10.646  -18.496 1.00 29.36 ? 2909 ARG A O   1 
ATOM   1034 C CB  . ARG A 1 121 ? 1.335   10.116  -15.345 1.00 21.20 ? 2909 ARG A CB  1 
ATOM   1035 C CG  . ARG A 1 121 ? 0.897   9.108   -14.300 1.00 20.03 ? 2909 ARG A CG  1 
ATOM   1036 C CD  . ARG A 1 121 ? -0.063  9.780   -13.322 1.00 18.62 ? 2909 ARG A CD  1 
ATOM   1037 N NE  . ARG A 1 121 ? -1.479  9.632   -13.682 1.00 17.14 ? 2909 ARG A NE  1 
ATOM   1038 C CZ  . ARG A 1 121 ? -2.499  10.165  -13.001 1.00 16.35 ? 2909 ARG A CZ  1 
ATOM   1039 N NH1 . ARG A 1 121 ? -2.281  10.947  -11.948 1.00 16.04 ? 2909 ARG A NH1 1 
ATOM   1040 N NH2 . ARG A 1 121 ? -3.753  9.936   -13.394 1.00 15.94 ? 2909 ARG A NH2 1 
ATOM   1041 N N   . SER A 1 122 ? 2.975   11.678  -17.460 1.00 32.42 ? 2910 SER A N   1 
ATOM   1042 C CA  . SER A 1 122 ? 2.830   12.999  -18.084 1.00 37.17 ? 2910 SER A CA  1 
ATOM   1043 C C   . SER A 1 122 ? 3.610   13.169  -19.390 1.00 41.09 ? 2910 SER A C   1 
ATOM   1044 O O   . SER A 1 122 ? 3.052   13.644  -20.391 1.00 43.30 ? 2910 SER A O   1 
ATOM   1045 C CB  . SER A 1 122 ? 3.264   14.077  -17.082 1.00 37.94 ? 2910 SER A CB  1 
ATOM   1046 O OG  . SER A 1 122 ? 4.555   13.798  -16.559 1.00 39.13 ? 2910 SER A OG  1 
ATOM   1047 N N   . HIS A 1 123 ? 4.893   12.797  -19.375 1.00 45.25 ? 2911 HIS A N   1 
ATOM   1048 C CA  . HIS A 1 123 ? 5.755   12.928  -20.561 1.00 47.57 ? 2911 HIS A CA  1 
ATOM   1049 C C   . HIS A 1 123 ? 5.707   11.664  -21.425 1.00 48.60 ? 2911 HIS A C   1 
ATOM   1050 O O   . HIS A 1 123 ? 4.710   10.942  -21.434 1.00 49.58 ? 2911 HIS A O   1 
ATOM   1051 C CB  . HIS A 1 123 ? 7.203   13.286  -20.172 1.00 49.38 ? 2911 HIS A CB  1 
ATOM   1052 C CG  . HIS A 1 123 ? 7.961   12.177  -19.502 1.00 50.91 ? 2911 HIS A CG  1 
ATOM   1053 N ND1 . HIS A 1 123 ? 8.422   11.068  -20.180 1.00 51.81 ? 2911 HIS A ND1 1 
ATOM   1054 C CD2 . HIS A 1 123 ? 8.368   12.027  -18.220 1.00 51.71 ? 2911 HIS A CD2 1 
ATOM   1055 C CE1 . HIS A 1 123 ? 9.057   10.272  -19.340 1.00 52.27 ? 2911 HIS A CE1 1 
ATOM   1056 N NE2 . HIS A 1 123 ? 9.039   10.831  -18.142 1.00 52.41 ? 2911 HIS A NE2 1 
HETATM 1057 S S   . DMS B 2 .   ? 8.086   -11.692 -1.630  1.00 42.90 ? 3001 DMS A S   1 
HETATM 1058 O O   . DMS B 2 .   ? 7.437   -12.724 -2.473  1.00 44.11 ? 3001 DMS A O   1 
HETATM 1059 C C1  . DMS B 2 .   ? 7.108   -11.382 -0.262  1.00 42.38 ? 3001 DMS A C1  1 
HETATM 1060 C C2  . DMS B 2 .   ? 9.499   -12.378 -0.958  1.00 42.78 ? 3001 DMS A C2  1 
HETATM 1061 C C   . TRS C 3 .   ? 12.188  -5.079  -8.377  1.00 51.95 ? 3002 TRS A C   1 
HETATM 1062 C C1  . TRS C 3 .   ? 11.689  -5.978  -9.515  1.00 52.23 ? 3002 TRS A C1  1 
HETATM 1063 C C2  . TRS C 3 .   ? 11.076  -4.102  -8.080  1.00 49.81 ? 3002 TRS A C2  1 
HETATM 1064 C C3  . TRS C 3 .   ? 13.469  -4.308  -8.711  1.00 52.71 ? 3002 TRS A C3  1 
HETATM 1065 N N   . TRS C 3 .   ? 12.438  -5.892  -7.140  1.00 52.37 ? 3002 TRS A N   1 
HETATM 1066 O O1  . TRS C 3 .   ? 10.264  -6.182  -9.507  1.00 51.95 ? 3002 TRS A O1  1 
HETATM 1067 O O2  . TRS C 3 .   ? 10.152  -4.817  -7.262  1.00 50.24 ? 3002 TRS A O2  1 
HETATM 1068 O O3  . TRS C 3 .   ? 14.274  -4.090  -7.543  1.00 53.23 ? 3002 TRS A O3  1 
HETATM 1069 N N1  . K0V D 4 .   ? 2.239   -10.834 16.553  0.60 18.62 ? 3003 K0V A N1  1 
HETATM 1070 C C4  . K0V D 4 .   ? 0.659   -8.905  15.228  0.60 16.94 ? 3003 K0V A C4  1 
HETATM 1071 C C5  . K0V D 4 .   ? 0.224   -10.532 13.503  0.60 16.88 ? 3003 K0V A C5  1 
HETATM 1072 C C6  . K0V D 4 .   ? 0.449   -9.498  12.415  0.60 16.55 ? 3003 K0V A C6  1 
HETATM 1073 C C7  . K0V D 4 .   ? 1.740   -11.183 15.380  0.60 18.09 ? 3003 K0V A C7  1 
HETATM 1074 C C8  . K0V D 4 .   ? 2.034   -11.491 17.874  0.60 19.28 ? 3003 K0V A C8  1 
HETATM 1075 C C10 . K0V D 4 .   ? 3.156   -11.077 18.821  0.60 19.38 ? 3003 K0V A C10 1 
HETATM 1076 N N   . K0V D 4 .   ? 1.018   -10.217 14.692  0.60 17.23 ? 3003 K0V A N   1 
HETATM 1077 C C   . K0V D 4 .   ? 0.885   -6.529  9.616   0.60 15.13 ? 3003 K0V A C   1 
HETATM 1078 O O   . K0V D 4 .   ? 0.695   -7.491  10.685  0.60 15.07 ? 3003 K0V A O   1 
HETATM 1079 C C1  . K0V D 4 .   ? 0.484   -7.000  11.905  0.60 15.37 ? 3003 K0V A C1  1 
HETATM 1080 C C11 . K0V D 4 .   ? 2.027   -13.009 17.738  0.60 19.35 ? 3003 K0V A C11 1 
HETATM 1081 C C2  . K0V D 4 .   ? 0.167   -8.078  12.911  0.60 16.16 ? 3003 K0V A C2  1 
HETATM 1082 C C3  . K0V D 4 .   ? 0.939   -7.831  14.206  0.60 16.47 ? 3003 K0V A C3  1 
HETATM 1083 C C9  . K0V D 4 .   ? 0.693   -11.017 18.422  0.60 19.27 ? 3003 K0V A C9  1 
HETATM 1084 O O1  . K0V D 4 .   ? 0.540   -5.821  12.170  0.60 14.87 ? 3003 K0V A O1  1 
HETATM 1085 O O2  . K0V D 4 .   ? 1.865   -12.328 14.936  0.60 18.77 ? 3003 K0V A O2  1 
HETATM 1086 O O   . HOH E 5 .   ? 10.412  -6.158  -5.480  1.00 19.17 ? 3101 HOH A O   1 
HETATM 1087 O O   . HOH E 5 .   ? 11.449  -1.954  14.839  1.00 38.44 ? 3102 HOH A O   1 
HETATM 1088 O O   . HOH E 5 .   ? -7.007  -12.540 1.187   1.00 37.58 ? 3103 HOH A O   1 
HETATM 1089 O O   . HOH E 5 .   ? -0.706  -8.091  -8.389  1.00 25.60 ? 3104 HOH A O   1 
HETATM 1090 O O   . HOH E 5 .   ? 11.678  -8.542  -5.083  1.00 49.20 ? 3105 HOH A O   1 
HETATM 1091 O O   . HOH E 5 .   ? 3.321   1.864   17.941  1.00 14.19 ? 3106 HOH A O   1 
HETATM 1092 O O   . HOH E 5 .   ? -0.934  -3.646  10.945  1.00 10.73 ? 3107 HOH A O   1 
HETATM 1093 O O   . HOH E 5 .   ? -8.341  2.359   15.055  1.00 21.94 ? 3108 HOH A O   1 
HETATM 1094 O O   . HOH E 5 .   ? 3.476   -5.995  -16.623 1.00 25.05 ? 3109 HOH A O   1 
HETATM 1095 O O   . HOH E 5 .   ? -5.342  -1.344  -17.927 1.00 25.43 ? 3110 HOH A O   1 
HETATM 1096 O O   . HOH E 5 .   ? 4.165   4.451   16.041  1.00 50.82 ? 3111 HOH A O   1 
HETATM 1097 O O   . HOH E 5 .   ? -4.857  10.835  -10.312 1.00 11.96 ? 3112 HOH A O   1 
HETATM 1098 O O   . HOH E 5 .   ? 0.877   3.091   18.939  1.00 15.47 ? 3113 HOH A O   1 
HETATM 1099 O O   . HOH E 5 .   ? 3.142   17.286  -2.471  1.00 36.77 ? 3114 HOH A O   1 
HETATM 1100 O O   . HOH E 5 .   ? -7.443  11.216  -16.861 1.00 45.56 ? 3115 HOH A O   1 
HETATM 1101 O O   . HOH E 5 .   ? -3.280  -9.380  -10.826 1.00 31.95 ? 3116 HOH A O   1 
HETATM 1102 O O   . HOH E 5 .   ? 3.603   -6.709  17.999  1.00 26.80 ? 3117 HOH A O   1 
HETATM 1103 O O   . HOH E 5 .   ? -1.961  -5.193  7.043   0.60 12.39 ? 3118 HOH A O   1 
HETATM 1104 O O   . HOH E 5 .   ? -10.500 16.775  -11.692 1.00 48.76 ? 3119 HOH A O   1 
HETATM 1105 O O   . HOH E 5 .   ? -4.688  4.428   21.250  1.00 13.41 ? 3120 HOH A O   1 
HETATM 1106 O O   . HOH E 5 .   ? -3.798  -10.134 20.741  1.00 40.91 ? 3121 HOH A O   1 
HETATM 1107 O O   . HOH E 5 .   ? 8.576   -2.065  -11.148 1.00 17.90 ? 3122 HOH A O   1 
HETATM 1108 O O   . HOH E 5 .   ? -15.014 -8.282  -5.343  1.00 23.57 ? 3123 HOH A O   1 
HETATM 1109 O O   . HOH E 5 .   ? 11.377  -14.271 1.286   1.00 58.28 ? 3124 HOH A O   1 
HETATM 1110 O O   . HOH E 5 .   ? -9.386  13.518  -5.649  1.00 50.25 ? 3125 HOH A O   1 
HETATM 1111 O O   . HOH E 5 .   ? -11.727 1.859   1.410   1.00 49.16 ? 3126 HOH A O   1 
HETATM 1112 O O   . HOH E 5 .   ? -11.567 -3.668  12.684  1.00 18.03 ? 3127 HOH A O   1 
HETATM 1113 O O   . HOH E 5 .   ? -9.083  -15.783 16.161  1.00 71.61 ? 3128 HOH A O   1 
HETATM 1114 O O   . HOH E 5 .   ? -12.837 10.632  -6.821  1.00 47.99 ? 3129 HOH A O   1 
HETATM 1115 O O   . HOH E 5 .   ? -4.140  -3.557  8.425   1.00 12.58 ? 3130 HOH A O   1 
HETATM 1116 O O   . HOH E 5 .   ? 2.867   5.890   1.668   1.00 17.17 ? 3131 HOH A O   1 
HETATM 1117 O O   . HOH E 5 .   ? 1.242   3.631   -16.862 1.00 32.80 ? 3132 HOH A O   1 
HETATM 1118 O O   . HOH E 5 .   ? -10.422 3.283   0.114   1.00 12.57 ? 3133 HOH A O   1 
HETATM 1119 O O   . HOH E 5 .   ? -3.404  15.573  -1.001  1.00 50.63 ? 3134 HOH A O   1 
HETATM 1120 O O   . HOH E 5 .   ? 3.356   11.546  -23.726 1.00 31.01 ? 3135 HOH A O   1 
HETATM 1121 O O   . HOH E 5 .   ? 13.990  -1.618  22.199  1.00 38.76 ? 3136 HOH A O   1 
HETATM 1122 O O   . HOH E 5 .   ? -14.120 -0.357  9.270   1.00 16.66 ? 3137 HOH A O   1 
HETATM 1123 O O   . HOH E 5 .   ? -5.937  -5.053  -18.317 1.00 29.39 ? 3138 HOH A O   1 
HETATM 1124 O O   . HOH E 5 .   ? -12.479 9.900   -12.190 1.00 51.83 ? 3139 HOH A O   1 
HETATM 1125 O O   . HOH E 5 .   ? 0.282   6.209   -16.887 1.00 32.95 ? 3140 HOH A O   1 
HETATM 1126 O O   . HOH E 5 .   ? 10.239  4.888   5.346   1.00 20.37 ? 3141 HOH A O   1 
HETATM 1127 O O   . HOH E 5 .   ? -10.050 11.100  -4.648  1.00 42.12 ? 3142 HOH A O   1 
HETATM 1128 O O   . HOH E 5 .   ? 8.925   4.022   20.591  1.00 22.39 ? 3143 HOH A O   1 
HETATM 1129 O O   . HOH E 5 .   ? 0.697   18.999  -1.093  1.00 46.72 ? 3144 HOH A O   1 
HETATM 1130 O O   . HOH E 5 .   ? 9.968   -12.196 -4.582  1.00 20.10 ? 3145 HOH A O   1 
HETATM 1131 O O   . HOH E 5 .   ? -7.927  4.370   2.714   1.00 19.94 ? 3146 HOH A O   1 
HETATM 1132 O O   . HOH E 5 .   ? 0.102   -6.314  -16.420 1.00 48.41 ? 3147 HOH A O   1 
HETATM 1133 O O   . HOH E 5 .   ? -7.412  -6.203  5.657   1.00 13.12 ? 3148 HOH A O   1 
HETATM 1134 O O   . HOH E 5 .   ? -14.588 4.271   -1.002  1.00 20.67 ? 3149 HOH A O   1 
HETATM 1135 O O   . HOH E 5 .   ? -0.687  -3.339  8.262   1.00 15.10 ? 3150 HOH A O   1 
HETATM 1136 O O   . HOH E 5 .   ? -0.923  -9.843  -1.953  1.00 15.22 ? 3151 HOH A O   1 
HETATM 1137 O O   . HOH E 5 .   ? -10.753 -0.998  5.966   1.00 11.56 ? 3152 HOH A O   1 
HETATM 1138 O O   . HOH E 5 .   ? 5.397   11.340  -5.166  1.00 21.28 ? 3153 HOH A O   1 
HETATM 1139 O O   . HOH E 5 .   ? -10.777 -7.593  2.104   1.00 14.69 ? 3154 HOH A O   1 
HETATM 1140 O O   . HOH E 5 .   ? -4.482  6.609   4.502   1.00 13.81 ? 3155 HOH A O   1 
HETATM 1141 O O   . HOH E 5 .   ? -1.498  -7.891  6.878   1.00 12.13 ? 3156 HOH A O   1 
HETATM 1142 O O   . HOH E 5 .   ? 13.102  13.010  -5.443  1.00 24.54 ? 3157 HOH A O   1 
HETATM 1143 O O   . HOH E 5 .   ? -12.692 -4.465  -13.873 1.00 15.97 ? 3158 HOH A O   1 
HETATM 1144 O O   . HOH E 5 .   ? -3.030  8.066   -19.767 1.00 25.40 ? 3159 HOH A O   1 
HETATM 1145 O O   . HOH E 5 .   ? 2.256   12.702  -12.564 1.00 19.92 ? 3160 HOH A O   1 
HETATM 1146 O O   . HOH E 5 .   ? -3.437  6.194   7.112   1.00 14.88 ? 3161 HOH A O   1 
HETATM 1147 O O   . HOH E 5 .   ? 7.752   2.855   -10.820 1.00 15.17 ? 3162 HOH A O   1 
HETATM 1148 O O   . HOH E 5 .   ? -5.426  -13.980 6.262   1.00 29.45 ? 3163 HOH A O   1 
HETATM 1149 O O   . HOH E 5 .   ? 9.637   6.840   -14.561 1.00 17.63 ? 3164 HOH A O   1 
HETATM 1150 O O   . HOH E 5 .   ? 7.850   11.953  -9.865  1.00 19.05 ? 3165 HOH A O   1 
HETATM 1151 O O   . HOH E 5 .   ? 3.852   -12.195 -3.228  1.00 18.79 ? 3166 HOH A O   1 
HETATM 1152 O O   . HOH E 5 .   ? 0.394   5.315   12.498  1.00 11.85 ? 3167 HOH A O   1 
HETATM 1153 O O   . HOH E 5 .   ? -3.396  10.102  -0.698  1.00 14.87 ? 3168 HOH A O   1 
HETATM 1154 O O   . HOH E 5 .   ? -1.381  -2.128  20.107  1.00 31.19 ? 3169 HOH A O   1 
HETATM 1155 O O   . HOH E 5 .   ? -8.990  5.301   -0.991  1.00 21.42 ? 3170 HOH A O   1 
HETATM 1156 O O   . HOH E 5 .   ? -8.363  -9.533  16.106  1.00 23.46 ? 3171 HOH A O   1 
HETATM 1157 O O   . HOH E 5 .   ? 1.088   -4.018  -16.020 1.00 31.01 ? 3172 HOH A O   1 
HETATM 1158 O O   . HOH E 5 .   ? 11.894  6.646   -0.447  1.00 13.49 ? 3173 HOH A O   1 
HETATM 1159 O O   . HOH E 5 .   ? -10.737 5.969   -13.182 1.00 28.33 ? 3174 HOH A O   1 
HETATM 1160 O O   . HOH E 5 .   ? -13.286 5.257   -5.664  1.00 27.51 ? 3175 HOH A O   1 
HETATM 1161 O O   . HOH E 5 .   ? 4.428   3.431   -14.979 1.00 31.61 ? 3176 HOH A O   1 
HETATM 1162 O O   . HOH E 5 .   ? -12.278 -8.232  -11.611 1.00 14.24 ? 3177 HOH A O   1 
HETATM 1163 O O   . HOH E 5 .   ? 2.108   8.584   7.702   1.00 21.84 ? 3178 HOH A O   1 
HETATM 1164 O O   . HOH E 5 .   ? 2.771   5.994   11.123  1.00 17.67 ? 3179 HOH A O   1 
HETATM 1165 O O   . HOH E 5 .   ? -15.322 -0.555  -9.329  1.00 25.00 ? 3180 HOH A O   1 
HETATM 1166 O O   . HOH E 5 .   ? 14.499  -2.192  -1.006  1.00 18.18 ? 3181 HOH A O   1 
HETATM 1167 O O   . HOH E 5 .   ? -12.228 -1.558  15.466  1.00 34.98 ? 3182 HOH A O   1 
HETATM 1168 O O   . HOH E 5 .   ? 6.882   2.468   19.812  1.00 23.28 ? 3183 HOH A O   1 
HETATM 1169 O O   . HOH E 5 .   ? 1.029   11.096  -3.674  1.00 21.36 ? 3184 HOH A O   1 
HETATM 1170 O O   . HOH E 5 .   ? -4.582  7.437   -22.236 1.00 54.98 ? 3185 HOH A O   1 
HETATM 1171 O O   . HOH E 5 .   ? 0.067   21.180  -8.422  1.00 50.82 ? 3186 HOH A O   1 
HETATM 1172 O O   . HOH E 5 .   ? 2.778   14.839  -6.727  1.00 21.38 ? 3187 HOH A O   1 
HETATM 1173 O O   . HOH E 5 .   ? -3.362  10.272  -16.830 1.00 29.46 ? 3188 HOH A O   1 
HETATM 1174 O O   . HOH E 5 .   ? -8.884  -9.806  -1.523  1.00 27.98 ? 3189 HOH A O   1 
HETATM 1175 O O   . HOH E 5 .   ? 14.958  -1.969  -5.656  1.00 26.93 ? 3190 HOH A O   1 
HETATM 1176 O O   . HOH E 5 .   ? -1.386  -12.281 10.714  1.00 22.95 ? 3191 HOH A O   1 
HETATM 1177 O O   . HOH E 5 .   ? -14.337 -5.194  -3.309  1.00 18.95 ? 3192 HOH A O   1 
HETATM 1178 O O   . HOH E 5 .   ? -12.226 -6.833  -0.122  1.00 16.89 ? 3193 HOH A O   1 
HETATM 1179 O O   . HOH E 5 .   ? 0.140   12.169  -10.792 1.00 25.47 ? 3194 HOH A O   1 
HETATM 1180 O O   . HOH E 5 .   ? -12.012 10.171  -2.998  1.00 54.36 ? 3195 HOH A O   1 
HETATM 1181 O O   . HOH E 5 .   ? 0.535   -11.641 4.976   1.00 17.65 ? 3196 HOH A O   1 
HETATM 1182 O O   . HOH E 5 .   ? 3.541   8.578   5.414   1.00 21.10 ? 3197 HOH A O   1 
HETATM 1183 O O   . HOH E 5 .   ? -12.745 -4.232  -1.102  1.00 15.71 ? 3198 HOH A O   1 
HETATM 1184 O O   . HOH E 5 .   ? -4.370  4.165   9.002   1.00 16.61 ? 3199 HOH A O   1 
HETATM 1185 O O   . HOH E 5 .   ? 13.528  -7.043  -1.479  1.00 21.24 ? 3200 HOH A O   1 
HETATM 1186 O O   . HOH E 5 .   ? -3.919  -13.157 -3.122  1.00 31.39 ? 3201 HOH A O   1 
HETATM 1187 O O   . HOH E 5 .   ? -1.336  -12.078 7.038   1.00 19.74 ? 3202 HOH A O   1 
HETATM 1188 O O   . HOH E 5 .   ? 3.970   0.034   -16.147 1.00 32.49 ? 3203 HOH A O   1 
HETATM 1189 O O   . HOH E 5 .   ? 0.086   -10.721 8.937   0.60 16.78 ? 3204 HOH A O   1 
HETATM 1190 O O   . HOH E 5 .   ? -8.834  -11.986 8.649   1.00 24.37 ? 3205 HOH A O   1 
HETATM 1191 O O   . HOH E 5 .   ? -5.609  11.328  0.468   1.00 31.95 ? 3206 HOH A O   1 
HETATM 1192 O O   . HOH E 5 .   ? -5.228  -6.625  7.533   1.00 15.54 ? 3207 HOH A O   1 
HETATM 1193 O O   . HOH E 5 .   ? -11.747 3.613   -12.472 1.00 23.16 ? 3208 HOH A O   1 
HETATM 1194 O O   . HOH E 5 .   ? 12.762  -5.778  -4.061  1.00 18.69 ? 3209 HOH A O   1 
HETATM 1195 O O   . HOH E 5 .   ? -10.857 7.385   -16.909 1.00 35.97 ? 3210 HOH A O   1 
HETATM 1196 O O   . HOH E 5 .   ? -9.642  3.294   -16.077 1.00 36.78 ? 3211 HOH A O   1 
HETATM 1197 O O   . HOH E 5 .   ? -3.156  18.676  -2.306  1.00 39.38 ? 3212 HOH A O   1 
HETATM 1198 O O   . HOH E 5 .   ? -1.300  -5.932  -9.834  1.00 24.05 ? 3213 HOH A O   1 
HETATM 1199 O O   . HOH E 5 .   ? -5.470  4.966   -21.546 1.00 23.86 ? 3214 HOH A O   1 
HETATM 1200 O O   . HOH E 5 .   ? -2.369  0.952   19.602  1.00 22.41 ? 3215 HOH A O   1 
HETATM 1201 O O   . HOH E 5 .   ? 8.932   -5.786  19.932  1.00 36.83 ? 3216 HOH A O   1 
HETATM 1202 O O   . HOH E 5 .   ? 12.936  -10.379 -3.601  1.00 54.06 ? 3217 HOH A O   1 
HETATM 1203 O O   . HOH E 5 .   ? -7.722  -9.963  0.897   1.00 25.34 ? 3218 HOH A O   1 
HETATM 1204 O O   . HOH E 5 .   ? -11.536 -2.049  -18.293 1.00 42.09 ? 3219 HOH A O   1 
HETATM 1205 O O   . HOH E 5 .   ? 0.604   11.683  -0.215  1.00 31.77 ? 3220 HOH A O   1 
HETATM 1206 O O   . HOH E 5 .   ? 10.734  13.211  -20.748 1.00 47.01 ? 3221 HOH A O   1 
HETATM 1207 O O   . HOH E 5 .   ? 0.887   9.538   1.654   1.00 23.45 ? 3222 HOH A O   1 
HETATM 1208 O O   . HOH E 5 .   ? 13.585  8.941   -4.482  1.00 5.02  ? 3223 HOH A O   1 
HETATM 1209 O O   . HOH E 5 .   ? -7.957  9.910   -1.197  1.00 27.56 ? 3224 HOH A O   1 
HETATM 1210 O O   . HOH E 5 .   ? 1.865   0.909   20.361  1.00 27.27 ? 3225 HOH A O   1 
HETATM 1211 O O   . HOH E 5 .   ? 6.736   -1.115  -20.830 1.00 21.67 ? 3226 HOH A O   1 
HETATM 1212 O O   . HOH E 5 .   ? -2.077  9.081   1.650   1.00 17.58 ? 3227 HOH A O   1 
HETATM 1213 O O   . HOH E 5 .   ? 9.539   0.294   21.854  1.00 28.73 ? 3228 HOH A O   1 
HETATM 1214 O O   . HOH E 5 .   ? 7.537   3.808   -15.096 1.00 29.99 ? 3229 HOH A O   1 
HETATM 1215 O O   . HOH E 5 .   ? 13.995  -5.654  20.297  1.00 60.48 ? 3230 HOH A O   1 
HETATM 1216 O O   . HOH E 5 .   ? 8.920   6.567   3.265   1.00 21.62 ? 3231 HOH A O   1 
HETATM 1217 O O   . HOH E 5 .   ? 3.181   -14.140 7.060   1.00 34.47 ? 3232 HOH A O   1 
HETATM 1218 O O   . HOH E 5 .   ? 5.140   2.096   -12.927 1.00 35.19 ? 3233 HOH A O   1 
HETATM 1219 O O   . HOH E 5 .   ? 14.621  -3.763  -3.263  1.00 22.56 ? 3234 HOH A O   1 
HETATM 1220 O O   . HOH E 5 .   ? 5.075   -12.099 -5.811  1.00 19.12 ? 3235 HOH A O   1 
HETATM 1221 O O   . HOH E 5 .   ? 6.780   13.785  -11.793 1.00 23.40 ? 3236 HOH A O   1 
HETATM 1222 O O   . HOH E 5 .   ? 6.606   0.190   -11.080 1.00 25.33 ? 3237 HOH A O   1 
HETATM 1223 O O   . HOH E 5 .   ? -2.766  -17.274 0.381   1.00 29.86 ? 3238 HOH A O   1 
HETATM 1224 O O   . HOH E 5 .   ? -7.167  6.474   4.438   1.00 24.32 ? 3239 HOH A O   1 
HETATM 1225 O O   . HOH E 5 .   ? 10.559  -16.853 1.086   1.00 37.74 ? 3240 HOH A O   1 
HETATM 1226 O O   . HOH E 5 .   ? 14.022  -14.712 0.884   1.00 81.20 ? 3241 HOH A O   1 
HETATM 1227 O O   . HOH E 5 .   ? 3.171   8.327   0.274   1.00 26.49 ? 3242 HOH A O   1 
HETATM 1228 O O   . HOH E 5 .   ? 0.855   -14.225 3.643   1.00 25.18 ? 3243 HOH A O   1 
HETATM 1229 O O   . HOH E 5 .   ? -2.597  2.521   21.780  1.00 23.59 ? 3244 HOH A O   1 
HETATM 1230 O O   . HOH E 5 .   ? 12.085  10.933  -22.471 1.00 38.99 ? 3245 HOH A O   1 
HETATM 1231 O O   . HOH E 5 .   ? -12.923 7.571   -13.470 1.00 45.66 ? 3246 HOH A O   1 
HETATM 1232 O O   . HOH E 5 .   ? -13.435 -3.525  -5.228  1.00 16.34 ? 3247 HOH A O   1 
HETATM 1233 O O   . HOH E 5 .   ? 0.883   -15.121 1.081   1.00 28.67 ? 3248 HOH A O   1 
HETATM 1234 O O   . HOH E 5 .   ? 6.959   12.862  -7.183  1.00 37.60 ? 3249 HOH A O   1 
HETATM 1235 O O   . HOH E 5 .   ? 2.756   -12.105 9.637   1.00 29.86 ? 3250 HOH A O   1 
HETATM 1236 O O   . HOH E 5 .   ? -9.644  10.011  -18.444 1.00 45.94 ? 3251 HOH A O   1 
HETATM 1237 O O   . HOH E 5 .   ? -3.588  9.121   3.916   1.00 22.70 ? 3252 HOH A O   1 
HETATM 1238 O O   . HOH E 5 .   ? 5.069   9.850   -1.520  1.00 34.59 ? 3253 HOH A O   1 
HETATM 1239 O O   . HOH E 5 .   ? 2.545   4.596   -25.256 1.00 35.44 ? 3254 HOH A O   1 
# 
